data_4X4T
#
_entry.id   4X4T
#
_cell.length_a   115.422
_cell.length_b   83.959
_cell.length_c   135.320
_cell.angle_alpha   90.00
_cell.angle_beta   103.51
_cell.angle_gamma   90.00
#
_symmetry.space_group_name_H-M   'P 1 21 1'
#
loop_
_entity.id
_entity.type
_entity.pdbx_description
1 polymer 'CCA-adding enzyme'
2 polymer 'G70A tRNA minihelix ending in CCACCA'
3 polymer 'G70A tRNA minihelix ending in CCACCA'
4 polymer "RNA (5'-D(P*CP*G)-3')"
5 polymer "RNA (5'-D(P*GP*G)-3')"
6 non-polymer GLYCEROL
7 non-polymer DI(HYDROXYETHYL)ETHER
8 water water
#
loop_
_entity_poly.entity_id
_entity_poly.type
_entity_poly.pdbx_seq_one_letter_code
_entity_poly.pdbx_strand_id
1 'polypeptide(L)'
;MKVEEILEKALELVIPDEEEVRKGREAEEELRRRLDELGVEYVFVGSYARNTWLKGSLEIDVFLLFPEEFSKEELRERGL
EIGKAVLDSYEIRYAEHPYVHGVVKGVEVDVVPCYKLKEPKNIKSAVDRTPFHHKWLEGRIKGKENEVRLLKGFLKANGI
YGAEYKVRGFSGYLCELLIVFYGSFLETVKNARRWTRRTVIDVAKGEVRKGEEFFVVDPVDEKRNVAANLSLDNLARFVH
LCREFMEAPSLGFFKPKHPLEIEPERLRKIVEERGTAVFAVKFRKPDIVDDNLYPQLERASRKIFEFLERENFMPLRSAF
KASEEFCYLLFECQIKEISRVFRRMGPQFEDERNVKKFLSRNRAFRPFIENGRWWAFEMRKFTTPEEGVRSYASTHWHTL
GKNVGESIREYFEIISGEKLFKEPVTAELCEMMGVKDSNSSSVDKLAAALEHHHHHH
;
A,C,E,F
2 'polyribonucleotide' GGCCGCGGCAGG(5BU)UCGAAUCC(5BU)GCCGCGA(5BU)CGCC B,D
3 'polyribonucleotide' GGCCGCGGCAGG(5BU)UCGAAUCC(5BU)GCCGCGA(5BU)C G
4 'polyribonucleotide' CG H
5 'polyribonucleotide' GG I
#
# COMPACT_ATOMS: atom_id res chain seq x y z
N MET A 1 54.74 -5.50 6.27
CA MET A 1 54.96 -5.15 7.69
C MET A 1 55.05 -6.41 8.54
N LYS A 2 56.00 -6.43 9.47
CA LYS A 2 56.19 -7.59 10.33
C LYS A 2 55.08 -7.69 11.38
N VAL A 3 54.92 -8.88 11.93
CA VAL A 3 53.87 -9.14 12.90
C VAL A 3 54.07 -8.30 14.15
N GLU A 4 55.32 -8.20 14.60
CA GLU A 4 55.66 -7.45 15.81
C GLU A 4 55.17 -6.01 15.74
N GLU A 5 55.30 -5.39 14.57
CA GLU A 5 54.89 -4.01 14.38
C GLU A 5 53.37 -3.91 14.30
N ILE A 6 52.74 -4.88 13.66
CA ILE A 6 51.28 -4.93 13.58
C ILE A 6 50.69 -5.01 14.98
N LEU A 7 51.28 -5.84 15.83
CA LEU A 7 50.83 -5.98 17.20
C LEU A 7 51.12 -4.70 17.99
N GLU A 8 52.22 -4.04 17.65
CA GLU A 8 52.57 -2.77 18.27
C GLU A 8 51.53 -1.72 17.90
N LYS A 9 51.15 -1.70 16.62
CA LYS A 9 50.10 -0.81 16.13
C LYS A 9 48.77 -1.16 16.78
N ALA A 10 48.53 -2.45 16.99
CA ALA A 10 47.26 -2.92 17.51
C ALA A 10 47.01 -2.47 18.95
N LEU A 11 48.08 -2.29 19.71
CA LEU A 11 47.97 -1.83 21.09
C LEU A 11 47.23 -0.50 21.16
N GLU A 12 47.44 0.35 20.17
CA GLU A 12 46.80 1.66 20.12
C GLU A 12 45.28 1.55 20.12
N LEU A 13 44.77 0.56 19.39
CA LEU A 13 43.33 0.34 19.28
C LEU A 13 42.78 -0.38 20.50
N VAL A 14 43.66 -0.67 21.46
CA VAL A 14 43.38 -1.70 22.45
C VAL A 14 43.65 -1.25 23.89
N ILE A 15 44.70 -0.45 24.09
CA ILE A 15 45.03 0.05 25.43
C ILE A 15 44.24 1.33 25.72
N PRO A 16 43.62 1.42 26.92
CA PRO A 16 42.91 2.65 27.26
C PRO A 16 43.86 3.82 27.50
N ASP A 17 43.53 4.99 26.95
CA ASP A 17 44.40 6.17 27.05
C ASP A 17 44.50 6.68 28.48
N GLU A 18 45.41 7.64 28.70
CA GLU A 18 45.71 8.13 30.04
C GLU A 18 44.53 8.82 30.72
N GLU A 19 43.65 9.42 29.92
CA GLU A 19 42.49 10.11 30.47
C GLU A 19 41.49 9.09 31.03
N GLU A 20 41.37 7.96 30.34
CA GLU A 20 40.46 6.90 30.76
C GLU A 20 40.96 6.26 32.06
N VAL A 21 42.27 6.15 32.20
CA VAL A 21 42.86 5.60 33.41
C VAL A 21 42.66 6.56 34.58
N ARG A 22 42.94 7.84 34.35
CA ARG A 22 42.76 8.86 35.38
C ARG A 22 41.29 8.95 35.77
N LYS A 23 40.41 8.77 34.78
CA LYS A 23 38.97 8.77 35.02
C LYS A 23 38.60 7.64 35.97
N GLY A 24 39.09 6.44 35.66
CA GLY A 24 38.81 5.27 36.48
C GLY A 24 39.55 5.29 37.80
N ARG A 25 40.77 5.80 37.79
CA ARG A 25 41.59 5.84 39.00
C ARG A 25 40.98 6.78 40.04
N GLU A 26 40.51 7.93 39.58
CA GLU A 26 39.87 8.90 40.48
C GLU A 26 38.52 8.37 40.95
N ALA A 27 37.83 7.65 40.07
CA ALA A 27 36.55 7.05 40.42
C ALA A 27 36.77 5.92 41.42
N GLU A 28 37.89 5.21 41.27
CA GLU A 28 38.25 4.12 42.17
C GLU A 28 38.57 4.65 43.56
N GLU A 29 39.57 5.52 43.64
CA GLU A 29 40.04 6.05 44.91
C GLU A 29 38.93 6.77 45.67
N GLU A 30 37.98 7.34 44.94
CA GLU A 30 36.81 7.97 45.55
C GLU A 30 35.81 6.91 45.98
N LEU A 31 35.70 5.84 45.20
CA LEU A 31 34.77 4.75 45.51
C LEU A 31 35.21 4.00 46.76
N ARG A 32 36.50 4.04 47.06
CA ARG A 32 37.04 3.36 48.25
C ARG A 32 36.73 4.13 49.52
N ARG A 33 36.94 5.44 49.49
CA ARG A 33 36.72 6.29 50.65
C ARG A 33 35.30 6.17 51.18
N ARG A 34 34.34 6.01 50.27
CA ARG A 34 32.94 5.86 50.66
C ARG A 34 32.70 4.49 51.29
N LEU A 35 33.40 3.48 50.79
CA LEU A 35 33.25 2.12 51.29
C LEU A 35 33.96 1.93 52.63
N ASP A 36 35.03 2.69 52.85
CA ASP A 36 35.81 2.59 54.08
C ASP A 36 35.10 3.24 55.26
N GLU A 37 34.40 4.34 55.00
CA GLU A 37 33.69 5.05 56.05
C GLU A 37 32.57 4.20 56.65
N LEU A 38 31.91 3.41 55.79
CA LEU A 38 30.86 2.52 56.24
C LEU A 38 31.43 1.33 57.00
N GLY A 39 32.71 1.05 56.76
CA GLY A 39 33.38 -0.06 57.43
C GLY A 39 32.83 -1.40 56.98
N VAL A 40 32.68 -1.56 55.67
CA VAL A 40 32.16 -2.78 55.09
C VAL A 40 33.28 -3.61 54.45
N GLU A 41 33.14 -4.92 54.49
CA GLU A 41 34.07 -5.82 53.82
C GLU A 41 33.83 -5.81 52.32
N TYR A 42 34.83 -5.38 51.56
CA TYR A 42 34.71 -5.30 50.11
C TYR A 42 36.03 -5.66 49.42
N VAL A 43 35.94 -6.00 48.14
CA VAL A 43 37.12 -6.31 47.34
C VAL A 43 36.89 -5.93 45.88
N PHE A 44 37.89 -5.29 45.28
CA PHE A 44 37.86 -4.99 43.86
C PHE A 44 38.35 -6.20 43.08
N VAL A 45 37.59 -6.60 42.06
CA VAL A 45 37.94 -7.76 41.25
C VAL A 45 37.73 -7.46 39.77
N GLY A 46 37.97 -8.47 38.94
CA GLY A 46 37.65 -8.39 37.53
C GLY A 46 38.66 -7.64 36.69
N SER A 47 38.24 -7.29 35.48
CA SER A 47 39.12 -6.75 34.47
C SER A 47 39.74 -5.40 34.85
N TYR A 48 39.07 -4.65 35.72
CA TYR A 48 39.62 -3.37 36.16
C TYR A 48 40.74 -3.57 37.17
N ALA A 49 40.47 -4.45 38.15
CA ALA A 49 41.42 -4.70 39.23
C ALA A 49 42.75 -5.25 38.71
N ARG A 50 42.70 -5.93 37.56
CA ARG A 50 43.90 -6.53 36.97
C ARG A 50 44.44 -5.70 35.82
N ASN A 51 43.79 -4.57 35.54
CA ASN A 51 44.23 -3.68 34.47
C ASN A 51 44.31 -4.41 33.13
N THR A 52 43.26 -5.15 32.81
CA THR A 52 43.19 -5.90 31.56
C THR A 52 41.99 -5.47 30.73
N TRP A 53 41.28 -4.43 31.19
CA TRP A 53 40.08 -3.99 30.51
C TRP A 53 40.40 -3.35 29.17
N LEU A 54 39.56 -3.65 28.18
CA LEU A 54 39.78 -3.22 26.82
C LEU A 54 39.40 -1.74 26.68
N LYS A 55 40.07 -1.06 25.75
CA LYS A 55 39.82 0.36 25.52
C LYS A 55 38.35 0.64 25.23
N GLY A 56 37.75 1.52 26.02
CA GLY A 56 36.38 1.93 25.80
C GLY A 56 35.38 1.20 26.68
N SER A 57 35.77 0.04 27.19
CA SER A 57 34.89 -0.82 27.97
C SER A 57 35.24 -0.79 29.46
N LEU A 58 35.35 0.41 30.02
CA LEU A 58 35.72 0.57 31.41
C LEU A 58 34.54 0.26 32.35
N GLU A 59 34.75 -0.68 33.26
CA GLU A 59 33.75 -1.04 34.25
C GLU A 59 34.40 -1.50 35.55
N ILE A 60 34.04 -0.86 36.65
CA ILE A 60 34.58 -1.19 37.96
C ILE A 60 33.70 -2.21 38.66
N ASP A 61 34.24 -3.41 38.89
CA ASP A 61 33.52 -4.46 39.60
C ASP A 61 33.98 -4.54 41.05
N VAL A 62 33.04 -4.33 41.98
CA VAL A 62 33.32 -4.42 43.40
C VAL A 62 32.45 -5.50 44.02
N PHE A 63 33.08 -6.43 44.73
CA PHE A 63 32.36 -7.52 45.40
C PHE A 63 32.36 -7.32 46.92
N LEU A 64 31.19 -7.49 47.52
CA LEU A 64 31.04 -7.34 48.96
C LEU A 64 31.16 -8.71 49.64
N LEU A 65 32.15 -8.83 50.52
CA LEU A 65 32.47 -10.09 51.17
C LEU A 65 31.81 -10.20 52.54
N PHE A 66 30.70 -10.93 52.63
CA PHE A 66 29.97 -11.09 53.89
C PHE A 66 30.17 -12.48 54.48
N PRO A 67 29.90 -12.64 55.79
CA PRO A 67 30.03 -13.94 56.45
C PRO A 67 29.12 -15.02 55.85
N GLU A 68 29.36 -16.27 56.22
CA GLU A 68 28.58 -17.39 55.70
C GLU A 68 27.29 -17.60 56.47
N GLU A 69 27.17 -16.93 57.61
CA GLU A 69 26.00 -17.10 58.48
C GLU A 69 24.75 -16.48 57.87
N PHE A 70 24.90 -15.35 57.19
CA PHE A 70 23.78 -14.65 56.58
C PHE A 70 23.36 -15.34 55.28
N SER A 71 22.27 -16.09 55.35
CA SER A 71 21.83 -16.92 54.24
C SER A 71 20.94 -16.18 53.23
N LYS A 72 21.22 -16.40 51.96
CA LYS A 72 20.42 -15.87 50.84
C LYS A 72 19.94 -14.42 51.01
N GLU A 73 18.63 -14.23 51.15
CA GLU A 73 18.02 -12.89 51.10
C GLU A 73 18.43 -11.97 52.25
N GLU A 74 19.29 -12.45 53.14
CA GLU A 74 19.77 -11.62 54.25
C GLU A 74 20.76 -10.57 53.76
N LEU A 75 21.80 -11.00 53.06
CA LEU A 75 22.83 -10.08 52.57
C LEU A 75 22.46 -9.48 51.22
N ARG A 76 21.46 -10.04 50.55
CA ARG A 76 21.04 -9.56 49.24
C ARG A 76 20.50 -8.13 49.34
N GLU A 77 19.55 -7.91 50.25
CA GLU A 77 18.93 -6.60 50.41
C GLU A 77 19.82 -5.65 51.22
N ARG A 78 20.70 -6.22 52.04
CA ARG A 78 21.62 -5.42 52.84
C ARG A 78 22.75 -4.87 51.97
N GLY A 79 23.30 -5.72 51.11
CA GLY A 79 24.34 -5.29 50.19
C GLY A 79 23.80 -4.30 49.18
N LEU A 80 22.56 -4.50 48.77
CA LEU A 80 21.89 -3.61 47.83
C LEU A 80 21.80 -2.21 48.44
N GLU A 81 21.55 -2.15 49.75
CA GLU A 81 21.47 -0.88 50.46
C GLU A 81 22.83 -0.18 50.46
N ILE A 82 23.88 -0.97 50.65
CA ILE A 82 25.24 -0.43 50.67
C ILE A 82 25.63 0.08 49.28
N GLY A 83 25.05 -0.53 48.26
CA GLY A 83 25.34 -0.16 46.88
C GLY A 83 24.77 1.20 46.51
N LYS A 84 23.66 1.56 47.14
CA LYS A 84 23.02 2.85 46.89
C LYS A 84 23.76 3.97 47.62
N ALA A 85 24.21 3.68 48.83
CA ALA A 85 24.86 4.66 49.67
C ALA A 85 26.34 4.83 49.34
N VAL A 86 26.74 4.36 48.17
CA VAL A 86 28.12 4.50 47.69
C VAL A 86 28.14 5.03 46.25
N LEU A 87 27.12 4.67 45.48
CA LEU A 87 27.03 5.09 44.09
C LEU A 87 26.29 6.41 43.95
N ASP A 88 26.48 7.08 42.80
CA ASP A 88 25.77 8.32 42.51
C ASP A 88 24.40 7.99 41.90
N SER A 89 24.38 7.67 40.62
CA SER A 89 23.15 7.29 39.93
C SER A 89 23.10 5.77 39.72
N TYR A 90 22.41 5.08 40.63
CA TYR A 90 22.35 3.62 40.60
C TYR A 90 21.04 3.11 40.00
N GLU A 91 21.00 1.81 39.76
CA GLU A 91 19.79 1.12 39.33
C GLU A 91 19.95 -0.37 39.58
N ILE A 92 18.86 -1.04 39.96
CA ILE A 92 18.91 -2.46 40.25
C ILE A 92 18.92 -3.28 38.95
N ARG A 93 19.59 -4.42 38.99
CA ARG A 93 19.62 -5.35 37.86
C ARG A 93 19.58 -6.79 38.35
N TYR A 94 18.95 -7.65 37.55
CA TYR A 94 18.90 -9.09 37.82
C TYR A 94 19.76 -9.80 36.78
N ALA A 95 20.00 -11.10 37.01
CA ALA A 95 20.64 -12.04 36.07
C ALA A 95 21.30 -13.16 36.86
N GLU A 96 20.55 -14.23 37.12
CA GLU A 96 21.00 -15.38 37.92
C GLU A 96 21.29 -15.06 39.39
N HIS A 97 21.63 -13.81 39.68
CA HIS A 97 21.62 -13.27 41.04
C HIS A 97 21.45 -11.76 40.98
N PRO A 98 21.06 -11.14 42.10
CA PRO A 98 20.77 -9.70 42.10
C PRO A 98 22.01 -8.85 42.39
N TYR A 99 22.02 -7.61 41.89
CA TYR A 99 23.12 -6.68 42.16
C TYR A 99 22.71 -5.25 41.82
N VAL A 100 23.64 -4.32 42.05
CA VAL A 100 23.40 -2.89 41.84
C VAL A 100 24.41 -2.31 40.86
N HIS A 101 23.89 -1.68 39.81
CA HIS A 101 24.73 -1.01 38.80
C HIS A 101 24.51 0.49 38.86
N GLY A 102 25.59 1.25 38.74
CA GLY A 102 25.51 2.70 38.78
C GLY A 102 26.76 3.38 38.24
N VAL A 103 26.98 4.61 38.66
CA VAL A 103 28.12 5.41 38.20
C VAL A 103 28.76 6.16 39.36
N VAL A 104 30.08 6.33 39.28
CA VAL A 104 30.82 7.11 40.27
C VAL A 104 31.80 8.03 39.54
N LYS A 105 31.51 9.32 39.53
CA LYS A 105 32.31 10.30 38.81
C LYS A 105 32.46 9.93 37.34
N GLY A 106 31.34 9.58 36.71
CA GLY A 106 31.32 9.29 35.28
C GLY A 106 31.67 7.86 34.93
N VAL A 107 32.33 7.15 35.86
CA VAL A 107 32.76 5.78 35.60
C VAL A 107 31.70 4.79 36.06
N GLU A 108 31.46 3.78 35.22
CA GLU A 108 30.44 2.77 35.51
C GLU A 108 30.94 1.76 36.53
N VAL A 109 30.08 1.43 37.49
CA VAL A 109 30.44 0.55 38.60
C VAL A 109 29.40 -0.55 38.82
N ASP A 110 29.88 -1.72 39.21
CA ASP A 110 29.02 -2.82 39.62
C ASP A 110 29.29 -3.15 41.09
N VAL A 111 28.22 -3.48 41.82
CA VAL A 111 28.33 -3.86 43.22
C VAL A 111 27.57 -5.16 43.45
N VAL A 112 28.32 -6.27 43.56
CA VAL A 112 27.73 -7.60 43.69
C VAL A 112 28.05 -8.20 45.05
N PRO A 113 27.01 -8.46 45.87
CA PRO A 113 27.27 -9.11 47.16
C PRO A 113 27.46 -10.62 47.02
N CYS A 114 28.32 -11.19 47.86
CA CYS A 114 28.57 -12.63 47.83
C CYS A 114 29.14 -13.10 49.16
N TYR A 115 29.47 -14.40 49.23
CA TYR A 115 30.03 -14.99 50.43
C TYR A 115 31.55 -14.85 50.47
N LYS A 116 32.07 -14.65 51.67
CA LYS A 116 33.51 -14.77 51.93
C LYS A 116 33.79 -16.21 52.33
N LEU A 117 34.50 -16.93 51.47
CA LEU A 117 34.72 -18.36 51.66
C LEU A 117 36.18 -18.68 51.90
N LYS A 118 36.43 -19.78 52.61
CA LYS A 118 37.77 -20.18 53.00
C LYS A 118 38.55 -20.61 51.77
N GLU A 119 38.05 -21.66 51.12
CA GLU A 119 38.67 -22.21 49.92
C GLU A 119 37.58 -22.46 48.88
N PRO A 120 37.96 -22.73 47.61
CA PRO A 120 36.96 -22.95 46.57
C PRO A 120 36.21 -24.28 46.69
N LYS A 121 35.99 -24.75 47.92
CA LYS A 121 35.20 -25.96 48.17
C LYS A 121 33.78 -25.56 48.55
N ASN A 122 33.64 -24.39 49.19
CA ASN A 122 32.35 -23.91 49.65
C ASN A 122 31.58 -23.18 48.55
N ILE A 123 31.97 -23.40 47.29
CA ILE A 123 31.37 -22.70 46.16
C ILE A 123 29.89 -23.03 46.04
N LYS A 124 29.08 -21.98 45.86
CA LYS A 124 27.64 -22.14 45.64
C LYS A 124 27.28 -21.66 44.24
N SER A 125 27.44 -20.36 44.01
CA SER A 125 27.09 -19.74 42.74
C SER A 125 28.32 -19.14 42.07
N ALA A 126 28.14 -18.64 40.85
CA ALA A 126 29.24 -18.09 40.07
C ALA A 126 29.80 -16.82 40.69
N VAL A 127 28.99 -16.16 41.52
CA VAL A 127 29.43 -14.96 42.21
C VAL A 127 30.44 -15.29 43.31
N ASP A 128 30.42 -16.53 43.78
CA ASP A 128 31.34 -16.97 44.81
C ASP A 128 32.69 -17.39 44.23
N ARG A 129 32.72 -17.65 42.92
CA ARG A 129 33.94 -18.07 42.24
C ARG A 129 34.81 -16.89 41.82
N THR A 130 34.17 -15.75 41.54
CA THR A 130 34.87 -14.59 40.98
C THR A 130 36.06 -14.13 41.84
N PRO A 131 35.88 -14.03 43.17
CA PRO A 131 37.02 -13.62 43.99
C PRO A 131 38.19 -14.60 43.90
N PHE A 132 37.88 -15.88 43.76
CA PHE A 132 38.91 -16.91 43.62
C PHE A 132 39.56 -16.84 42.24
N HIS A 133 38.77 -16.54 41.22
CA HIS A 133 39.31 -16.32 39.88
C HIS A 133 40.30 -15.17 39.92
N HIS A 134 39.91 -14.08 40.58
CA HIS A 134 40.76 -12.92 40.73
C HIS A 134 42.05 -13.27 41.47
N LYS A 135 41.90 -13.98 42.58
CA LYS A 135 43.05 -14.38 43.39
C LYS A 135 44.01 -15.26 42.61
N TRP A 136 43.48 -16.14 41.77
CA TRP A 136 44.32 -17.04 40.99
C TRP A 136 45.08 -16.26 39.90
N LEU A 137 44.45 -15.22 39.37
CA LEU A 137 45.00 -14.48 38.24
C LEU A 137 45.85 -13.27 38.63
N GLU A 138 45.53 -12.62 39.75
CA GLU A 138 46.10 -11.31 40.06
C GLU A 138 47.63 -11.31 40.09
N GLY A 139 48.24 -12.44 40.42
CA GLY A 139 49.68 -12.55 40.45
C GLY A 139 50.27 -13.03 39.14
N ARG A 140 49.60 -13.98 38.51
CA ARG A 140 50.11 -14.62 37.30
C ARG A 140 49.99 -13.72 36.07
N ILE A 141 48.97 -12.88 36.03
CA ILE A 141 48.69 -12.07 34.86
C ILE A 141 49.56 -10.81 34.82
N LYS A 142 50.20 -10.49 35.94
CA LYS A 142 51.07 -9.32 36.01
C LYS A 142 52.18 -9.35 34.96
N GLY A 143 52.22 -8.31 34.14
CA GLY A 143 53.23 -8.19 33.10
C GLY A 143 52.76 -8.73 31.77
N LYS A 144 51.49 -9.12 31.71
CA LYS A 144 50.90 -9.68 30.49
C LYS A 144 49.53 -9.06 30.21
N GLU A 145 49.26 -7.93 30.86
CA GLU A 145 47.98 -7.25 30.70
C GLU A 145 47.70 -6.90 29.24
N ASN A 146 48.72 -6.45 28.53
CA ASN A 146 48.55 -6.03 27.14
C ASN A 146 48.35 -7.21 26.19
N GLU A 147 48.88 -8.37 26.55
CA GLU A 147 48.65 -9.58 25.77
C GLU A 147 47.18 -9.99 25.86
N VAL A 148 46.61 -9.84 27.06
CA VAL A 148 45.19 -10.08 27.27
C VAL A 148 44.35 -9.15 26.41
N ARG A 149 44.74 -7.88 26.37
CA ARG A 149 43.98 -6.87 25.66
C ARG A 149 44.04 -7.06 24.14
N LEU A 150 45.17 -7.56 23.65
CA LEU A 150 45.29 -7.87 22.23
C LEU A 150 44.33 -8.98 21.85
N LEU A 151 44.28 -10.02 22.67
CA LEU A 151 43.39 -11.16 22.41
C LEU A 151 41.93 -10.72 22.47
N LYS A 152 41.58 -9.91 23.47
CA LYS A 152 40.23 -9.41 23.62
C LYS A 152 39.81 -8.58 22.42
N GLY A 153 40.67 -7.66 22.00
CA GLY A 153 40.38 -6.81 20.86
C GLY A 153 40.27 -7.62 19.58
N PHE A 154 41.16 -8.59 19.42
CA PHE A 154 41.16 -9.49 18.28
C PHE A 154 39.81 -10.20 18.15
N LEU A 155 39.33 -10.72 19.27
CA LEU A 155 38.07 -11.44 19.31
C LEU A 155 36.87 -10.51 19.10
N LYS A 156 36.95 -9.32 19.67
CA LYS A 156 35.84 -8.37 19.62
C LYS A 156 35.64 -7.83 18.20
N ALA A 157 36.75 -7.61 17.50
CA ALA A 157 36.70 -7.12 16.13
C ALA A 157 36.05 -8.14 15.20
N ASN A 158 36.01 -9.39 15.64
CA ASN A 158 35.43 -10.47 14.85
C ASN A 158 34.19 -11.06 15.53
N GLY A 159 33.61 -10.29 16.44
CA GLY A 159 32.31 -10.60 17.01
C GLY A 159 32.22 -11.88 17.82
N ILE A 160 33.32 -12.27 18.44
CA ILE A 160 33.35 -13.48 19.27
C ILE A 160 33.98 -13.23 20.65
N TYR A 161 33.94 -11.98 21.10
CA TYR A 161 34.32 -11.65 22.46
C TYR A 161 33.09 -11.54 23.36
N GLY A 162 33.14 -12.20 24.50
CA GLY A 162 32.05 -12.19 25.46
C GLY A 162 31.32 -13.52 25.49
N ALA A 163 30.98 -13.98 26.69
CA ALA A 163 30.31 -15.26 26.87
C ALA A 163 28.78 -15.11 26.91
N GLU A 164 28.29 -13.89 26.94
CA GLU A 164 26.85 -13.66 26.99
C GLU A 164 26.17 -14.31 25.78
N TYR A 165 24.90 -14.67 25.94
CA TYR A 165 24.22 -15.51 24.97
C TYR A 165 24.04 -14.87 23.59
N LYS A 166 24.11 -13.55 23.52
CA LYS A 166 24.05 -12.86 22.24
C LYS A 166 25.28 -13.19 21.40
N VAL A 167 26.39 -13.47 22.08
CA VAL A 167 27.67 -13.70 21.41
C VAL A 167 28.05 -15.18 21.39
N ARG A 168 27.99 -15.83 22.55
CA ARG A 168 28.46 -17.21 22.70
C ARG A 168 29.92 -17.34 22.28
N GLY A 169 30.77 -16.47 22.82
CA GLY A 169 32.19 -16.47 22.50
C GLY A 169 33.08 -16.63 23.72
N PHE A 170 34.24 -15.99 23.68
CA PHE A 170 35.23 -16.09 24.75
C PHE A 170 34.96 -15.06 25.84
N SER A 171 34.85 -15.53 27.09
CA SER A 171 34.75 -14.61 28.22
C SER A 171 36.12 -13.97 28.47
N GLY A 172 36.11 -12.83 29.16
CA GLY A 172 37.34 -12.14 29.51
C GLY A 172 38.24 -13.02 30.36
N TYR A 173 37.63 -13.77 31.27
CA TYR A 173 38.36 -14.67 32.15
C TYR A 173 39.07 -15.77 31.34
N LEU A 174 38.36 -16.31 30.37
CA LEU A 174 38.94 -17.32 29.48
C LEU A 174 40.13 -16.76 28.74
N CYS A 175 39.99 -15.54 28.23
CA CYS A 175 41.08 -14.88 27.52
C CYS A 175 42.32 -14.78 28.39
N GLU A 176 42.14 -14.41 29.66
CA GLU A 176 43.25 -14.26 30.58
C GLU A 176 43.91 -15.61 30.86
N LEU A 177 43.10 -16.64 31.09
CA LEU A 177 43.61 -17.99 31.33
C LEU A 177 44.44 -18.46 30.14
N LEU A 178 44.00 -18.12 28.94
CA LEU A 178 44.72 -18.51 27.72
C LEU A 178 46.08 -17.81 27.62
N ILE A 179 46.13 -16.53 27.98
CA ILE A 179 47.39 -15.80 27.96
C ILE A 179 48.35 -16.36 29.02
N VAL A 180 47.80 -16.67 30.20
CA VAL A 180 48.60 -17.28 31.26
C VAL A 180 49.12 -18.64 30.81
N PHE A 181 48.35 -19.34 29.99
CA PHE A 181 48.72 -20.68 29.55
C PHE A 181 49.78 -20.66 28.46
N TYR A 182 49.59 -19.80 27.46
CA TYR A 182 50.48 -19.76 26.31
C TYR A 182 51.56 -18.69 26.43
N GLY A 183 51.36 -17.73 27.33
CA GLY A 183 52.35 -16.70 27.60
C GLY A 183 52.09 -15.38 26.93
N SER A 184 51.61 -15.42 25.67
CA SER A 184 51.39 -14.21 24.90
C SER A 184 50.19 -14.35 23.97
N PHE A 185 49.80 -13.25 23.36
CA PHE A 185 48.73 -13.27 22.36
C PHE A 185 49.18 -14.07 21.13
N LEU A 186 50.41 -13.84 20.71
CA LEU A 186 50.92 -14.45 19.49
C LEU A 186 51.04 -15.96 19.61
N GLU A 187 51.39 -16.44 20.80
CA GLU A 187 51.51 -17.88 21.04
C GLU A 187 50.13 -18.53 21.14
N THR A 188 49.13 -17.77 21.61
CA THR A 188 47.77 -18.27 21.68
C THR A 188 47.21 -18.49 20.28
N VAL A 189 47.47 -17.54 19.39
CA VAL A 189 46.99 -17.62 18.02
C VAL A 189 47.66 -18.75 17.25
N LYS A 190 48.98 -18.86 17.40
CA LYS A 190 49.74 -19.90 16.72
C LYS A 190 49.25 -21.30 17.10
N ASN A 191 49.03 -21.51 18.39
CA ASN A 191 48.60 -22.81 18.89
C ASN A 191 47.12 -23.10 18.62
N ALA A 192 46.30 -22.05 18.61
CA ALA A 192 44.87 -22.21 18.37
C ALA A 192 44.61 -22.81 16.99
N ARG A 193 45.55 -22.62 16.08
CA ARG A 193 45.42 -23.14 14.72
C ARG A 193 45.24 -24.66 14.70
N ARG A 194 45.70 -25.32 15.76
CA ARG A 194 45.66 -26.77 15.85
C ARG A 194 44.63 -27.28 16.86
N TRP A 195 43.87 -26.36 17.45
CA TRP A 195 42.76 -26.74 18.32
C TRP A 195 41.73 -27.57 17.54
N THR A 196 41.18 -28.58 18.19
CA THR A 196 40.08 -29.37 17.62
C THR A 196 38.89 -29.26 18.56
N ARG A 197 37.76 -29.86 18.17
CA ARG A 197 36.56 -29.82 18.99
C ARG A 197 36.66 -30.77 20.19
N ARG A 198 37.82 -31.37 20.38
CA ARG A 198 38.05 -32.29 21.50
C ARG A 198 39.28 -31.89 22.31
N THR A 199 39.80 -30.68 22.06
CA THR A 199 40.96 -30.18 22.78
C THR A 199 40.62 -29.80 24.22
N VAL A 200 41.43 -30.27 25.15
CA VAL A 200 41.29 -29.92 26.56
C VAL A 200 42.52 -29.16 27.02
N ILE A 201 42.30 -27.93 27.48
CA ILE A 201 43.39 -27.09 27.98
C ILE A 201 43.33 -27.03 29.50
N ASP A 202 44.32 -27.61 30.16
CA ASP A 202 44.37 -27.68 31.61
C ASP A 202 45.48 -26.76 32.13
N VAL A 203 45.10 -25.54 32.52
CA VAL A 203 46.08 -24.52 32.89
C VAL A 203 46.81 -24.89 34.17
N ALA A 204 46.06 -25.26 35.21
CA ALA A 204 46.65 -25.60 36.51
C ALA A 204 47.65 -26.74 36.38
N LYS A 205 47.34 -27.70 35.53
CA LYS A 205 48.23 -28.84 35.30
C LYS A 205 49.22 -28.56 34.17
N GLY A 206 49.04 -27.42 33.50
CA GLY A 206 49.96 -26.99 32.47
C GLY A 206 50.10 -27.94 31.30
N GLU A 207 48.98 -28.51 30.85
CA GLU A 207 49.01 -29.48 29.77
C GLU A 207 47.79 -29.39 28.85
N VAL A 208 47.94 -29.97 27.66
CA VAL A 208 46.84 -30.09 26.71
C VAL A 208 46.54 -31.58 26.52
N ARG A 209 45.26 -31.93 26.54
CA ARG A 209 44.82 -33.31 26.33
C ARG A 209 43.78 -33.40 25.22
N LYS A 210 43.37 -34.63 24.92
CA LYS A 210 42.24 -34.89 24.05
C LYS A 210 41.11 -35.46 24.88
N GLY A 211 39.92 -34.88 24.75
CA GLY A 211 38.77 -35.30 25.53
C GLY A 211 37.52 -35.45 24.68
N GLU A 212 36.37 -35.17 25.29
CA GLU A 212 35.09 -35.39 24.64
C GLU A 212 34.60 -34.13 23.93
N GLU A 213 35.06 -32.98 24.39
CA GLU A 213 34.62 -31.68 23.87
C GLU A 213 35.69 -30.65 24.13
N PHE A 214 35.58 -29.49 23.50
CA PHE A 214 36.47 -28.39 23.81
C PHE A 214 36.24 -27.99 25.27
N PHE A 215 37.30 -28.06 26.06
CA PHE A 215 37.18 -27.94 27.51
C PHE A 215 38.38 -27.21 28.10
N VAL A 216 38.14 -26.03 28.66
CA VAL A 216 39.19 -25.28 29.34
C VAL A 216 38.96 -25.38 30.84
N VAL A 217 39.76 -26.22 31.49
CA VAL A 217 39.60 -26.52 32.91
C VAL A 217 39.85 -25.28 33.77
N ASP A 218 38.86 -24.89 34.55
CA ASP A 218 39.00 -23.76 35.47
C ASP A 218 39.97 -24.14 36.59
N PRO A 219 41.08 -23.38 36.74
CA PRO A 219 42.05 -23.66 37.81
C PRO A 219 41.44 -23.63 39.21
N VAL A 220 40.29 -22.99 39.36
CA VAL A 220 39.63 -22.89 40.65
C VAL A 220 38.76 -24.12 40.90
N ASP A 221 38.21 -24.68 39.82
CA ASP A 221 37.33 -25.86 39.92
C ASP A 221 37.52 -26.73 38.69
N GLU A 222 38.13 -27.90 38.89
CA GLU A 222 38.49 -28.78 37.78
C GLU A 222 37.27 -29.35 37.05
N LYS A 223 36.10 -29.28 37.70
CA LYS A 223 34.89 -29.86 37.14
C LYS A 223 34.22 -28.97 36.09
N ARG A 224 34.53 -27.67 36.12
CA ARG A 224 33.85 -26.72 35.26
C ARG A 224 34.68 -26.25 34.07
N ASN A 225 33.97 -26.04 32.96
CA ASN A 225 34.57 -25.62 31.70
C ASN A 225 34.41 -24.12 31.52
N VAL A 226 35.53 -23.40 31.52
CA VAL A 226 35.50 -21.95 31.37
C VAL A 226 34.94 -21.58 29.99
N ALA A 227 35.11 -22.49 29.03
CA ALA A 227 34.67 -22.27 27.66
C ALA A 227 33.29 -22.91 27.42
N ALA A 228 32.53 -23.09 28.50
CA ALA A 228 31.25 -23.78 28.43
C ALA A 228 30.31 -23.20 27.38
N ASN A 229 30.13 -21.88 27.40
CA ASN A 229 29.18 -21.23 26.50
C ASN A 229 29.82 -20.76 25.19
N LEU A 230 31.06 -21.17 24.94
CA LEU A 230 31.67 -20.97 23.64
C LEU A 230 31.10 -22.01 22.68
N SER A 231 30.45 -21.54 21.61
CA SER A 231 29.80 -22.45 20.68
C SER A 231 30.82 -23.14 19.77
N LEU A 232 30.45 -24.29 19.24
CA LEU A 232 31.30 -25.05 18.34
C LEU A 232 31.69 -24.22 17.11
N ASP A 233 30.75 -23.43 16.61
CA ASP A 233 30.98 -22.69 15.37
C ASP A 233 31.84 -21.44 15.58
N ASN A 234 31.80 -20.88 16.79
CA ASN A 234 32.68 -19.76 17.11
C ASN A 234 34.10 -20.24 17.43
N LEU A 235 34.20 -21.47 17.97
CA LEU A 235 35.49 -22.13 18.11
C LEU A 235 36.10 -22.32 16.73
N ALA A 236 35.29 -22.79 15.80
CA ALA A 236 35.72 -23.00 14.42
C ALA A 236 36.15 -21.70 13.77
N ARG A 237 35.35 -20.65 13.95
CA ARG A 237 35.64 -19.35 13.40
C ARG A 237 36.96 -18.79 13.94
N PHE A 238 37.20 -18.98 15.23
CA PHE A 238 38.44 -18.49 15.84
C PHE A 238 39.65 -19.21 15.27
N VAL A 239 39.58 -20.54 15.21
CA VAL A 239 40.67 -21.35 14.67
C VAL A 239 40.97 -20.95 13.23
N HIS A 240 39.92 -20.69 12.45
CA HIS A 240 40.09 -20.29 11.06
C HIS A 240 40.68 -18.88 10.98
N LEU A 241 40.27 -18.01 11.91
CA LEU A 241 40.80 -16.65 11.96
C LEU A 241 42.29 -16.65 12.28
N CYS A 242 42.68 -17.52 13.22
CA CYS A 242 44.08 -17.62 13.63
C CYS A 242 44.96 -18.11 12.47
N ARG A 243 44.43 -19.05 11.69
CA ARG A 243 45.14 -19.54 10.52
C ARG A 243 45.31 -18.42 9.48
N GLU A 244 44.25 -17.64 9.28
CA GLU A 244 44.29 -16.52 8.36
C GLU A 244 45.29 -15.47 8.81
N PHE A 245 45.32 -15.20 10.11
CA PHE A 245 46.19 -14.15 10.64
C PHE A 245 47.67 -14.47 10.45
N MET A 246 48.06 -15.71 10.72
CA MET A 246 49.47 -16.10 10.62
C MET A 246 49.92 -16.19 9.17
N GLU A 247 49.00 -16.53 8.27
CA GLU A 247 49.32 -16.60 6.85
C GLU A 247 49.54 -15.22 6.25
N ALA A 248 48.69 -14.28 6.62
CA ALA A 248 48.75 -12.91 6.10
C ALA A 248 48.33 -11.91 7.16
N PRO A 249 49.23 -11.63 8.11
CA PRO A 249 48.93 -10.71 9.23
C PRO A 249 48.49 -9.33 8.75
N SER A 250 47.61 -8.69 9.52
CA SER A 250 47.07 -7.39 9.14
C SER A 250 46.37 -6.72 10.32
N LEU A 251 46.47 -5.40 10.39
CA LEU A 251 45.83 -4.64 11.45
C LEU A 251 44.30 -4.68 11.30
N GLY A 252 43.85 -5.07 10.11
CA GLY A 252 42.42 -5.19 9.83
C GLY A 252 41.74 -6.19 10.75
N PHE A 253 42.47 -7.21 11.17
CA PHE A 253 41.94 -8.22 12.08
C PHE A 253 41.51 -7.62 13.42
N PHE A 254 41.96 -6.40 13.69
CA PHE A 254 41.66 -5.72 14.95
C PHE A 254 40.63 -4.60 14.80
N LYS A 255 40.13 -4.41 13.59
CA LYS A 255 39.14 -3.38 13.31
C LYS A 255 37.80 -4.03 12.93
N PRO A 256 36.68 -3.54 13.50
CA PRO A 256 35.40 -4.16 13.21
C PRO A 256 34.98 -3.95 11.76
N LYS A 257 34.14 -4.85 11.24
CA LYS A 257 33.75 -4.81 9.84
C LYS A 257 32.46 -4.00 9.68
N HIS A 258 32.40 -3.18 8.63
CA HIS A 258 31.18 -2.44 8.34
C HIS A 258 30.19 -3.40 7.67
N PRO A 259 28.90 -3.33 8.07
CA PRO A 259 27.91 -4.22 7.46
C PRO A 259 27.81 -4.04 5.93
N LEU A 260 27.34 -5.08 5.24
CA LEU A 260 27.28 -5.05 3.80
C LEU A 260 26.16 -4.15 3.30
N GLU A 261 26.54 -3.09 2.58
CA GLU A 261 25.58 -2.17 1.99
C GLU A 261 25.08 -2.76 0.68
N ILE A 262 23.76 -2.81 0.52
CA ILE A 262 23.17 -3.46 -0.66
C ILE A 262 21.79 -2.88 -0.98
N GLU A 263 21.56 -2.63 -2.27
CA GLU A 263 20.28 -2.09 -2.73
C GLU A 263 19.21 -3.18 -2.68
N PRO A 264 17.98 -2.83 -2.25
CA PRO A 264 16.88 -3.79 -2.23
C PRO A 264 16.67 -4.49 -3.58
N GLU A 265 16.92 -3.78 -4.67
CA GLU A 265 16.72 -4.34 -6.01
C GLU A 265 17.70 -5.46 -6.31
N ARG A 266 18.97 -5.26 -5.94
CA ARG A 266 19.99 -6.28 -6.13
C ARG A 266 19.63 -7.50 -5.30
N LEU A 267 19.12 -7.26 -4.10
CA LEU A 267 18.74 -8.32 -3.18
C LEU A 267 17.58 -9.13 -3.75
N ARG A 268 16.63 -8.43 -4.38
CA ARG A 268 15.51 -9.11 -5.05
C ARG A 268 16.02 -9.99 -6.18
N LYS A 269 16.97 -9.45 -6.95
CA LYS A 269 17.54 -10.17 -8.08
C LYS A 269 18.28 -11.42 -7.59
N ILE A 270 18.91 -11.29 -6.42
CA ILE A 270 19.64 -12.39 -5.83
C ILE A 270 18.69 -13.52 -5.42
N VAL A 271 17.61 -13.18 -4.72
CA VAL A 271 16.63 -14.17 -4.30
C VAL A 271 15.98 -14.83 -5.51
N GLU A 272 15.81 -14.06 -6.58
CA GLU A 272 15.25 -14.61 -7.82
C GLU A 272 16.20 -15.66 -8.40
N GLU A 273 17.48 -15.32 -8.44
CA GLU A 273 18.50 -16.22 -8.97
C GLU A 273 18.57 -17.52 -8.16
N ARG A 274 18.50 -17.40 -6.84
CA ARG A 274 18.58 -18.56 -5.95
C ARG A 274 17.34 -19.44 -6.10
N GLY A 275 16.21 -18.81 -6.40
CA GLY A 275 14.96 -19.52 -6.58
C GLY A 275 14.39 -20.06 -5.28
N THR A 276 14.73 -19.41 -4.18
CA THR A 276 14.29 -19.86 -2.85
C THR A 276 13.12 -19.05 -2.32
N ALA A 277 12.49 -19.57 -1.28
CA ALA A 277 11.49 -18.83 -0.53
C ALA A 277 12.19 -18.17 0.65
N VAL A 278 12.12 -16.84 0.71
CA VAL A 278 12.76 -16.07 1.76
C VAL A 278 11.72 -15.20 2.45
N PHE A 279 11.57 -15.39 3.77
CA PHE A 279 10.52 -14.70 4.52
C PHE A 279 10.90 -14.56 5.98
N ALA A 280 10.23 -13.62 6.66
CA ALA A 280 10.49 -13.34 8.06
C ALA A 280 9.21 -13.41 8.90
N VAL A 281 9.37 -13.81 10.15
CA VAL A 281 8.32 -13.66 11.16
C VAL A 281 8.66 -12.44 12.00
N LYS A 282 7.79 -11.43 11.93
CA LYS A 282 8.01 -10.18 12.64
C LYS A 282 7.05 -10.08 13.82
N PHE A 283 7.56 -9.66 14.97
CA PHE A 283 6.72 -9.47 16.16
C PHE A 283 7.35 -8.48 17.13
N ARG A 284 6.54 -7.94 18.03
CA ARG A 284 7.01 -6.92 18.97
C ARG A 284 7.99 -7.52 19.96
N LYS A 285 9.10 -6.82 20.19
CA LYS A 285 10.15 -7.32 21.06
C LYS A 285 9.71 -7.34 22.53
N PRO A 286 9.90 -8.47 23.22
CA PRO A 286 9.58 -8.47 24.65
C PRO A 286 10.53 -7.57 25.43
N ASP A 287 10.02 -6.91 26.47
CA ASP A 287 10.84 -6.03 27.29
C ASP A 287 11.63 -6.85 28.31
N ILE A 288 12.70 -7.50 27.85
CA ILE A 288 13.53 -8.36 28.69
C ILE A 288 15.00 -8.22 28.32
N VAL A 289 15.89 -8.55 29.27
CA VAL A 289 17.32 -8.42 29.05
C VAL A 289 17.81 -9.36 27.94
N ASP A 290 18.95 -9.00 27.34
CA ASP A 290 19.52 -9.75 26.22
C ASP A 290 19.78 -11.22 26.55
N ASP A 291 20.18 -11.51 27.79
CA ASP A 291 20.55 -12.86 28.17
C ASP A 291 19.34 -13.80 28.23
N ASN A 292 18.14 -13.21 28.20
CA ASN A 292 16.91 -13.99 28.15
C ASN A 292 16.31 -13.98 26.74
N LEU A 293 16.40 -12.83 26.08
CA LEU A 293 15.83 -12.65 24.75
C LEU A 293 16.47 -13.57 23.72
N TYR A 294 17.78 -13.54 23.62
CA TYR A 294 18.49 -14.23 22.54
C TYR A 294 18.37 -15.75 22.58
N PRO A 295 18.44 -16.36 23.78
CA PRO A 295 18.19 -17.80 23.82
C PRO A 295 16.76 -18.15 23.39
N GLN A 296 15.82 -17.22 23.58
CA GLN A 296 14.43 -17.46 23.16
C GLN A 296 14.30 -17.31 21.64
N LEU A 297 14.99 -16.31 21.08
CA LEU A 297 15.02 -16.13 19.64
C LEU A 297 15.65 -17.35 18.96
N GLU A 298 16.70 -17.88 19.58
CA GLU A 298 17.34 -19.09 19.10
C GLU A 298 16.36 -20.26 19.12
N ARG A 299 15.62 -20.38 20.22
CA ARG A 299 14.66 -21.47 20.37
C ARG A 299 13.54 -21.35 19.35
N ALA A 300 12.98 -20.16 19.22
CA ALA A 300 11.90 -19.91 18.27
C ALA A 300 12.33 -20.22 16.84
N SER A 301 13.54 -19.78 16.47
CA SER A 301 14.08 -20.06 15.15
C SER A 301 14.22 -21.55 14.93
N ARG A 302 14.79 -22.23 15.92
CA ARG A 302 15.06 -23.66 15.82
C ARG A 302 13.77 -24.44 15.66
N LYS A 303 12.76 -24.08 16.45
CA LYS A 303 11.47 -24.77 16.42
C LYS A 303 10.81 -24.63 15.06
N ILE A 304 10.78 -23.41 14.54
CA ILE A 304 10.20 -23.15 13.23
C ILE A 304 11.01 -23.82 12.13
N PHE A 305 12.33 -23.80 12.27
CA PHE A 305 13.21 -24.47 11.32
C PHE A 305 12.90 -25.96 11.26
N GLU A 306 12.70 -26.57 12.43
CA GLU A 306 12.39 -27.98 12.51
C GLU A 306 11.02 -28.28 11.93
N PHE A 307 10.08 -27.36 12.12
CA PHE A 307 8.76 -27.47 11.49
C PHE A 307 8.90 -27.47 9.98
N LEU A 308 9.77 -26.62 9.46
CA LEU A 308 9.98 -26.52 8.02
C LEU A 308 10.61 -27.79 7.46
N GLU A 309 11.50 -28.41 8.23
CA GLU A 309 12.11 -29.68 7.83
C GLU A 309 11.04 -30.77 7.78
N ARG A 310 10.31 -30.92 8.88
CA ARG A 310 9.24 -31.90 8.98
C ARG A 310 8.25 -31.80 7.83
N GLU A 311 7.88 -30.57 7.49
CA GLU A 311 6.86 -30.33 6.48
C GLU A 311 7.48 -30.24 5.08
N ASN A 312 8.73 -30.68 4.97
CA ASN A 312 9.38 -30.86 3.68
C ASN A 312 9.46 -29.60 2.82
N PHE A 313 9.67 -28.45 3.46
CA PHE A 313 9.95 -27.21 2.73
C PHE A 313 11.45 -27.02 2.56
N MET A 314 12.23 -27.90 3.18
CA MET A 314 13.67 -27.97 2.97
C MET A 314 14.37 -26.65 3.24
N PRO A 315 14.36 -26.21 4.50
CA PRO A 315 15.01 -24.95 4.87
C PRO A 315 16.52 -25.05 4.72
N LEU A 316 17.17 -23.96 4.35
CA LEU A 316 18.62 -23.93 4.19
C LEU A 316 19.28 -23.43 5.46
N ARG A 317 19.05 -22.17 5.78
CA ARG A 317 19.55 -21.57 7.00
C ARG A 317 18.47 -20.69 7.62
N SER A 318 18.69 -20.31 8.88
CA SER A 318 17.84 -19.35 9.55
C SER A 318 18.71 -18.30 10.21
N ALA A 319 18.10 -17.20 10.60
CA ALA A 319 18.79 -16.16 11.35
C ALA A 319 17.74 -15.36 12.09
N PHE A 320 18.18 -14.49 12.99
CA PHE A 320 17.26 -13.62 13.70
C PHE A 320 17.91 -12.29 14.02
N LYS A 321 17.07 -11.27 14.17
CA LYS A 321 17.54 -9.95 14.56
C LYS A 321 16.55 -9.32 15.52
N ALA A 322 17.08 -8.60 16.51
CA ALA A 322 16.28 -7.77 17.38
C ALA A 322 16.59 -6.31 17.11
N SER A 323 15.55 -5.54 16.80
CA SER A 323 15.69 -4.11 16.63
C SER A 323 15.23 -3.44 17.92
N GLU A 324 14.95 -2.14 17.84
CA GLU A 324 14.52 -1.39 19.02
C GLU A 324 13.16 -1.85 19.54
N GLU A 325 12.23 -2.11 18.64
CA GLU A 325 10.85 -2.44 19.01
C GLU A 325 10.39 -3.82 18.53
N PHE A 326 11.13 -4.41 17.60
CA PHE A 326 10.69 -5.66 16.97
C PHE A 326 11.80 -6.69 16.85
N CYS A 327 11.40 -7.96 16.79
CA CYS A 327 12.31 -9.05 16.49
C CYS A 327 11.92 -9.66 15.14
N TYR A 328 12.89 -10.27 14.49
CA TYR A 328 12.67 -10.89 13.18
C TYR A 328 13.28 -12.29 13.17
N LEU A 329 12.49 -13.27 12.73
CA LEU A 329 12.98 -14.63 12.54
C LEU A 329 13.03 -14.90 11.04
N LEU A 330 14.25 -15.04 10.51
CA LEU A 330 14.45 -15.13 9.06
C LEU A 330 14.66 -16.58 8.63
N PHE A 331 14.13 -16.91 7.44
CA PHE A 331 14.25 -18.27 6.92
C PHE A 331 14.39 -18.26 5.40
N GLU A 332 15.23 -19.15 4.88
CA GLU A 332 15.30 -19.41 3.46
C GLU A 332 15.00 -20.88 3.20
N CYS A 333 14.09 -21.13 2.26
CA CYS A 333 13.66 -22.49 1.95
C CYS A 333 13.82 -22.80 0.46
N GLN A 334 14.08 -24.07 0.16
CA GLN A 334 14.29 -24.50 -1.22
C GLN A 334 12.98 -24.82 -1.92
N ILE A 335 11.90 -24.91 -1.15
CA ILE A 335 10.58 -25.18 -1.69
C ILE A 335 9.66 -23.98 -1.48
N LYS A 336 9.30 -23.32 -2.58
CA LYS A 336 8.34 -22.23 -2.54
C LYS A 336 6.92 -22.79 -2.46
N GLU A 337 6.73 -23.97 -3.05
CA GLU A 337 5.40 -24.53 -3.19
C GLU A 337 5.44 -26.06 -3.20
N ILE A 338 4.54 -26.67 -2.44
CA ILE A 338 4.41 -28.12 -2.38
C ILE A 338 2.97 -28.50 -2.72
N SER A 339 2.79 -29.72 -3.23
CA SER A 339 1.46 -30.15 -3.68
C SER A 339 0.48 -30.24 -2.52
N ARG A 340 -0.80 -30.08 -2.82
CA ARG A 340 -1.84 -30.22 -1.82
C ARG A 340 -1.89 -31.65 -1.31
N VAL A 341 -1.70 -32.60 -2.22
CA VAL A 341 -1.81 -34.01 -1.89
C VAL A 341 -0.53 -34.54 -1.23
N PHE A 342 -0.71 -35.38 -0.23
CA PHE A 342 0.41 -36.09 0.37
C PHE A 342 -0.03 -37.50 0.75
N ARG A 343 0.94 -38.34 1.10
CA ARG A 343 0.67 -39.71 1.51
C ARG A 343 0.59 -39.84 3.03
N ARG A 344 -0.45 -40.52 3.50
CA ARG A 344 -0.60 -40.85 4.90
C ARG A 344 -0.45 -42.36 5.06
N MET A 345 0.38 -42.78 6.02
CA MET A 345 0.65 -44.19 6.22
C MET A 345 -0.47 -44.87 7.01
N GLY A 346 -0.87 -46.06 6.55
CA GLY A 346 -1.88 -46.86 7.21
C GLY A 346 -1.31 -48.14 7.79
N PRO A 347 -2.17 -48.97 8.40
CA PRO A 347 -1.74 -50.21 9.06
C PRO A 347 -1.36 -51.32 8.09
N GLN A 348 -0.79 -52.40 8.63
CA GLN A 348 -0.46 -53.58 7.84
C GLN A 348 -1.75 -54.27 7.39
N PHE A 349 -1.70 -54.97 6.27
CA PHE A 349 -2.91 -55.50 5.65
C PHE A 349 -3.62 -56.58 6.48
N GLU A 350 -2.88 -57.37 7.24
CA GLU A 350 -3.48 -58.46 8.01
C GLU A 350 -4.22 -57.96 9.25
N ASP A 351 -3.95 -56.72 9.65
CA ASP A 351 -4.54 -56.14 10.86
C ASP A 351 -5.96 -55.62 10.58
N GLU A 352 -6.92 -56.54 10.54
CA GLU A 352 -8.28 -56.24 10.05
C GLU A 352 -8.99 -55.10 10.77
N ARG A 353 -8.90 -55.06 12.09
CA ARG A 353 -9.58 -54.02 12.86
C ARG A 353 -9.11 -52.63 12.46
N ASN A 354 -7.80 -52.44 12.45
CA ASN A 354 -7.22 -51.13 12.13
C ASN A 354 -7.37 -50.75 10.65
N VAL A 355 -7.36 -51.75 9.78
CA VAL A 355 -7.59 -51.51 8.36
C VAL A 355 -9.00 -50.97 8.16
N LYS A 356 -9.97 -51.54 8.86
CA LYS A 356 -11.36 -51.13 8.74
C LYS A 356 -11.54 -49.69 9.19
N LYS A 357 -10.90 -49.34 10.31
CA LYS A 357 -10.97 -47.99 10.85
C LYS A 357 -10.30 -46.99 9.91
N PHE A 358 -9.11 -47.35 9.43
CA PHE A 358 -8.36 -46.49 8.52
C PHE A 358 -9.15 -46.22 7.24
N LEU A 359 -9.80 -47.25 6.71
CA LEU A 359 -10.56 -47.11 5.46
C LEU A 359 -11.95 -46.50 5.69
N SER A 360 -12.36 -46.38 6.94
CA SER A 360 -13.69 -45.83 7.25
C SER A 360 -13.73 -44.33 7.01
N ARG A 361 -12.57 -43.68 7.10
CA ARG A 361 -12.49 -42.24 6.84
C ARG A 361 -12.77 -41.96 5.38
N ASN A 362 -13.74 -41.09 5.11
CA ASN A 362 -14.05 -40.71 3.75
C ASN A 362 -12.97 -39.79 3.17
N ARG A 363 -12.61 -40.04 1.93
CA ARG A 363 -11.52 -39.31 1.28
C ARG A 363 -11.83 -39.09 -0.20
N ALA A 364 -11.26 -38.03 -0.77
CA ALA A 364 -11.46 -37.71 -2.17
C ALA A 364 -11.02 -38.84 -3.08
N PHE A 365 -9.88 -39.46 -2.76
CA PHE A 365 -9.31 -40.52 -3.59
C PHE A 365 -9.25 -41.85 -2.85
N ARG A 366 -9.13 -42.92 -3.62
CA ARG A 366 -9.12 -44.28 -3.07
C ARG A 366 -7.80 -44.60 -2.39
N PRO A 367 -7.85 -45.16 -1.17
CA PRO A 367 -6.63 -45.72 -0.57
C PRO A 367 -6.06 -46.86 -1.40
N PHE A 368 -4.82 -47.24 -1.14
CA PHE A 368 -4.17 -48.31 -1.91
C PHE A 368 -3.19 -49.10 -1.05
N ILE A 369 -2.86 -50.30 -1.51
CA ILE A 369 -1.89 -51.15 -0.83
C ILE A 369 -0.52 -51.01 -1.49
N GLU A 370 0.51 -50.87 -0.67
CA GLU A 370 1.88 -50.80 -1.16
C GLU A 370 2.82 -51.47 -0.16
N ASN A 371 3.53 -52.50 -0.62
CA ASN A 371 4.45 -53.25 0.22
C ASN A 371 3.81 -53.76 1.51
N GLY A 372 2.65 -54.40 1.39
CA GLY A 372 2.01 -55.07 2.50
C GLY A 372 1.28 -54.14 3.46
N ARG A 373 1.18 -52.87 3.08
CA ARG A 373 0.67 -51.84 3.99
C ARG A 373 -0.31 -50.92 3.26
N TRP A 374 -1.29 -50.41 3.99
CA TRP A 374 -2.28 -49.49 3.42
C TRP A 374 -1.78 -48.05 3.45
N TRP A 375 -2.12 -47.30 2.41
CA TRP A 375 -1.79 -45.89 2.31
C TRP A 375 -3.00 -45.12 1.80
N ALA A 376 -3.10 -43.85 2.14
CA ALA A 376 -4.15 -42.99 1.61
C ALA A 376 -3.60 -41.65 1.17
N PHE A 377 -4.22 -41.08 0.15
CA PHE A 377 -3.95 -39.70 -0.24
C PHE A 377 -4.80 -38.79 0.63
N GLU A 378 -4.18 -37.72 1.13
CA GLU A 378 -4.89 -36.73 1.92
C GLU A 378 -4.34 -35.35 1.58
N MET A 379 -4.92 -34.31 2.19
CA MET A 379 -4.66 -32.94 1.77
C MET A 379 -3.94 -32.13 2.85
N ARG A 380 -2.87 -31.46 2.45
CA ARG A 380 -2.15 -30.54 3.33
C ARG A 380 -3.04 -29.34 3.66
N LYS A 381 -2.77 -28.70 4.79
CA LYS A 381 -3.50 -27.51 5.20
C LYS A 381 -2.78 -26.24 4.73
N PHE A 382 -1.68 -26.43 4.00
CA PHE A 382 -0.91 -25.32 3.46
C PHE A 382 0.03 -25.85 2.39
N THR A 383 0.38 -24.99 1.43
CA THR A 383 1.21 -25.41 0.30
C THR A 383 2.48 -24.57 0.16
N THR A 384 2.62 -23.57 1.02
CA THR A 384 3.82 -22.73 1.01
C THR A 384 4.40 -22.66 2.42
N PRO A 385 5.72 -22.47 2.53
CA PRO A 385 6.33 -22.35 3.86
C PRO A 385 5.79 -21.15 4.62
N GLU A 386 5.41 -20.09 3.91
CA GLU A 386 4.80 -18.92 4.54
C GLU A 386 3.48 -19.27 5.22
N GLU A 387 2.62 -20.01 4.51
CA GLU A 387 1.35 -20.46 5.08
C GLU A 387 1.60 -21.39 6.26
N GLY A 388 2.59 -22.26 6.11
CA GLY A 388 2.91 -23.25 7.12
C GLY A 388 3.34 -22.62 8.43
N VAL A 389 4.28 -21.68 8.35
CA VAL A 389 4.79 -20.99 9.53
C VAL A 389 3.69 -20.18 10.22
N ARG A 390 2.83 -19.55 9.42
CA ARG A 390 1.70 -18.81 9.99
C ARG A 390 0.82 -19.73 10.82
N SER A 391 0.53 -20.91 10.28
CA SER A 391 -0.28 -21.90 10.99
C SER A 391 0.44 -22.39 12.25
N TYR A 392 1.72 -22.72 12.11
CA TYR A 392 2.51 -23.23 13.22
C TYR A 392 2.68 -22.20 14.33
N ALA A 393 2.97 -20.96 13.95
CA ALA A 393 3.17 -19.89 14.92
C ALA A 393 1.87 -19.59 15.68
N SER A 394 0.74 -19.79 15.02
CA SER A 394 -0.56 -19.51 15.65
C SER A 394 -0.93 -20.57 16.69
N THR A 395 -0.67 -21.83 16.37
CA THR A 395 -1.09 -22.94 17.23
C THR A 395 -0.05 -23.28 18.29
N HIS A 396 1.24 -23.19 17.93
CA HIS A 396 2.33 -23.60 18.82
C HIS A 396 3.14 -22.42 19.32
N TRP A 397 2.50 -21.27 19.48
CA TRP A 397 3.17 -20.07 20.00
C TRP A 397 3.84 -20.33 21.35
N HIS A 398 3.24 -21.21 22.15
CA HIS A 398 3.69 -21.41 23.53
C HIS A 398 5.09 -22.00 23.60
N THR A 399 5.50 -22.72 22.55
CA THR A 399 6.77 -23.42 22.57
C THR A 399 7.92 -22.59 21.99
N LEU A 400 7.61 -21.38 21.53
CA LEU A 400 8.62 -20.53 20.89
C LEU A 400 9.27 -19.60 21.90
N GLY A 401 9.59 -20.13 23.07
CA GLY A 401 10.17 -19.34 24.14
C GLY A 401 9.09 -18.72 25.01
N LYS A 402 9.43 -18.47 26.26
CA LYS A 402 8.48 -17.94 27.24
C LYS A 402 7.91 -16.59 26.81
N ASN A 403 8.78 -15.58 26.72
CA ASN A 403 8.35 -14.22 26.42
C ASN A 403 8.14 -14.00 24.93
N VAL A 404 9.04 -14.55 24.12
CA VAL A 404 8.94 -14.48 22.67
C VAL A 404 7.63 -15.11 22.20
N GLY A 405 7.30 -16.27 22.76
CA GLY A 405 6.10 -16.99 22.37
C GLY A 405 4.82 -16.25 22.71
N GLU A 406 4.83 -15.58 23.86
CA GLU A 406 3.66 -14.82 24.30
C GLU A 406 3.43 -13.59 23.43
N SER A 407 4.53 -12.98 22.97
CA SER A 407 4.44 -11.83 22.08
C SER A 407 3.87 -12.25 20.73
N ILE A 408 4.34 -13.39 20.22
CA ILE A 408 3.86 -13.94 18.95
C ILE A 408 2.37 -14.25 19.05
N ARG A 409 1.93 -14.70 20.22
CA ARG A 409 0.53 -15.04 20.44
C ARG A 409 -0.35 -13.80 20.29
N GLU A 410 0.17 -12.65 20.75
CA GLU A 410 -0.55 -11.39 20.62
C GLU A 410 -0.57 -10.94 19.17
N TYR A 411 0.60 -10.92 18.53
CA TYR A 411 0.71 -10.43 17.17
C TYR A 411 1.99 -10.86 16.47
N PHE A 412 1.87 -11.23 15.21
CA PHE A 412 3.02 -11.43 14.34
C PHE A 412 2.60 -11.29 12.89
N GLU A 413 3.55 -10.91 12.04
CA GLU A 413 3.33 -10.85 10.60
C GLU A 413 4.26 -11.83 9.91
N ILE A 414 3.86 -12.28 8.72
CA ILE A 414 4.75 -12.99 7.83
C ILE A 414 5.08 -12.04 6.67
N ILE A 415 6.36 -11.69 6.55
CA ILE A 415 6.79 -10.76 5.52
C ILE A 415 7.78 -11.45 4.59
N SER A 416 7.51 -11.37 3.30
CA SER A 416 8.36 -11.97 2.29
C SER A 416 8.41 -11.07 1.07
N GLY A 417 9.00 -11.56 -0.01
CA GLY A 417 9.10 -10.79 -1.24
C GLY A 417 9.82 -9.48 -1.04
N GLU A 418 9.47 -8.50 -1.86
CA GLU A 418 10.14 -7.21 -1.85
C GLU A 418 9.81 -6.39 -0.60
N LYS A 419 8.70 -6.71 0.04
CA LYS A 419 8.27 -6.01 1.25
C LYS A 419 9.25 -6.27 2.40
N LEU A 420 9.90 -7.42 2.36
CA LEU A 420 10.84 -7.82 3.41
C LEU A 420 12.14 -7.02 3.36
N PHE A 421 12.53 -6.61 2.16
CA PHE A 421 13.79 -5.88 1.98
C PHE A 421 13.70 -4.45 2.51
N LYS A 422 12.49 -4.02 2.85
CA LYS A 422 12.29 -2.71 3.47
C LYS A 422 12.57 -2.78 4.97
N GLU A 423 12.37 -3.95 5.55
CA GLU A 423 12.63 -4.16 6.98
C GLU A 423 14.13 -4.09 7.24
N PRO A 424 14.52 -3.74 8.48
CA PRO A 424 15.94 -3.58 8.83
C PRO A 424 16.62 -4.93 9.10
N VAL A 425 16.65 -5.79 8.09
CA VAL A 425 17.20 -7.14 8.23
C VAL A 425 18.13 -7.50 7.07
N THR A 426 18.48 -6.51 6.26
CA THR A 426 19.27 -6.75 5.05
C THR A 426 20.63 -7.38 5.35
N ALA A 427 21.28 -6.93 6.41
CA ALA A 427 22.59 -7.46 6.79
C ALA A 427 22.50 -8.95 7.09
N GLU A 428 21.51 -9.33 7.89
CA GLU A 428 21.30 -10.72 8.27
C GLU A 428 20.99 -11.59 7.05
N LEU A 429 20.15 -11.08 6.15
CA LEU A 429 19.80 -11.79 4.93
C LEU A 429 21.02 -12.03 4.06
N CYS A 430 21.89 -11.02 3.98
CA CYS A 430 23.12 -11.14 3.20
C CYS A 430 24.02 -12.21 3.79
N GLU A 431 24.17 -12.18 5.11
CA GLU A 431 24.97 -13.16 5.83
C GLU A 431 24.49 -14.59 5.59
N MET A 432 23.19 -14.83 5.76
CA MET A 432 22.67 -16.20 5.67
C MET A 432 22.64 -16.74 4.24
N MET A 433 22.64 -15.85 3.26
CA MET A 433 22.71 -16.26 1.85
C MET A 433 24.15 -16.22 1.33
N GLY A 434 25.07 -15.71 2.14
CA GLY A 434 26.46 -15.60 1.73
C GLY A 434 26.69 -14.63 0.60
N VAL A 435 25.91 -13.55 0.58
CA VAL A 435 26.08 -12.48 -0.40
C VAL A 435 27.42 -11.80 -0.18
N LYS A 436 28.17 -11.59 -1.26
CA LYS A 436 29.47 -10.94 -1.18
C LYS A 436 29.60 -9.73 -2.09
N ASP A 437 30.13 -8.64 -1.54
CA ASP A 437 30.52 -7.47 -2.32
C ASP A 437 31.23 -6.47 -1.42
CA MET C 1 35.03 20.07 22.11
C MET C 1 33.53 19.89 22.32
N LYS C 2 32.90 20.92 22.88
CA LYS C 2 31.46 20.90 23.14
C LYS C 2 30.84 22.26 22.83
N VAL C 3 29.52 22.35 23.01
CA VAL C 3 28.76 23.54 22.64
C VAL C 3 29.35 24.82 23.23
N GLU C 4 29.65 24.79 24.52
CA GLU C 4 30.14 25.97 25.23
C GLU C 4 31.40 26.56 24.60
N GLU C 5 32.31 25.70 24.17
CA GLU C 5 33.55 26.16 23.55
C GLU C 5 33.31 26.54 22.09
N ILE C 6 32.39 25.84 21.45
CA ILE C 6 32.06 26.11 20.05
C ILE C 6 31.53 27.53 19.89
N LEU C 7 30.55 27.90 20.71
CA LEU C 7 29.96 29.22 20.63
C LEU C 7 30.97 30.30 21.00
N GLU C 8 31.82 30.00 21.98
CA GLU C 8 32.90 30.92 22.36
C GLU C 8 33.78 31.20 21.16
N LYS C 9 34.17 30.14 20.45
CA LYS C 9 34.97 30.27 19.25
C LYS C 9 34.17 30.94 18.13
N ALA C 10 32.85 30.75 18.15
CA ALA C 10 31.99 31.30 17.11
C ALA C 10 31.86 32.81 17.23
N LEU C 11 31.94 33.33 18.46
CA LEU C 11 31.84 34.77 18.69
C LEU C 11 32.94 35.52 17.95
N GLU C 12 34.08 34.87 17.75
CA GLU C 12 35.20 35.47 17.02
C GLU C 12 34.83 35.68 15.56
N LEU C 13 34.07 34.74 15.00
CA LEU C 13 33.66 34.78 13.60
C LEU C 13 32.40 35.63 13.42
N VAL C 14 32.03 36.35 14.47
CA VAL C 14 30.68 36.90 14.58
C VAL C 14 30.67 38.32 15.16
N ILE C 15 31.56 38.58 16.11
CA ILE C 15 31.64 39.90 16.74
C ILE C 15 32.61 40.81 16.00
N PRO C 16 32.18 42.02 15.63
CA PRO C 16 33.09 42.98 14.98
C PRO C 16 34.24 43.39 15.89
N ASP C 17 35.46 43.42 15.36
CA ASP C 17 36.62 43.84 16.13
C ASP C 17 36.55 45.32 16.47
N GLU C 18 37.37 45.75 17.43
CA GLU C 18 37.37 47.13 17.89
C GLU C 18 37.70 48.11 16.77
N GLU C 19 38.38 47.62 15.73
CA GLU C 19 38.72 48.45 14.58
C GLU C 19 37.47 48.75 13.76
N GLU C 20 36.58 47.77 13.64
CA GLU C 20 35.35 47.92 12.87
C GLU C 20 34.35 48.80 13.62
N VAL C 21 34.37 48.72 14.95
CA VAL C 21 33.49 49.54 15.77
C VAL C 21 33.92 51.00 15.73
N ARG C 22 35.22 51.23 15.87
CA ARG C 22 35.77 52.58 15.83
C ARG C 22 35.47 53.25 14.50
N LYS C 23 35.53 52.46 13.42
CA LYS C 23 35.21 52.94 12.09
C LYS C 23 33.76 53.43 12.04
N GLY C 24 32.90 52.78 12.82
CA GLY C 24 31.49 53.10 12.85
C GLY C 24 31.15 54.25 13.78
N ARG C 25 31.89 54.36 14.88
CA ARG C 25 31.65 55.43 15.84
C ARG C 25 32.01 56.79 15.24
N GLU C 26 33.12 56.82 14.52
CA GLU C 26 33.60 58.07 13.91
C GLU C 26 32.67 58.53 12.79
N ALA C 27 31.87 57.62 12.27
CA ALA C 27 30.94 57.95 11.19
C ALA C 27 29.58 58.36 11.73
N GLU C 28 29.28 57.93 12.96
CA GLU C 28 28.01 58.25 13.60
C GLU C 28 27.99 59.69 14.13
N GLU C 29 28.93 59.99 15.02
CA GLU C 29 28.98 61.29 15.67
C GLU C 29 29.20 62.42 14.66
N GLU C 30 29.83 62.09 13.53
CA GLU C 30 30.00 63.05 12.45
C GLU C 30 28.68 63.26 11.73
N LEU C 31 27.92 62.18 11.59
CA LEU C 31 26.64 62.25 10.90
C LEU C 31 25.61 62.99 11.75
N ARG C 32 25.76 62.91 13.06
CA ARG C 32 24.88 63.62 13.98
C ARG C 32 25.16 65.11 13.94
N ARG C 33 26.42 65.47 13.71
CA ARG C 33 26.83 66.87 13.63
C ARG C 33 26.12 67.58 12.49
N ARG C 34 25.88 66.85 11.40
CA ARG C 34 25.25 67.43 10.22
C ARG C 34 23.74 67.52 10.36
N LEU C 35 23.18 66.72 11.27
CA LEU C 35 21.75 66.71 11.51
C LEU C 35 21.35 67.74 12.56
N ASP C 36 22.33 68.22 13.31
CA ASP C 36 22.09 69.24 14.34
C ASP C 36 22.24 70.63 13.73
N GLU C 37 23.09 70.77 12.73
CA GLU C 37 23.29 72.04 12.04
C GLU C 37 22.00 72.49 11.36
N LEU C 38 21.33 71.55 10.69
CA LEU C 38 20.09 71.86 9.99
C LEU C 38 18.90 71.84 10.95
N GLY C 39 19.09 71.21 12.10
CA GLY C 39 18.07 71.17 13.13
C GLY C 39 16.79 70.46 12.68
N VAL C 40 16.94 69.18 12.33
CA VAL C 40 15.81 68.36 11.89
C VAL C 40 15.65 67.17 12.83
N GLU C 41 14.41 66.72 13.01
CA GLU C 41 14.12 65.55 13.83
C GLU C 41 14.68 64.29 13.19
N TYR C 42 15.48 63.54 13.94
CA TYR C 42 16.06 62.30 13.45
C TYR C 42 16.18 61.27 14.55
N VAL C 43 16.43 60.01 14.17
CA VAL C 43 16.60 58.93 15.13
C VAL C 43 17.38 57.78 14.51
N PHE C 44 18.41 57.32 15.23
CA PHE C 44 19.19 56.17 14.81
C PHE C 44 18.49 54.89 15.24
N VAL C 45 18.23 54.01 14.27
CA VAL C 45 17.58 52.74 14.52
C VAL C 45 18.39 51.60 13.92
N GLY C 46 17.82 50.39 13.94
CA GLY C 46 18.39 49.27 13.23
C GLY C 46 19.48 48.53 13.98
N SER C 47 20.18 47.67 13.27
CA SER C 47 21.19 46.79 13.87
C SER C 47 22.35 47.58 14.46
N TYR C 48 22.69 48.71 13.83
CA TYR C 48 23.79 49.53 14.33
C TYR C 48 23.44 50.18 15.65
N ALA C 49 22.25 50.77 15.71
CA ALA C 49 21.79 51.47 16.91
C ALA C 49 21.72 50.54 18.11
N ARG C 50 21.30 49.30 17.87
CA ARG C 50 21.14 48.32 18.93
C ARG C 50 22.41 47.51 19.17
N ASN C 51 23.43 47.74 18.35
CA ASN C 51 24.70 47.04 18.48
C ASN C 51 24.52 45.52 18.35
N THR C 52 23.94 45.10 17.24
CA THR C 52 23.71 43.69 16.97
C THR C 52 24.08 43.34 15.53
N TRP C 53 24.79 44.24 14.86
CA TRP C 53 25.19 43.99 13.48
C TRP C 53 26.27 42.92 13.43
N LEU C 54 26.18 42.05 12.42
CA LEU C 54 27.13 40.96 12.27
C LEU C 54 28.43 41.47 11.69
N LYS C 55 29.52 40.78 11.98
CA LYS C 55 30.85 41.19 11.55
C LYS C 55 30.93 41.33 10.03
N GLY C 56 31.41 42.49 9.57
CA GLY C 56 31.60 42.74 8.16
C GLY C 56 30.43 43.44 7.49
N SER C 57 29.27 43.41 8.16
CA SER C 57 28.04 43.96 7.58
C SER C 57 27.63 45.27 8.24
N LEU C 58 28.60 46.12 8.53
CA LEU C 58 28.34 47.40 9.17
C LEU C 58 27.54 48.32 8.26
N GLU C 59 26.41 48.81 8.78
CA GLU C 59 25.50 49.63 7.99
C GLU C 59 24.61 50.46 8.92
N ILE C 60 24.73 51.78 8.83
CA ILE C 60 24.03 52.69 9.73
C ILE C 60 22.70 53.15 9.14
N ASP C 61 21.63 53.00 9.92
CA ASP C 61 20.30 53.44 9.53
C ASP C 61 19.87 54.67 10.32
N VAL C 62 19.45 55.71 9.61
CA VAL C 62 18.99 56.95 10.25
C VAL C 62 17.66 57.37 9.63
N PHE C 63 16.61 57.35 10.44
CA PHE C 63 15.27 57.71 9.98
C PHE C 63 14.97 59.18 10.25
N LEU C 64 14.46 59.86 9.23
CA LEU C 64 14.07 61.26 9.35
C LEU C 64 12.59 61.36 9.72
N LEU C 65 12.33 61.79 10.95
CA LEU C 65 10.97 61.95 11.43
C LEU C 65 10.37 63.25 10.90
N PHE C 66 9.10 63.21 10.53
CA PHE C 66 8.38 64.41 10.11
C PHE C 66 6.96 64.39 10.68
N PRO C 67 6.43 65.57 11.06
CA PRO C 67 5.09 65.65 11.64
C PRO C 67 4.00 65.01 10.79
N GLU C 68 2.87 64.69 11.42
CA GLU C 68 1.74 64.12 10.71
C GLU C 68 1.12 65.12 9.75
N GLU C 69 1.44 66.40 9.94
CA GLU C 69 0.93 67.46 9.08
C GLU C 69 1.66 67.51 7.73
N PHE C 70 1.78 66.35 7.08
CA PHE C 70 2.42 66.24 5.78
C PHE C 70 1.71 65.18 4.95
N SER C 71 1.63 65.40 3.64
CA SER C 71 1.07 64.41 2.74
C SER C 71 2.16 63.42 2.33
N LYS C 72 1.75 62.33 1.70
CA LYS C 72 2.69 61.29 1.29
C LYS C 72 3.71 61.78 0.26
N GLU C 73 3.43 62.93 -0.34
CA GLU C 73 4.27 63.47 -1.41
C GLU C 73 5.37 64.39 -0.88
N GLU C 74 5.03 65.19 0.13
CA GLU C 74 5.94 66.21 0.65
C GLU C 74 7.15 65.63 1.35
N LEU C 75 7.03 64.39 1.83
CA LEU C 75 8.06 63.80 2.69
C LEU C 75 9.38 63.53 1.97
N ARG C 76 9.32 63.08 0.73
CA ARG C 76 10.53 62.66 0.02
C ARG C 76 11.39 63.85 -0.40
N GLU C 77 10.75 64.97 -0.70
CA GLU C 77 11.47 66.15 -1.20
C GLU C 77 12.45 66.66 -0.15
N ARG C 78 11.92 67.22 0.94
CA ARG C 78 12.77 67.69 2.03
C ARG C 78 13.38 66.52 2.79
N GLY C 79 12.96 65.30 2.45
CA GLY C 79 13.56 64.11 3.02
C GLY C 79 14.91 63.83 2.38
N LEU C 80 14.89 63.55 1.09
CA LEU C 80 16.12 63.27 0.34
C LEU C 80 17.07 64.47 0.36
N GLU C 81 16.52 65.67 0.36
CA GLU C 81 17.33 66.89 0.36
C GLU C 81 18.19 66.99 1.62
N ILE C 82 17.61 66.67 2.77
CA ILE C 82 18.37 66.60 4.00
C ILE C 82 19.33 65.41 3.93
N GLY C 83 18.93 64.39 3.17
CA GLY C 83 19.77 63.21 2.97
C GLY C 83 21.01 63.53 2.16
N LYS C 84 20.82 64.25 1.05
CA LYS C 84 21.92 64.59 0.16
C LYS C 84 22.86 65.60 0.81
N ALA C 85 22.32 66.48 1.65
CA ALA C 85 23.10 67.52 2.31
C ALA C 85 23.67 67.03 3.63
N VAL C 86 23.87 65.72 3.75
CA VAL C 86 24.43 65.12 4.96
C VAL C 86 25.40 63.98 4.60
N LEU C 87 25.21 63.39 3.43
CA LEU C 87 26.03 62.26 2.97
C LEU C 87 27.09 62.71 1.97
N ASP C 88 28.30 62.16 2.08
CA ASP C 88 29.43 62.61 1.28
C ASP C 88 29.31 62.14 -0.17
N SER C 89 29.47 60.84 -0.39
CA SER C 89 29.38 60.24 -1.72
C SER C 89 28.06 59.49 -1.84
N TYR C 90 26.98 60.24 -2.03
CA TYR C 90 25.64 59.68 -2.00
C TYR C 90 25.12 59.29 -3.37
N GLU C 91 24.12 58.42 -3.38
CA GLU C 91 23.38 58.08 -4.59
C GLU C 91 21.90 58.05 -4.23
N ILE C 92 21.11 57.29 -5.00
CA ILE C 92 19.69 57.11 -4.68
C ILE C 92 19.28 55.66 -4.93
N ARG C 93 18.74 55.04 -3.89
CA ARG C 93 18.28 53.65 -3.96
C ARG C 93 16.76 53.58 -3.98
N TYR C 94 16.22 52.51 -4.55
CA TYR C 94 14.78 52.32 -4.61
C TYR C 94 14.33 51.01 -3.96
N ALA C 95 13.66 51.17 -2.82
CA ALA C 95 13.01 50.06 -2.12
C ALA C 95 11.87 50.66 -1.33
N GLU C 96 10.65 50.26 -1.64
CA GLU C 96 9.45 50.86 -1.06
C GLU C 96 9.30 52.32 -1.51
N HIS C 97 9.95 53.25 -0.81
CA HIS C 97 9.92 54.66 -1.16
C HIS C 97 11.33 55.16 -1.45
N PRO C 98 11.46 56.33 -2.09
CA PRO C 98 12.79 56.89 -2.37
C PRO C 98 13.56 57.23 -1.10
N TYR C 99 14.86 56.97 -1.10
CA TYR C 99 15.73 57.32 0.01
C TYR C 99 17.17 57.43 -0.46
N VAL C 100 18.00 58.10 0.33
CA VAL C 100 19.38 58.38 -0.05
C VAL C 100 20.34 57.36 0.58
N HIS C 101 21.40 57.02 -0.16
CA HIS C 101 22.42 56.10 0.30
C HIS C 101 23.80 56.61 -0.06
N GLY C 102 24.70 56.66 0.91
CA GLY C 102 26.04 57.17 0.68
C GLY C 102 27.01 56.79 1.78
N VAL C 103 28.30 56.95 1.51
CA VAL C 103 29.36 56.62 2.46
C VAL C 103 29.83 57.86 3.20
N VAL C 104 29.89 57.76 4.53
CA VAL C 104 30.35 58.86 5.37
C VAL C 104 31.48 58.37 6.27
N LYS C 105 32.69 58.82 5.98
CA LYS C 105 33.88 58.44 6.74
C LYS C 105 34.07 56.92 6.78
N GLY C 106 33.99 56.29 5.61
CA GLY C 106 34.29 54.88 5.47
C GLY C 106 33.07 53.99 5.21
N VAL C 107 32.07 54.09 6.08
CA VAL C 107 30.93 53.19 6.04
C VAL C 107 29.73 53.82 5.33
N GLU C 108 28.93 52.98 4.68
CA GLU C 108 27.72 53.45 4.00
C GLU C 108 26.58 53.71 5.00
N VAL C 109 25.67 54.60 4.62
CA VAL C 109 24.56 54.99 5.47
C VAL C 109 23.29 55.13 4.65
N ASP C 110 22.14 54.86 5.27
CA ASP C 110 20.85 54.99 4.62
C ASP C 110 19.98 55.99 5.39
N VAL C 111 19.39 56.94 4.66
CA VAL C 111 18.54 57.96 5.25
C VAL C 111 17.11 57.83 4.73
N VAL C 112 16.23 57.29 5.57
CA VAL C 112 14.85 57.00 5.17
C VAL C 112 13.87 57.98 5.82
N PRO C 113 13.12 58.73 5.00
CA PRO C 113 12.10 59.60 5.59
C PRO C 113 10.87 58.82 6.06
N CYS C 114 10.24 59.29 7.13
CA CYS C 114 9.00 58.68 7.62
C CYS C 114 8.30 59.62 8.59
N TYR C 115 7.06 59.29 8.94
CA TYR C 115 6.30 60.11 9.88
C TYR C 115 6.67 59.82 11.33
N LYS C 116 6.53 60.84 12.16
CA LYS C 116 6.58 60.66 13.61
C LYS C 116 5.15 60.33 14.05
N LEU C 117 4.98 59.19 14.69
CA LEU C 117 3.66 58.72 15.08
C LEU C 117 3.61 58.50 16.59
N LYS C 118 2.42 58.64 17.15
CA LYS C 118 2.24 58.52 18.60
C LYS C 118 2.03 57.05 18.98
N GLU C 119 0.95 56.47 18.47
CA GLU C 119 0.67 55.05 18.68
C GLU C 119 0.86 54.30 17.37
N PRO C 120 1.05 52.97 17.45
CA PRO C 120 1.21 52.18 16.21
C PRO C 120 -0.11 51.94 15.45
N LYS C 121 -0.99 52.94 15.44
CA LYS C 121 -2.26 52.83 14.73
C LYS C 121 -2.25 53.60 13.41
N ASN C 122 -1.55 54.74 13.41
CA ASN C 122 -1.46 55.59 12.23
C ASN C 122 -0.35 55.13 11.28
N ILE C 123 -0.13 53.82 11.22
CA ILE C 123 0.93 53.25 10.40
C ILE C 123 0.41 52.98 8.99
N LYS C 124 0.73 53.87 8.06
CA LYS C 124 0.32 53.71 6.67
C LYS C 124 1.37 52.92 5.89
N SER C 125 2.63 53.37 5.98
CA SER C 125 3.72 52.71 5.29
C SER C 125 4.41 51.69 6.17
N ALA C 126 5.38 50.97 5.60
CA ALA C 126 6.12 49.95 6.32
C ALA C 126 7.29 50.56 7.11
N VAL C 127 7.87 51.62 6.57
CA VAL C 127 8.97 52.30 7.23
C VAL C 127 8.52 53.02 8.50
N ASP C 128 7.20 53.08 8.71
CA ASP C 128 6.64 53.70 9.90
C ASP C 128 6.68 52.75 11.10
N ARG C 129 6.95 51.47 10.83
CA ARG C 129 7.03 50.47 11.89
C ARG C 129 8.45 50.35 12.45
N THR C 130 9.43 50.75 11.64
CA THR C 130 10.84 50.57 12.01
C THR C 130 11.22 51.30 13.32
N PRO C 131 10.69 52.52 13.52
CA PRO C 131 10.97 53.18 14.80
C PRO C 131 10.42 52.42 15.99
N PHE C 132 9.17 51.94 15.87
CA PHE C 132 8.53 51.20 16.94
C PHE C 132 9.23 49.87 17.21
N HIS C 133 9.71 49.22 16.15
CA HIS C 133 10.47 47.98 16.29
C HIS C 133 11.71 48.24 17.14
N HIS C 134 12.44 49.30 16.79
CA HIS C 134 13.64 49.68 17.53
C HIS C 134 13.29 50.04 18.98
N LYS C 135 12.21 50.80 19.15
CA LYS C 135 11.79 51.24 20.46
C LYS C 135 11.35 50.08 21.34
N TRP C 136 10.88 49.01 20.72
CA TRP C 136 10.41 47.84 21.45
C TRP C 136 11.58 46.94 21.87
N LEU C 137 12.66 47.01 21.10
CA LEU C 137 13.80 46.10 21.28
C LEU C 137 14.95 46.70 22.08
N GLU C 138 15.12 48.01 22.01
CA GLU C 138 16.34 48.66 22.53
C GLU C 138 16.60 48.34 24.00
N GLY C 139 15.53 48.17 24.77
CA GLY C 139 15.66 47.82 26.18
C GLY C 139 15.73 46.32 26.41
N ARG C 140 14.95 45.58 25.63
CA ARG C 140 14.82 44.14 25.83
C ARG C 140 16.01 43.34 25.30
N ILE C 141 16.71 43.88 24.32
CA ILE C 141 17.80 43.16 23.68
C ILE C 141 19.15 43.41 24.36
N LYS C 142 19.21 44.45 25.19
CA LYS C 142 20.43 44.77 25.92
C LYS C 142 20.89 43.60 26.77
N GLY C 143 22.13 43.18 26.56
CA GLY C 143 22.70 42.04 27.27
C GLY C 143 22.55 40.74 26.51
N LYS C 144 21.94 40.81 25.32
CA LYS C 144 21.68 39.62 24.50
C LYS C 144 22.20 39.80 23.09
N GLU C 145 23.00 40.84 22.87
CA GLU C 145 23.44 41.19 21.51
C GLU C 145 24.32 40.12 20.88
N ASN C 146 25.16 39.45 21.69
CA ASN C 146 26.00 38.38 21.16
C ASN C 146 25.17 37.15 20.78
N GLU C 147 24.06 36.95 21.49
CA GLU C 147 23.15 35.87 21.15
C GLU C 147 22.50 36.14 19.80
N VAL C 148 22.17 37.40 19.56
CA VAL C 148 21.62 37.83 18.28
C VAL C 148 22.64 37.61 17.17
N ARG C 149 23.89 37.92 17.46
CA ARG C 149 24.95 37.83 16.46
C ARG C 149 25.26 36.38 16.11
N LEU C 150 25.16 35.49 17.10
CA LEU C 150 25.37 34.06 16.85
C LEU C 150 24.31 33.52 15.91
N LEU C 151 23.06 33.87 16.16
CA LEU C 151 21.94 33.41 15.33
C LEU C 151 22.08 33.94 13.91
N LYS C 152 22.45 35.21 13.79
CA LYS C 152 22.66 35.82 12.47
C LYS C 152 23.79 35.14 11.72
N GLY C 153 24.89 34.87 12.42
CA GLY C 153 26.03 34.21 11.83
C GLY C 153 25.71 32.79 11.42
N PHE C 154 25.00 32.09 12.31
CA PHE C 154 24.55 30.73 12.05
C PHE C 154 23.71 30.67 10.77
N LEU C 155 22.88 31.69 10.57
CA LEU C 155 21.98 31.75 9.43
C LEU C 155 22.68 32.17 8.14
N LYS C 156 23.53 33.20 8.22
CA LYS C 156 24.23 33.68 7.03
C LYS C 156 25.17 32.62 6.49
N ALA C 157 25.74 31.81 7.38
CA ALA C 157 26.64 30.74 6.97
C ALA C 157 25.90 29.72 6.10
N ASN C 158 24.66 29.42 6.49
CA ASN C 158 23.86 28.41 5.79
C ASN C 158 22.87 29.03 4.81
N GLY C 159 23.21 30.21 4.29
CA GLY C 159 22.48 30.82 3.19
C GLY C 159 21.02 31.10 3.41
N ILE C 160 20.60 31.34 4.66
CA ILE C 160 19.20 31.64 4.96
C ILE C 160 19.04 32.81 5.93
N TYR C 161 20.00 33.74 5.89
CA TYR C 161 19.86 35.02 6.59
C TYR C 161 19.47 36.11 5.60
N GLY C 162 18.49 36.92 5.98
CA GLY C 162 18.01 37.99 5.12
C GLY C 162 16.63 37.67 4.57
N ALA C 163 15.72 38.64 4.70
CA ALA C 163 14.35 38.46 4.23
C ALA C 163 14.15 38.97 2.81
N GLU C 164 15.21 39.49 2.19
CA GLU C 164 15.11 39.95 0.81
C GLU C 164 14.81 38.77 -0.11
N TYR C 165 14.17 39.04 -1.24
CA TYR C 165 13.65 37.97 -2.09
C TYR C 165 14.72 37.04 -2.65
N LYS C 166 15.97 37.48 -2.67
CA LYS C 166 17.06 36.64 -3.12
C LYS C 166 17.27 35.46 -2.15
N VAL C 167 16.93 35.68 -0.89
CA VAL C 167 17.18 34.69 0.16
C VAL C 167 15.89 34.07 0.67
N ARG C 168 14.86 34.89 0.85
CA ARG C 168 13.60 34.44 1.46
C ARG C 168 13.87 33.77 2.81
N GLY C 169 14.72 34.40 3.62
CA GLY C 169 15.11 33.85 4.90
C GLY C 169 14.69 34.70 6.08
N PHE C 170 15.51 34.69 7.13
CA PHE C 170 15.20 35.39 8.37
C PHE C 170 15.69 36.83 8.33
N SER C 171 14.79 37.77 8.60
CA SER C 171 15.17 39.17 8.73
C SER C 171 15.93 39.36 10.03
N GLY C 172 16.69 40.45 10.11
CA GLY C 172 17.42 40.78 11.32
C GLY C 172 16.47 41.03 12.48
N TYR C 173 15.36 41.69 12.18
CA TYR C 173 14.33 41.96 13.18
C TYR C 173 13.76 40.67 13.73
N LEU C 174 13.54 39.70 12.86
CA LEU C 174 13.04 38.39 13.28
C LEU C 174 14.03 37.71 14.21
N CYS C 175 15.31 37.80 13.88
CA CYS C 175 16.36 37.17 14.67
C CYS C 175 16.36 37.71 16.10
N GLU C 176 16.21 39.01 16.24
CA GLU C 176 16.25 39.63 17.57
C GLU C 176 15.01 39.28 18.38
N LEU C 177 13.86 39.21 17.71
CA LEU C 177 12.62 38.80 18.37
C LEU C 177 12.74 37.38 18.92
N LEU C 178 13.37 36.49 18.15
CA LEU C 178 13.53 35.10 18.58
C LEU C 178 14.41 35.01 19.82
N ILE C 179 15.48 35.79 19.86
CA ILE C 179 16.39 35.80 21.01
C ILE C 179 15.69 36.33 22.25
N VAL C 180 14.90 37.38 22.09
CA VAL C 180 14.13 37.93 23.20
C VAL C 180 13.10 36.90 23.68
N PHE C 181 12.60 36.10 22.75
CA PHE C 181 11.60 35.10 23.09
C PHE C 181 12.24 33.93 23.83
N TYR C 182 13.31 33.38 23.27
CA TYR C 182 13.94 32.18 23.83
C TYR C 182 15.09 32.49 24.78
N GLY C 183 15.50 33.76 24.82
CA GLY C 183 16.52 34.20 25.75
C GLY C 183 17.94 34.08 25.23
N SER C 184 18.18 33.10 24.36
CA SER C 184 19.53 32.84 23.86
C SER C 184 19.51 32.12 22.52
N PHE C 185 20.68 32.03 21.88
CA PHE C 185 20.82 31.35 20.60
C PHE C 185 20.59 29.85 20.77
N LEU C 186 21.19 29.28 21.82
CA LEU C 186 21.12 27.84 22.03
C LEU C 186 19.70 27.35 22.30
N GLU C 187 18.91 28.18 22.99
CA GLU C 187 17.51 27.82 23.28
C GLU C 187 16.62 27.96 22.06
N THR C 188 16.97 28.90 21.17
CA THR C 188 16.24 29.09 19.93
C THR C 188 16.43 27.84 19.06
N VAL C 189 17.67 27.41 18.93
CA VAL C 189 18.01 26.23 18.15
C VAL C 189 17.37 24.98 18.74
N LYS C 190 17.33 24.90 20.07
CA LYS C 190 16.75 23.74 20.74
C LYS C 190 15.25 23.63 20.48
N ASN C 191 14.54 24.75 20.62
CA ASN C 191 13.09 24.76 20.45
C ASN C 191 12.66 24.68 18.99
N ALA C 192 13.47 25.25 18.10
CA ALA C 192 13.14 25.31 16.68
C ALA C 192 13.05 23.91 16.07
N ARG C 193 13.71 22.95 16.70
CA ARG C 193 13.67 21.56 16.25
C ARG C 193 12.23 21.04 16.22
N ARG C 194 11.36 21.69 16.98
CA ARG C 194 9.96 21.30 17.08
C ARG C 194 9.03 22.27 16.38
N TRP C 195 9.59 23.22 15.63
CA TRP C 195 8.77 24.12 14.82
C TRP C 195 8.12 23.33 13.68
N THR C 196 6.89 23.70 13.33
CA THR C 196 6.20 23.12 12.19
C THR C 196 5.73 24.24 11.28
N ARG C 197 5.16 23.88 10.14
CA ARG C 197 4.69 24.87 9.17
C ARG C 197 3.43 25.59 9.65
N ARG C 198 3.00 25.31 10.89
CA ARG C 198 1.83 25.96 11.47
C ARG C 198 2.09 26.53 12.86
N THR C 199 3.36 26.53 13.27
CA THR C 199 3.74 27.11 14.56
C THR C 199 3.50 28.61 14.56
N VAL C 200 2.92 29.11 15.63
CA VAL C 200 2.75 30.54 15.83
C VAL C 200 3.52 30.96 17.07
N ILE C 201 4.44 31.91 16.89
CA ILE C 201 5.23 32.45 18.00
C ILE C 201 4.75 33.86 18.30
N ASP C 202 4.05 34.01 19.43
CA ASP C 202 3.53 35.31 19.86
C ASP C 202 4.43 35.88 20.95
N VAL C 203 5.35 36.75 20.54
CA VAL C 203 6.40 37.24 21.42
C VAL C 203 5.82 38.06 22.59
N ALA C 204 4.97 39.02 22.25
CA ALA C 204 4.41 39.92 23.26
C ALA C 204 3.59 39.18 24.30
N LYS C 205 2.94 38.10 23.88
CA LYS C 205 2.11 37.30 24.79
C LYS C 205 2.89 36.15 25.42
N GLY C 206 4.15 35.98 24.98
CA GLY C 206 5.04 35.00 25.58
C GLY C 206 4.56 33.56 25.46
N GLU C 207 3.88 33.24 24.37
CA GLU C 207 3.34 31.90 24.17
C GLU C 207 3.51 31.41 22.74
N VAL C 208 3.61 30.09 22.59
CA VAL C 208 3.58 29.44 21.29
C VAL C 208 2.23 28.75 21.15
N ARG C 209 1.73 28.69 19.91
CA ARG C 209 0.47 28.00 19.65
C ARG C 209 0.43 27.53 18.21
N LYS C 210 -0.65 26.83 17.85
CA LYS C 210 -0.82 26.30 16.51
C LYS C 210 -1.70 27.23 15.68
N GLY C 211 -1.35 27.40 14.40
CA GLY C 211 -2.07 28.29 13.52
C GLY C 211 -2.25 27.73 12.12
N GLU C 212 -2.36 28.63 11.15
CA GLU C 212 -2.60 28.25 9.76
C GLU C 212 -1.29 28.26 8.95
N GLU C 213 -0.25 28.86 9.53
CA GLU C 213 1.01 29.05 8.84
C GLU C 213 2.08 29.42 9.85
N PHE C 214 3.35 29.33 9.47
CA PHE C 214 4.42 29.78 10.35
C PHE C 214 4.32 31.29 10.50
N PHE C 215 4.03 31.73 11.72
CA PHE C 215 3.63 33.11 11.97
C PHE C 215 4.29 33.64 13.24
N VAL C 216 5.19 34.61 13.08
CA VAL C 216 5.82 35.28 14.20
C VAL C 216 5.15 36.63 14.39
N VAL C 217 4.30 36.73 15.40
CA VAL C 217 3.50 37.93 15.65
C VAL C 217 4.39 39.12 16.04
N ASP C 218 4.28 40.20 15.27
CA ASP C 218 5.02 41.42 15.54
C ASP C 218 4.47 42.08 16.81
N PRO C 219 5.34 42.34 17.80
CA PRO C 219 4.88 43.02 19.02
C PRO C 219 4.18 44.35 18.76
N VAL C 220 4.56 45.03 17.69
CA VAL C 220 4.04 46.36 17.39
C VAL C 220 2.68 46.29 16.69
N ASP C 221 2.45 45.20 15.96
CA ASP C 221 1.20 45.02 15.22
C ASP C 221 0.89 43.53 15.12
N GLU C 222 -0.12 43.09 15.86
CA GLU C 222 -0.43 41.67 15.98
C GLU C 222 -0.85 41.04 14.65
N LYS C 223 -1.33 41.87 13.72
CA LYS C 223 -1.81 41.37 12.43
C LYS C 223 -0.65 41.14 11.45
N ARG C 224 0.55 41.56 11.82
CA ARG C 224 1.71 41.40 10.93
C ARG C 224 2.55 40.18 11.29
N ASN C 225 2.92 39.43 10.26
CA ASN C 225 3.82 38.29 10.39
C ASN C 225 5.25 38.72 10.08
N VAL C 226 6.09 38.73 11.11
CA VAL C 226 7.49 39.14 10.95
C VAL C 226 8.23 38.16 10.04
N ALA C 227 7.70 36.95 9.93
CA ALA C 227 8.35 35.88 9.15
C ALA C 227 7.61 35.62 7.83
N ALA C 228 6.94 36.64 7.32
CA ALA C 228 6.11 36.49 6.12
C ALA C 228 6.91 36.01 4.90
N ASN C 229 8.08 36.59 4.67
CA ASN C 229 8.88 36.25 3.49
C ASN C 229 9.88 35.13 3.75
N LEU C 230 9.78 34.48 4.90
CA LEU C 230 10.54 33.26 5.15
C LEU C 230 9.84 32.10 4.49
N SER C 231 10.44 31.55 3.44
CA SER C 231 9.82 30.49 2.66
C SER C 231 9.66 29.22 3.50
N LEU C 232 8.77 28.34 3.05
CA LEU C 232 8.51 27.07 3.70
C LEU C 232 9.75 26.17 3.71
N ASP C 233 10.48 26.17 2.60
CA ASP C 233 11.63 25.28 2.46
C ASP C 233 12.84 25.78 3.26
N ASN C 234 12.93 27.09 3.47
CA ASN C 234 14.00 27.63 4.32
C ASN C 234 13.68 27.39 5.79
N LEU C 235 12.38 27.38 6.12
CA LEU C 235 11.96 26.99 7.46
C LEU C 235 12.38 25.55 7.72
N ALA C 236 12.01 24.67 6.79
CA ALA C 236 12.36 23.26 6.87
C ALA C 236 13.88 23.08 7.02
N ARG C 237 14.64 23.86 6.26
CA ARG C 237 16.09 23.76 6.30
C ARG C 237 16.65 24.20 7.65
N PHE C 238 16.02 25.19 8.26
CA PHE C 238 16.46 25.68 9.57
C PHE C 238 16.17 24.65 10.65
N VAL C 239 14.97 24.06 10.60
CA VAL C 239 14.57 23.02 11.54
C VAL C 239 15.55 21.85 11.46
N HIS C 240 15.81 21.39 10.23
CA HIS C 240 16.72 20.29 10.00
C HIS C 240 18.13 20.66 10.48
N LEU C 241 18.56 21.88 10.17
CA LEU C 241 19.88 22.36 10.59
C LEU C 241 20.02 22.36 12.10
N CYS C 242 19.00 22.85 12.79
CA CYS C 242 19.01 22.92 14.25
C CYS C 242 19.10 21.52 14.86
N ARG C 243 18.40 20.57 14.26
CA ARG C 243 18.43 19.19 14.74
C ARG C 243 19.82 18.60 14.61
N GLU C 244 20.44 18.79 13.45
CA GLU C 244 21.77 18.28 13.18
C GLU C 244 22.81 18.90 14.12
N PHE C 245 22.66 20.20 14.38
CA PHE C 245 23.62 20.91 15.22
C PHE C 245 23.60 20.38 16.66
N MET C 246 22.41 20.19 17.22
CA MET C 246 22.29 19.67 18.58
C MET C 246 22.84 18.25 18.66
N GLU C 247 22.67 17.49 17.58
CA GLU C 247 23.10 16.09 17.57
C GLU C 247 24.62 15.97 17.51
N ALA C 248 25.25 16.80 16.69
CA ALA C 248 26.71 16.79 16.52
C ALA C 248 27.23 18.21 16.34
N PRO C 249 27.25 19.01 17.41
CA PRO C 249 27.67 20.41 17.34
C PRO C 249 29.05 20.57 16.74
N SER C 250 29.26 21.65 16.00
CA SER C 250 30.54 21.92 15.36
C SER C 250 30.62 23.38 14.93
N LEU C 251 31.83 23.93 14.94
CA LEU C 251 32.04 25.32 14.55
C LEU C 251 31.82 25.50 13.05
N GLY C 252 31.84 24.39 12.31
CA GLY C 252 31.65 24.42 10.88
C GLY C 252 30.31 25.01 10.46
N PHE C 253 29.30 24.83 11.31
CA PHE C 253 27.97 25.38 11.06
C PHE C 253 28.01 26.90 10.91
N PHE C 254 29.04 27.52 11.47
CA PHE C 254 29.18 28.98 11.44
C PHE C 254 30.14 29.45 10.35
N LYS C 255 30.65 28.51 9.56
CA LYS C 255 31.55 28.82 8.47
C LYS C 255 30.89 28.48 7.14
N PRO C 256 30.97 29.40 6.16
CA PRO C 256 30.33 29.12 4.86
C PRO C 256 30.95 27.90 4.18
N LYS C 257 30.12 27.08 3.54
CA LYS C 257 30.58 25.84 2.94
C LYS C 257 31.40 26.12 1.68
N HIS C 258 32.16 25.11 1.27
CA HIS C 258 33.01 25.21 0.09
C HIS C 258 32.17 25.51 -1.16
N PRO C 259 32.77 26.16 -2.17
CA PRO C 259 32.03 26.49 -3.39
C PRO C 259 31.69 25.26 -4.23
N LEU C 260 32.39 24.16 -3.98
CA LEU C 260 32.21 22.93 -4.76
C LEU C 260 32.38 23.17 -6.25
N GLU C 261 33.63 23.17 -6.71
CA GLU C 261 33.92 23.30 -8.13
C GLU C 261 34.29 21.96 -8.74
N ILE C 262 33.43 21.50 -9.65
CA ILE C 262 33.59 20.21 -10.31
C ILE C 262 34.06 20.44 -11.73
N GLU C 263 34.90 19.54 -12.24
CA GLU C 263 35.41 19.69 -13.60
C GLU C 263 34.35 19.27 -14.61
N PRO C 264 34.38 19.87 -15.82
CA PRO C 264 33.35 19.63 -16.83
C PRO C 264 33.17 18.17 -17.23
N GLU C 265 34.21 17.36 -17.09
CA GLU C 265 34.15 15.97 -17.54
C GLU C 265 33.41 15.07 -16.56
N ARG C 266 33.60 15.31 -15.26
CA ARG C 266 32.89 14.54 -14.26
C ARG C 266 31.41 14.91 -14.31
N LEU C 267 31.13 16.17 -14.62
CA LEU C 267 29.77 16.67 -14.69
C LEU C 267 29.05 16.06 -15.89
N ARG C 268 29.76 15.94 -17.01
CA ARG C 268 29.21 15.30 -18.20
C ARG C 268 28.90 13.83 -17.90
N LYS C 269 29.83 13.17 -17.21
CA LYS C 269 29.69 11.76 -16.88
C LYS C 269 28.51 11.54 -15.94
N ILE C 270 28.23 12.53 -15.09
CA ILE C 270 27.10 12.46 -14.18
C ILE C 270 25.78 12.55 -14.95
N VAL C 271 25.68 13.53 -15.85
CA VAL C 271 24.47 13.73 -16.64
C VAL C 271 24.16 12.49 -17.47
N GLU C 272 25.19 11.82 -17.98
CA GLU C 272 25.01 10.59 -18.73
C GLU C 272 24.41 9.50 -17.85
N GLU C 273 24.97 9.34 -16.65
CA GLU C 273 24.51 8.32 -15.72
C GLU C 273 23.06 8.55 -15.31
N ARG C 274 22.68 9.80 -15.15
CA ARG C 274 21.30 10.15 -14.82
C ARG C 274 20.37 9.87 -15.99
N GLY C 275 20.87 10.08 -17.20
CA GLY C 275 20.11 9.82 -18.40
C GLY C 275 19.04 10.88 -18.66
N THR C 276 19.24 12.06 -18.08
CA THR C 276 18.28 13.16 -18.21
C THR C 276 18.74 14.16 -19.25
N ALA C 277 17.82 15.03 -19.66
CA ALA C 277 18.15 16.19 -20.47
C ALA C 277 18.41 17.36 -19.54
N VAL C 278 19.57 17.99 -19.70
CA VAL C 278 19.94 19.14 -18.87
C VAL C 278 20.27 20.29 -19.80
N PHE C 279 19.62 21.43 -19.59
CA PHE C 279 19.81 22.60 -20.44
C PHE C 279 19.50 23.88 -19.70
N ALA C 280 19.84 25.00 -20.33
CA ALA C 280 19.64 26.31 -19.73
C ALA C 280 19.10 27.31 -20.73
N VAL C 281 18.24 28.21 -20.25
CA VAL C 281 17.84 29.38 -21.00
C VAL C 281 18.77 30.52 -20.57
N LYS C 282 19.50 31.09 -21.53
CA LYS C 282 20.42 32.18 -21.24
C LYS C 282 19.92 33.48 -21.87
N PHE C 283 19.81 34.52 -21.05
CA PHE C 283 19.41 35.83 -21.52
C PHE C 283 20.11 36.91 -20.71
N ARG C 284 20.11 38.15 -21.21
CA ARG C 284 20.81 39.24 -20.56
C ARG C 284 20.02 39.78 -19.36
N LYS C 285 20.70 40.00 -18.26
CA LYS C 285 20.04 40.42 -17.01
C LYS C 285 19.43 41.82 -17.15
N PRO C 286 18.14 41.97 -16.78
CA PRO C 286 17.56 43.31 -16.75
C PRO C 286 18.20 44.18 -15.68
N ASP C 287 18.33 45.47 -15.94
CA ASP C 287 18.93 46.38 -14.96
C ASP C 287 17.88 46.80 -13.93
N ILE C 288 17.66 45.94 -12.95
CA ILE C 288 16.68 46.19 -11.89
C ILE C 288 17.21 45.67 -10.56
N VAL C 289 16.63 46.16 -9.48
CA VAL C 289 17.02 45.73 -8.14
C VAL C 289 16.70 44.24 -7.95
N ASP C 290 17.46 43.58 -7.07
CA ASP C 290 17.31 42.15 -6.86
C ASP C 290 15.91 41.76 -6.42
N ASP C 291 15.26 42.63 -5.65
CA ASP C 291 13.91 42.35 -5.16
C ASP C 291 12.89 42.34 -6.30
N ASN C 292 13.26 42.93 -7.43
CA ASN C 292 12.45 42.86 -8.64
C ASN C 292 12.88 41.69 -9.50
N LEU C 293 14.19 41.46 -9.56
CA LEU C 293 14.77 40.44 -10.43
C LEU C 293 14.38 39.03 -10.02
N TYR C 294 14.71 38.66 -8.79
CA TYR C 294 14.62 37.28 -8.35
C TYR C 294 13.19 36.70 -8.32
N PRO C 295 12.20 37.53 -7.97
CA PRO C 295 10.83 37.02 -8.11
C PRO C 295 10.44 36.75 -9.56
N GLN C 296 10.99 37.54 -10.49
CA GLN C 296 10.71 37.36 -11.91
C GLN C 296 11.42 36.12 -12.46
N LEU C 297 12.62 35.86 -11.95
CA LEU C 297 13.36 34.66 -12.34
C LEU C 297 12.63 33.42 -11.81
N GLU C 298 12.07 33.54 -10.60
CA GLU C 298 11.27 32.46 -10.04
C GLU C 298 10.04 32.20 -10.90
N ARG C 299 9.41 33.28 -11.36
CA ARG C 299 8.20 33.17 -12.17
C ARG C 299 8.52 32.55 -13.54
N ALA C 300 9.54 33.07 -14.19
CA ALA C 300 9.95 32.58 -15.51
C ALA C 300 10.33 31.11 -15.42
N SER C 301 11.04 30.76 -14.34
CA SER C 301 11.46 29.39 -14.11
C SER C 301 10.25 28.48 -13.91
N ARG C 302 9.24 28.97 -13.19
CA ARG C 302 8.05 28.19 -12.89
C ARG C 302 7.22 27.98 -14.15
N LYS C 303 7.02 29.04 -14.92
CA LYS C 303 6.19 28.98 -16.12
C LYS C 303 6.75 27.99 -17.14
N ILE C 304 8.07 27.93 -17.24
CA ILE C 304 8.71 27.00 -18.15
C ILE C 304 8.65 25.57 -17.60
N PHE C 305 8.74 25.45 -16.28
CA PHE C 305 8.60 24.15 -15.62
C PHE C 305 7.22 23.57 -15.88
N GLU C 306 6.20 24.41 -15.78
CA GLU C 306 4.82 23.97 -15.98
C GLU C 306 4.57 23.61 -17.44
N PHE C 307 5.18 24.35 -18.35
CA PHE C 307 5.13 24.04 -19.77
C PHE C 307 5.71 22.65 -20.04
N LEU C 308 6.82 22.35 -19.39
CA LEU C 308 7.50 21.07 -19.58
C LEU C 308 6.67 19.89 -19.05
N GLU C 309 6.00 20.09 -17.91
CA GLU C 309 5.11 19.07 -17.38
C GLU C 309 3.96 18.83 -18.34
N ARG C 310 3.35 19.94 -18.76
CA ARG C 310 2.21 19.93 -19.67
C ARG C 310 2.56 19.23 -20.99
N GLU C 311 3.79 19.41 -21.44
CA GLU C 311 4.24 18.81 -22.70
C GLU C 311 4.87 17.45 -22.49
N ASN C 312 4.71 16.91 -21.29
CA ASN C 312 5.10 15.54 -20.98
C ASN C 312 6.59 15.26 -21.11
N PHE C 313 7.41 16.26 -20.82
CA PHE C 313 8.86 16.07 -20.77
C PHE C 313 9.30 15.74 -19.34
N MET C 314 8.36 15.82 -18.40
CA MET C 314 8.57 15.36 -17.03
C MET C 314 9.80 15.97 -16.38
N PRO C 315 9.75 17.27 -16.09
CA PRO C 315 10.89 17.94 -15.45
C PRO C 315 11.07 17.46 -14.01
N LEU C 316 12.32 17.41 -13.55
CA LEU C 316 12.64 16.96 -12.20
C LEU C 316 12.72 18.14 -11.26
N ARG C 317 13.65 19.04 -11.54
CA ARG C 317 13.82 20.26 -10.78
C ARG C 317 14.21 21.38 -11.72
N SER C 318 14.21 22.60 -11.20
CA SER C 318 14.73 23.74 -11.92
C SER C 318 15.54 24.60 -10.97
N ALA C 319 16.32 25.51 -11.53
CA ALA C 319 17.06 26.47 -10.73
C ALA C 319 17.33 27.69 -11.59
N PHE C 320 18.00 28.68 -11.03
CA PHE C 320 18.37 29.86 -11.80
C PHE C 320 19.56 30.59 -11.17
N LYS C 321 20.32 31.28 -12.01
CA LYS C 321 21.45 32.07 -11.57
C LYS C 321 21.44 33.42 -12.27
N ALA C 322 21.97 34.43 -11.60
CA ALA C 322 22.12 35.76 -12.19
C ALA C 322 23.51 36.31 -11.92
N SER C 323 24.30 36.46 -12.98
CA SER C 323 25.61 37.10 -12.89
C SER C 323 25.43 38.58 -13.22
N GLU C 324 26.53 39.27 -13.51
CA GLU C 324 26.48 40.70 -13.76
C GLU C 324 25.88 41.04 -15.13
N GLU C 325 26.09 40.17 -16.12
CA GLU C 325 25.60 40.42 -17.47
C GLU C 325 24.42 39.52 -17.85
N PHE C 326 24.42 38.29 -17.37
CA PHE C 326 23.46 37.29 -17.83
C PHE C 326 22.68 36.63 -16.69
N CYS C 327 21.51 36.10 -17.04
CA CYS C 327 20.72 35.26 -16.16
C CYS C 327 20.55 33.89 -16.81
N TYR C 328 20.46 32.85 -15.98
CA TYR C 328 20.32 31.48 -16.47
C TYR C 328 19.13 30.82 -15.79
N LEU C 329 18.31 30.13 -16.58
CA LEU C 329 17.23 29.30 -16.04
C LEU C 329 17.57 27.85 -16.34
N LEU C 330 17.77 27.06 -15.29
CA LEU C 330 18.30 25.70 -15.42
C LEU C 330 17.19 24.67 -15.25
N PHE C 331 17.20 23.65 -16.10
CA PHE C 331 16.18 22.60 -16.06
C PHE C 331 16.78 21.21 -16.27
N GLU C 332 16.17 20.23 -15.62
CA GLU C 332 16.50 18.83 -15.84
C GLU C 332 15.23 18.01 -16.06
N CYS C 333 15.15 17.34 -17.20
CA CYS C 333 13.97 16.56 -17.56
C CYS C 333 14.28 15.07 -17.70
N GLN C 334 13.32 14.24 -17.32
CA GLN C 334 13.47 12.80 -17.41
C GLN C 334 13.29 12.31 -18.85
N ILE C 335 12.71 13.15 -19.70
CA ILE C 335 12.49 12.81 -21.11
C ILE C 335 13.41 13.62 -22.03
N LYS C 336 14.31 12.93 -22.70
CA LYS C 336 15.19 13.55 -23.69
C LYS C 336 14.46 13.71 -25.01
N GLU C 337 13.57 12.75 -25.31
CA GLU C 337 12.88 12.73 -26.60
C GLU C 337 11.52 12.05 -26.48
N ILE C 338 10.52 12.69 -27.08
CA ILE C 338 9.16 12.17 -27.11
C ILE C 338 8.79 11.90 -28.57
N SER C 339 7.79 11.05 -28.79
CA SER C 339 7.41 10.66 -30.15
C SER C 339 6.80 11.84 -30.92
N ARG C 340 6.93 11.81 -32.23
CA ARG C 340 6.34 12.82 -33.09
C ARG C 340 4.81 12.79 -32.99
N VAL C 341 4.26 11.58 -32.92
CA VAL C 341 2.81 11.41 -32.93
C VAL C 341 2.22 11.52 -31.52
N PHE C 342 1.02 12.09 -31.43
CA PHE C 342 0.31 12.18 -30.17
C PHE C 342 -1.20 12.10 -30.39
N ARG C 343 -1.96 11.99 -29.31
CA ARG C 343 -3.40 11.85 -29.39
C ARG C 343 -4.11 13.16 -29.09
N ARG C 344 -4.99 13.57 -30.00
CA ARG C 344 -5.84 14.73 -29.79
C ARG C 344 -7.27 14.28 -29.61
N MET C 345 -7.92 14.78 -28.56
CA MET C 345 -9.26 14.35 -28.20
C MET C 345 -10.30 15.02 -29.09
N GLY C 346 -11.28 14.23 -29.54
CA GLY C 346 -12.37 14.72 -30.37
C GLY C 346 -13.69 14.66 -29.65
N PRO C 347 -14.78 15.02 -30.34
CA PRO C 347 -16.12 15.02 -29.75
C PRO C 347 -16.66 13.61 -29.55
N GLN C 348 -17.75 13.50 -28.79
CA GLN C 348 -18.44 12.23 -28.62
C GLN C 348 -19.16 11.88 -29.92
N PHE C 349 -19.43 10.59 -30.11
CA PHE C 349 -19.90 10.10 -31.41
C PHE C 349 -21.31 10.59 -31.76
N GLU C 350 -22.12 10.91 -30.77
CA GLU C 350 -23.49 11.38 -31.03
C GLU C 350 -23.48 12.76 -31.69
N ASP C 351 -22.44 13.53 -31.42
CA ASP C 351 -22.36 14.94 -31.82
C ASP C 351 -21.98 15.08 -33.29
N GLU C 352 -22.95 14.84 -34.19
CA GLU C 352 -22.66 14.78 -35.62
C GLU C 352 -22.00 16.04 -36.17
N ARG C 353 -22.54 17.21 -35.82
CA ARG C 353 -21.99 18.48 -36.29
C ARG C 353 -20.49 18.56 -36.03
N ASN C 354 -20.12 18.37 -34.78
CA ASN C 354 -18.72 18.48 -34.37
C ASN C 354 -17.85 17.30 -34.80
N VAL C 355 -18.44 16.12 -34.97
CA VAL C 355 -17.69 14.98 -35.50
C VAL C 355 -17.25 15.28 -36.93
N LYS C 356 -18.17 15.86 -37.70
CA LYS C 356 -17.90 16.22 -39.09
C LYS C 356 -16.73 17.21 -39.18
N LYS C 357 -16.74 18.20 -38.29
CA LYS C 357 -15.68 19.21 -38.26
C LYS C 357 -14.35 18.59 -37.85
N PHE C 358 -14.40 17.67 -36.89
CA PHE C 358 -13.20 17.01 -36.38
C PHE C 358 -12.57 16.10 -37.43
N LEU C 359 -13.39 15.49 -38.27
CA LEU C 359 -12.92 14.54 -39.27
C LEU C 359 -12.57 15.19 -40.61
N SER C 360 -12.90 16.47 -40.77
CA SER C 360 -12.66 17.16 -42.04
C SER C 360 -11.19 17.50 -42.25
N ARG C 361 -10.47 17.75 -41.16
CA ARG C 361 -9.06 18.08 -41.22
C ARG C 361 -8.26 16.92 -41.81
N ASN C 362 -7.28 17.26 -42.65
CA ASN C 362 -6.38 16.27 -43.22
C ASN C 362 -5.32 15.85 -42.21
N ARG C 363 -5.09 14.56 -42.10
CA ARG C 363 -4.07 14.01 -41.21
C ARG C 363 -3.39 12.85 -41.92
N ALA C 364 -2.20 12.48 -41.46
CA ALA C 364 -1.45 11.39 -42.07
C ALA C 364 -2.04 10.03 -41.70
N PHE C 365 -2.78 9.99 -40.60
CA PHE C 365 -3.32 8.73 -40.08
C PHE C 365 -4.82 8.81 -39.79
N ARG C 366 -5.49 7.67 -39.90
CA ARG C 366 -6.93 7.59 -39.69
C ARG C 366 -7.30 7.87 -38.24
N PRO C 367 -8.25 8.79 -37.99
CA PRO C 367 -8.77 8.94 -36.64
C PRO C 367 -9.51 7.67 -36.21
N PHE C 368 -9.85 7.56 -34.93
CA PHE C 368 -10.47 6.35 -34.41
C PHE C 368 -11.39 6.64 -33.24
N ILE C 369 -12.30 5.71 -32.95
CA ILE C 369 -13.21 5.82 -31.83
C ILE C 369 -12.67 5.02 -30.65
N GLU C 370 -12.80 5.59 -29.46
CA GLU C 370 -12.39 4.92 -28.23
C GLU C 370 -13.25 5.42 -27.08
N ASN C 371 -13.90 4.49 -26.38
CA ASN C 371 -14.77 4.82 -25.26
C ASN C 371 -15.78 5.92 -25.58
N GLY C 372 -16.34 5.88 -26.79
CA GLY C 372 -17.43 6.75 -27.17
C GLY C 372 -17.03 8.07 -27.78
N ARG C 373 -15.73 8.38 -27.77
CA ARG C 373 -15.23 9.62 -28.35
C ARG C 373 -14.38 9.35 -29.57
N TRP C 374 -14.30 10.34 -30.45
CA TRP C 374 -13.34 10.31 -31.55
C TRP C 374 -11.98 10.79 -31.05
N TRP C 375 -10.93 10.24 -31.62
CA TRP C 375 -9.56 10.63 -31.31
C TRP C 375 -8.79 10.68 -32.61
N ALA C 376 -7.78 11.55 -32.67
CA ALA C 376 -6.97 11.70 -33.86
C ALA C 376 -5.50 11.65 -33.52
N PHE C 377 -4.74 10.91 -34.33
CA PHE C 377 -3.29 10.97 -34.27
C PHE C 377 -2.87 12.25 -34.98
N GLU C 378 -2.09 13.07 -34.28
CA GLU C 378 -1.54 14.28 -34.88
C GLU C 378 -0.07 14.41 -34.51
N MET C 379 0.58 15.44 -35.04
CA MET C 379 2.03 15.55 -34.97
C MET C 379 2.50 16.74 -34.13
N ARG C 380 3.44 16.48 -33.23
CA ARG C 380 4.06 17.54 -32.44
C ARG C 380 4.96 18.40 -33.32
N LYS C 381 5.11 19.67 -32.96
CA LYS C 381 6.01 20.56 -33.68
C LYS C 381 7.44 20.46 -33.13
N PHE C 382 7.56 19.89 -31.93
CA PHE C 382 8.85 19.66 -31.30
C PHE C 382 8.84 18.34 -30.55
N THR C 383 10.01 17.71 -30.42
CA THR C 383 10.12 16.39 -29.79
C THR C 383 11.17 16.30 -28.69
N THR C 384 11.78 17.43 -28.35
CA THR C 384 12.73 17.48 -27.24
C THR C 384 12.40 18.65 -26.33
N PRO C 385 12.74 18.55 -25.04
CA PRO C 385 12.44 19.67 -24.14
C PRO C 385 13.17 20.95 -24.56
N GLU C 386 14.39 20.82 -25.08
CA GLU C 386 15.11 22.00 -25.57
C GLU C 386 14.31 22.71 -26.67
N GLU C 387 13.82 21.93 -27.63
CA GLU C 387 13.09 22.49 -28.75
C GLU C 387 11.73 23.05 -28.32
N GLY C 388 11.11 22.39 -27.35
CA GLY C 388 9.86 22.86 -26.81
C GLY C 388 10.00 24.22 -26.12
N VAL C 389 11.07 24.39 -25.36
CA VAL C 389 11.32 25.64 -24.65
C VAL C 389 11.72 26.77 -25.61
N ARG C 390 12.37 26.40 -26.71
CA ARG C 390 12.68 27.38 -27.75
C ARG C 390 11.38 27.98 -28.28
N SER C 391 10.40 27.12 -28.51
CA SER C 391 9.10 27.56 -29.00
C SER C 391 8.39 28.40 -27.95
N TYR C 392 8.39 27.92 -26.71
CA TYR C 392 7.65 28.58 -25.64
C TYR C 392 8.22 29.97 -25.31
N ALA C 393 9.53 30.04 -25.12
CA ALA C 393 10.18 31.31 -24.79
C ALA C 393 10.05 32.32 -25.94
N SER C 394 9.85 31.81 -27.15
CA SER C 394 9.75 32.65 -28.33
C SER C 394 8.38 33.29 -28.49
N THR C 395 7.33 32.57 -28.08
CA THR C 395 5.96 33.05 -28.26
C THR C 395 5.26 33.42 -26.95
N HIS C 396 5.85 33.04 -25.82
CA HIS C 396 5.29 33.35 -24.50
C HIS C 396 6.30 34.08 -23.61
N TRP C 397 7.11 34.93 -24.22
CA TRP C 397 8.07 35.74 -23.49
C TRP C 397 7.37 36.67 -22.49
N HIS C 398 6.19 37.14 -22.86
CA HIS C 398 5.47 38.15 -22.09
C HIS C 398 5.08 37.70 -20.69
N THR C 399 4.91 36.39 -20.49
CA THR C 399 4.44 35.87 -19.21
C THR C 399 5.59 35.43 -18.30
N LEU C 400 6.82 35.70 -18.72
CA LEU C 400 7.99 35.30 -17.95
C LEU C 400 8.51 36.44 -17.08
N GLY C 401 7.59 37.25 -16.58
CA GLY C 401 7.95 38.42 -15.78
C GLY C 401 8.01 39.66 -16.64
N LYS C 402 7.76 40.81 -16.04
CA LYS C 402 7.74 42.07 -16.76
C LYS C 402 9.07 42.37 -17.45
N ASN C 403 10.14 42.36 -16.67
CA ASN C 403 11.46 42.73 -17.18
C ASN C 403 12.24 41.54 -17.73
N VAL C 404 12.13 40.40 -17.07
CA VAL C 404 12.79 39.18 -17.51
C VAL C 404 12.24 38.77 -18.87
N GLY C 405 10.92 38.83 -19.01
CA GLY C 405 10.26 38.47 -20.25
C GLY C 405 10.65 39.39 -21.39
N GLU C 406 10.79 40.68 -21.09
CA GLU C 406 11.16 41.67 -22.09
C GLU C 406 12.59 41.45 -22.57
N SER C 407 13.45 41.01 -21.67
CA SER C 407 14.83 40.69 -22.03
C SER C 407 14.87 39.46 -22.92
N ILE C 408 14.14 38.42 -22.50
CA ILE C 408 14.04 37.19 -23.26
C ILE C 408 13.52 37.45 -24.66
N ARG C 409 12.63 38.44 -24.78
CA ARG C 409 12.06 38.80 -26.08
C ARG C 409 13.13 39.32 -27.02
N GLU C 410 14.04 40.13 -26.49
CA GLU C 410 15.10 40.73 -27.28
C GLU C 410 16.17 39.71 -27.64
N TYR C 411 16.40 38.75 -26.74
CA TYR C 411 17.43 37.74 -26.95
C TYR C 411 17.36 36.63 -25.92
N PHE C 412 17.53 35.41 -26.39
CA PHE C 412 17.76 34.26 -25.52
C PHE C 412 18.31 33.12 -26.35
N GLU C 413 19.06 32.22 -25.70
CA GLU C 413 19.49 31.00 -26.36
C GLU C 413 19.34 29.81 -25.41
N ILE C 414 19.00 28.67 -25.98
CA ILE C 414 18.97 27.41 -25.26
C ILE C 414 20.36 26.81 -25.35
N ILE C 415 20.95 26.46 -24.21
CA ILE C 415 22.26 25.83 -24.18
C ILE C 415 22.16 24.49 -23.47
N SER C 416 22.62 23.45 -24.15
CA SER C 416 22.50 22.08 -23.66
C SER C 416 23.82 21.34 -23.80
N GLY C 417 23.83 20.10 -23.33
CA GLY C 417 24.99 19.23 -23.49
C GLY C 417 26.23 19.75 -22.81
N GLU C 418 27.39 19.40 -23.38
CA GLU C 418 28.68 19.73 -22.80
C GLU C 418 28.96 21.23 -22.81
N LYS C 419 28.34 21.94 -23.74
CA LYS C 419 28.56 23.38 -23.90
C LYS C 419 28.01 24.16 -22.71
N LEU C 420 27.08 23.55 -21.98
CA LEU C 420 26.47 24.18 -20.82
C LEU C 420 27.43 24.24 -19.64
N PHE C 421 28.28 23.23 -19.53
CA PHE C 421 29.19 23.11 -18.39
C PHE C 421 30.27 24.18 -18.41
N LYS C 422 30.42 24.87 -19.54
CA LYS C 422 31.38 25.97 -19.66
C LYS C 422 30.80 27.25 -19.06
N GLU C 423 29.48 27.35 -19.10
CA GLU C 423 28.79 28.51 -18.50
C GLU C 423 29.03 28.51 -17.00
N PRO C 424 29.01 29.69 -16.37
CA PRO C 424 29.28 29.77 -14.93
C PRO C 424 28.07 29.36 -14.10
N VAL C 425 27.61 28.13 -14.26
CA VAL C 425 26.41 27.64 -13.59
C VAL C 425 26.63 26.27 -12.97
N THR C 426 27.89 25.88 -12.81
CA THR C 426 28.22 24.55 -12.31
C THR C 426 27.78 24.35 -10.86
N ALA C 427 27.89 25.40 -10.05
CA ALA C 427 27.48 25.32 -8.66
C ALA C 427 25.98 25.04 -8.56
N GLU C 428 25.21 25.72 -9.39
CA GLU C 428 23.76 25.58 -9.39
C GLU C 428 23.33 24.23 -9.98
N LEU C 429 24.07 23.75 -10.97
CA LEU C 429 23.79 22.45 -11.57
C LEU C 429 24.03 21.34 -10.57
N CYS C 430 25.14 21.42 -9.83
CA CYS C 430 25.49 20.42 -8.84
C CYS C 430 24.46 20.38 -7.73
N GLU C 431 24.03 21.55 -7.27
CA GLU C 431 23.03 21.66 -6.22
C GLU C 431 21.69 21.07 -6.69
N MET C 432 21.30 21.45 -7.90
CA MET C 432 20.05 21.00 -8.49
C MET C 432 19.99 19.47 -8.61
N MET C 433 21.09 18.87 -9.01
CA MET C 433 21.14 17.42 -9.22
C MET C 433 21.54 16.66 -7.94
N GLY C 434 21.83 17.39 -6.87
CA GLY C 434 22.20 16.78 -5.62
C GLY C 434 23.57 16.12 -5.67
N VAL C 435 24.46 16.67 -6.48
CA VAL C 435 25.82 16.17 -6.58
C VAL C 435 26.53 16.30 -5.23
N LYS C 436 26.97 15.17 -4.68
CA LYS C 436 27.71 15.18 -3.43
C LYS C 436 29.20 15.39 -3.66
N ASP C 437 29.85 16.02 -2.68
CA ASP C 437 31.27 16.34 -2.78
C ASP C 437 32.12 15.07 -2.93
N MET E 1 -43.52 3.75 32.37
CA MET E 1 -44.69 3.08 31.73
C MET E 1 -45.04 3.77 30.42
N LYS E 2 -44.84 5.09 30.37
CA LYS E 2 -45.15 5.87 29.19
C LYS E 2 -44.01 5.75 28.17
N VAL E 3 -44.33 6.02 26.90
CA VAL E 3 -43.36 5.88 25.81
C VAL E 3 -42.14 6.75 26.07
N GLU E 4 -42.38 8.00 26.46
CA GLU E 4 -41.31 8.96 26.67
C GLU E 4 -40.46 8.64 27.90
N GLU E 5 -41.08 8.07 28.92
CA GLU E 5 -40.36 7.72 30.13
C GLU E 5 -39.39 6.57 29.85
N ILE E 6 -39.83 5.63 29.02
CA ILE E 6 -38.96 4.50 28.63
C ILE E 6 -37.76 5.00 27.85
N LEU E 7 -37.99 5.96 26.96
CA LEU E 7 -36.90 6.54 26.17
C LEU E 7 -35.91 7.26 27.08
N GLU E 8 -36.39 7.78 28.21
CA GLU E 8 -35.53 8.48 29.15
C GLU E 8 -34.67 7.50 29.94
N LYS E 9 -35.23 6.34 30.27
CA LYS E 9 -34.47 5.32 30.97
C LYS E 9 -33.49 4.65 30.01
N ALA E 10 -33.84 4.63 28.73
CA ALA E 10 -33.00 4.00 27.73
C ALA E 10 -31.74 4.81 27.45
N LEU E 11 -31.80 6.12 27.71
CA LEU E 11 -30.65 6.99 27.49
C LEU E 11 -29.47 6.57 28.36
N GLU E 12 -29.77 6.10 29.57
CA GLU E 12 -28.72 5.67 30.49
C GLU E 12 -27.92 4.49 29.93
N LEU E 13 -28.56 3.70 29.09
CA LEU E 13 -27.94 2.50 28.53
C LEU E 13 -27.11 2.79 27.28
N VAL E 14 -27.39 3.91 26.60
CA VAL E 14 -26.75 4.20 25.32
C VAL E 14 -25.80 5.41 25.36
N ILE E 15 -25.97 6.29 26.35
CA ILE E 15 -25.12 7.47 26.47
C ILE E 15 -23.82 7.13 27.23
N PRO E 16 -22.66 7.49 26.67
CA PRO E 16 -21.40 7.23 27.38
C PRO E 16 -21.26 8.02 28.68
N ASP E 17 -20.85 7.35 29.74
CA ASP E 17 -20.62 7.98 31.04
C ASP E 17 -19.41 8.91 30.99
N GLU E 18 -19.26 9.73 32.02
CA GLU E 18 -18.22 10.75 32.07
C GLU E 18 -16.81 10.17 31.92
N GLU E 19 -16.57 9.01 32.52
CA GLU E 19 -15.25 8.41 32.52
C GLU E 19 -14.83 8.00 31.10
N GLU E 20 -15.78 7.48 30.34
CA GLU E 20 -15.50 7.03 28.98
C GLU E 20 -15.25 8.21 28.06
N VAL E 21 -16.03 9.27 28.25
CA VAL E 21 -15.85 10.50 27.49
C VAL E 21 -14.47 11.10 27.77
N ARG E 22 -14.06 11.04 29.03
CA ARG E 22 -12.75 11.56 29.43
C ARG E 22 -11.63 10.72 28.82
N LYS E 23 -11.82 9.40 28.84
CA LYS E 23 -10.85 8.48 28.25
C LYS E 23 -10.69 8.79 26.77
N GLY E 24 -11.78 9.19 26.14
CA GLY E 24 -11.78 9.55 24.73
C GLY E 24 -11.10 10.88 24.48
N ARG E 25 -11.44 11.88 25.29
CA ARG E 25 -10.88 13.23 25.13
C ARG E 25 -9.37 13.22 25.26
N GLU E 26 -8.87 12.51 26.27
CA GLU E 26 -7.43 12.47 26.54
C GLU E 26 -6.69 11.70 25.45
N ALA E 27 -7.33 10.69 24.89
CA ALA E 27 -6.76 9.95 23.77
C ALA E 27 -6.74 10.85 22.53
N GLU E 28 -7.82 11.61 22.34
CA GLU E 28 -7.91 12.55 21.24
C GLU E 28 -6.79 13.58 21.32
N GLU E 29 -6.61 14.18 22.50
CA GLU E 29 -5.60 15.20 22.71
C GLU E 29 -4.20 14.67 22.41
N GLU E 30 -3.89 13.48 22.93
CA GLU E 30 -2.58 12.88 22.71
C GLU E 30 -2.38 12.55 21.23
N LEU E 31 -3.47 12.17 20.58
CA LEU E 31 -3.41 11.81 19.16
C LEU E 31 -3.17 13.04 18.31
N ARG E 32 -3.84 14.14 18.65
CA ARG E 32 -3.65 15.40 17.94
C ARG E 32 -2.21 15.90 18.11
N ARG E 33 -1.67 15.74 19.31
CA ARG E 33 -0.30 16.17 19.59
C ARG E 33 0.69 15.39 18.75
N ARG E 34 0.48 14.09 18.63
CA ARG E 34 1.36 13.22 17.86
C ARG E 34 1.29 13.56 16.38
N LEU E 35 0.08 13.84 15.89
CA LEU E 35 -0.15 14.14 14.49
C LEU E 35 0.42 15.50 14.12
N ASP E 36 0.18 16.51 14.95
CA ASP E 36 0.69 17.86 14.69
C ASP E 36 2.21 17.87 14.64
N GLU E 37 2.84 17.02 15.44
CA GLU E 37 4.30 16.91 15.46
C GLU E 37 4.86 16.50 14.10
N LEU E 38 4.04 15.82 13.31
CA LEU E 38 4.49 15.25 12.04
C LEU E 38 4.10 16.11 10.84
N GLY E 39 3.33 17.17 11.09
CA GLY E 39 3.00 18.14 10.06
C GLY E 39 1.87 17.74 9.13
N VAL E 40 1.39 16.50 9.27
CA VAL E 40 0.38 15.95 8.37
C VAL E 40 -0.98 16.64 8.52
N GLU E 41 -1.72 16.69 7.41
CA GLU E 41 -3.11 17.15 7.44
C GLU E 41 -4.03 15.97 7.74
N TYR E 42 -4.99 16.17 8.65
CA TYR E 42 -5.87 15.10 9.07
C TYR E 42 -7.21 15.64 9.51
N VAL E 43 -8.16 14.73 9.71
CA VAL E 43 -9.49 15.10 10.20
C VAL E 43 -10.11 13.94 10.96
N PHE E 44 -10.61 14.25 12.17
CA PHE E 44 -11.36 13.28 12.95
C PHE E 44 -12.75 13.13 12.36
N VAL E 45 -13.18 11.90 12.13
CA VAL E 45 -14.48 11.64 11.53
C VAL E 45 -15.20 10.52 12.28
N GLY E 46 -16.39 10.16 11.79
CA GLY E 46 -17.13 9.05 12.34
C GLY E 46 -17.91 9.39 13.59
N SER E 47 -18.40 8.36 14.28
CA SER E 47 -19.26 8.53 15.43
C SER E 47 -18.58 9.30 16.56
N TYR E 48 -17.28 9.09 16.76
CA TYR E 48 -16.58 9.78 17.84
C TYR E 48 -16.55 11.29 17.60
N ALA E 49 -16.21 11.68 16.37
CA ALA E 49 -16.07 13.10 16.05
C ALA E 49 -17.41 13.82 16.12
N ARG E 50 -18.50 13.08 15.95
CA ARG E 50 -19.85 13.66 15.95
C ARG E 50 -20.57 13.46 17.29
N ASN E 51 -19.92 12.76 18.22
CA ASN E 51 -20.49 12.52 19.54
C ASN E 51 -21.79 11.72 19.47
N THR E 52 -21.83 10.74 18.57
CA THR E 52 -22.99 9.87 18.42
C THR E 52 -22.60 8.41 18.66
N TRP E 53 -21.41 8.21 19.23
CA TRP E 53 -20.92 6.86 19.48
C TRP E 53 -21.63 6.25 20.69
N LEU E 54 -21.80 4.93 20.65
CA LEU E 54 -22.62 4.21 21.61
C LEU E 54 -21.81 3.86 22.86
N LYS E 55 -22.45 3.98 24.02
CA LYS E 55 -21.83 3.66 25.31
C LYS E 55 -21.13 2.30 25.28
N GLY E 56 -19.86 2.29 25.68
CA GLY E 56 -19.09 1.06 25.73
C GLY E 56 -18.39 0.72 24.42
N SER E 57 -18.59 1.54 23.40
CA SER E 57 -18.02 1.29 22.07
C SER E 57 -17.14 2.44 21.60
N LEU E 58 -16.34 2.99 22.52
CA LEU E 58 -15.44 4.10 22.20
C LEU E 58 -14.38 3.70 21.18
N GLU E 59 -14.39 4.37 20.03
CA GLU E 59 -13.37 4.15 19.00
C GLU E 59 -13.19 5.42 18.17
N ILE E 60 -11.93 5.79 17.95
CA ILE E 60 -11.59 7.03 17.25
C ILE E 60 -11.14 6.73 15.82
N ASP E 61 -11.64 7.52 14.87
CA ASP E 61 -11.26 7.39 13.48
C ASP E 61 -10.63 8.69 12.98
N VAL E 62 -9.43 8.57 12.43
CA VAL E 62 -8.71 9.71 11.90
C VAL E 62 -8.32 9.44 10.46
N PHE E 63 -8.63 10.39 9.59
CA PHE E 63 -8.31 10.27 8.16
C PHE E 63 -7.22 11.25 7.78
N LEU E 64 -6.15 10.72 7.19
CA LEU E 64 -5.04 11.53 6.73
C LEU E 64 -5.37 12.08 5.34
N LEU E 65 -5.35 13.40 5.21
CA LEU E 65 -5.75 14.06 3.96
C LEU E 65 -4.54 14.36 3.08
N PHE E 66 -4.38 13.58 2.01
CA PHE E 66 -3.27 13.75 1.09
C PHE E 66 -3.69 14.43 -0.21
N PRO E 67 -2.76 15.14 -0.88
CA PRO E 67 -3.08 15.80 -2.15
C PRO E 67 -3.40 14.81 -3.27
N GLU E 68 -4.28 15.21 -4.20
CA GLU E 68 -4.71 14.34 -5.28
C GLU E 68 -3.56 13.91 -6.20
N GLU E 69 -2.46 14.67 -6.17
CA GLU E 69 -1.33 14.39 -7.06
C GLU E 69 -0.60 13.13 -6.64
N PHE E 70 -0.72 12.77 -5.36
CA PHE E 70 -0.07 11.57 -4.85
C PHE E 70 -0.58 10.35 -5.61
N SER E 71 0.35 9.45 -5.95
CA SER E 71 -0.04 8.17 -6.52
C SER E 71 -0.61 7.33 -5.39
N LYS E 72 -1.27 6.23 -5.73
CA LYS E 72 -1.80 5.32 -4.72
C LYS E 72 -0.68 4.81 -3.84
N GLU E 73 0.44 4.45 -4.47
CA GLU E 73 1.61 3.94 -3.75
C GLU E 73 2.11 4.96 -2.72
N GLU E 74 2.20 6.23 -3.12
CA GLU E 74 2.65 7.28 -2.23
C GLU E 74 1.64 7.52 -1.11
N LEU E 75 0.36 7.56 -1.48
CA LEU E 75 -0.73 7.65 -0.53
C LEU E 75 -0.59 6.58 0.54
N ARG E 76 -0.35 5.35 0.11
CA ARG E 76 -0.28 4.22 1.03
C ARG E 76 0.99 4.23 1.86
N GLU E 77 2.11 4.61 1.24
CA GLU E 77 3.39 4.64 1.92
C GLU E 77 3.40 5.69 3.02
N ARG E 78 2.99 6.91 2.69
CA ARG E 78 2.95 8.00 3.66
C ARG E 78 1.90 7.73 4.74
N GLY E 79 0.82 7.07 4.36
CA GLY E 79 -0.24 6.76 5.30
C GLY E 79 0.20 5.78 6.38
N LEU E 80 0.72 4.64 5.95
CA LEU E 80 1.18 3.61 6.88
C LEU E 80 2.30 4.13 7.78
N GLU E 81 3.17 4.94 7.21
CA GLU E 81 4.31 5.51 7.93
C GLU E 81 3.80 6.35 9.10
N ILE E 82 2.81 7.19 8.81
CA ILE E 82 2.23 8.08 9.81
C ILE E 82 1.41 7.30 10.82
N GLY E 83 0.69 6.29 10.35
CA GLY E 83 -0.12 5.46 11.22
C GLY E 83 0.72 4.70 12.23
N LYS E 84 1.82 4.11 11.75
CA LYS E 84 2.73 3.37 12.62
C LYS E 84 3.36 4.28 13.67
N ALA E 85 3.55 5.54 13.33
CA ALA E 85 4.27 6.47 14.18
C ALA E 85 3.42 7.03 15.32
N VAL E 86 2.12 7.18 15.10
CA VAL E 86 1.25 7.84 16.08
C VAL E 86 0.48 6.86 16.97
N LEU E 87 0.46 5.58 16.60
CA LEU E 87 -0.29 4.57 17.36
C LEU E 87 0.64 3.61 18.10
N ASP E 88 0.21 3.18 19.28
CA ASP E 88 0.91 2.16 20.05
C ASP E 88 0.42 0.78 19.65
N SER E 89 1.27 -0.22 19.82
CA SER E 89 0.95 -1.62 19.51
C SER E 89 0.13 -1.73 18.23
N TYR E 90 0.64 -1.12 17.17
CA TYR E 90 -0.16 -0.99 15.95
C TYR E 90 -0.37 -2.34 15.26
N GLU E 91 -1.26 -2.32 14.27
CA GLU E 91 -1.66 -3.52 13.56
C GLU E 91 -2.11 -3.12 12.17
N ILE E 92 -1.52 -3.75 11.15
CA ILE E 92 -1.84 -3.42 9.77
C ILE E 92 -3.06 -4.21 9.32
N ARG E 93 -4.11 -3.48 8.95
CA ARG E 93 -5.34 -4.07 8.46
C ARG E 93 -5.50 -3.74 6.98
N TYR E 94 -6.45 -4.40 6.32
CA TYR E 94 -6.57 -4.32 4.87
C TYR E 94 -8.01 -4.17 4.40
N ALA E 95 -8.39 -2.96 4.03
CA ALA E 95 -9.67 -2.68 3.40
C ALA E 95 -9.43 -2.37 1.93
N GLU E 96 -9.91 -1.22 1.45
CA GLU E 96 -9.57 -0.77 0.10
C GLU E 96 -8.07 -0.51 0.05
N HIS E 97 -7.57 0.22 1.04
CA HIS E 97 -6.15 0.42 1.23
C HIS E 97 -5.73 -0.24 2.53
N PRO E 98 -4.45 -0.61 2.63
CA PRO E 98 -3.98 -1.00 3.96
C PRO E 98 -3.95 0.21 4.89
N TYR E 99 -4.41 0.04 6.12
CA TYR E 99 -4.44 1.12 7.09
C TYR E 99 -3.95 0.61 8.43
N VAL E 100 -3.67 1.53 9.35
CA VAL E 100 -3.11 1.17 10.64
C VAL E 100 -4.16 1.24 11.74
N HIS E 101 -4.30 0.13 12.46
CA HIS E 101 -5.14 0.07 13.65
C HIS E 101 -4.22 -0.04 14.86
N GLY E 102 -4.59 0.62 15.94
CA GLY E 102 -3.75 0.60 17.14
C GLY E 102 -4.43 1.21 18.34
N VAL E 103 -3.62 1.61 19.33
CA VAL E 103 -4.12 2.11 20.59
C VAL E 103 -3.41 3.40 20.98
N VAL E 104 -4.18 4.33 21.55
CA VAL E 104 -3.62 5.55 22.13
C VAL E 104 -4.27 5.77 23.49
N LYS E 105 -3.47 5.65 24.54
CA LYS E 105 -3.94 5.80 25.91
C LYS E 105 -5.18 4.93 26.18
N GLY E 106 -5.07 3.65 25.87
CA GLY E 106 -6.10 2.68 26.17
C GLY E 106 -7.28 2.71 25.22
N VAL E 107 -7.28 3.63 24.26
CA VAL E 107 -8.37 3.79 23.31
C VAL E 107 -7.96 3.31 21.93
N GLU E 108 -8.83 2.52 21.29
CA GLU E 108 -8.54 1.99 19.97
C GLU E 108 -8.75 3.04 18.89
N VAL E 109 -7.85 3.05 17.90
CA VAL E 109 -7.88 4.04 16.84
C VAL E 109 -7.64 3.41 15.47
N ASP E 110 -8.31 3.96 14.47
CA ASP E 110 -8.01 3.68 13.07
C ASP E 110 -7.45 4.94 12.44
N VAL E 111 -6.28 4.81 11.80
CA VAL E 111 -5.71 5.87 11.00
C VAL E 111 -5.74 5.43 9.55
N VAL E 112 -6.56 6.11 8.75
CA VAL E 112 -6.81 5.70 7.38
C VAL E 112 -6.35 6.78 6.41
N PRO E 113 -5.55 6.40 5.39
CA PRO E 113 -5.14 7.40 4.42
C PRO E 113 -6.20 7.60 3.35
N CYS E 114 -6.33 8.82 2.84
CA CYS E 114 -7.29 9.10 1.77
C CYS E 114 -6.88 10.36 1.03
N TYR E 115 -7.58 10.63 -0.07
CA TYR E 115 -7.32 11.82 -0.87
C TYR E 115 -8.15 13.01 -0.39
N LYS E 116 -7.51 14.17 -0.29
CA LYS E 116 -8.20 15.41 -0.01
C LYS E 116 -8.85 15.91 -1.30
N LEU E 117 -10.16 15.71 -1.41
CA LEU E 117 -10.90 16.07 -2.62
C LEU E 117 -11.70 17.35 -2.42
N LYS E 118 -11.97 18.05 -3.52
CA LYS E 118 -12.75 19.28 -3.48
C LYS E 118 -14.24 19.00 -3.73
N GLU E 119 -14.52 18.23 -4.78
CA GLU E 119 -15.90 17.89 -5.13
C GLU E 119 -16.15 16.39 -4.93
N PRO E 120 -17.38 16.03 -4.49
CA PRO E 120 -17.69 14.60 -4.31
C PRO E 120 -17.70 13.81 -5.61
N LYS E 121 -17.64 14.48 -6.76
CA LYS E 121 -17.68 13.78 -8.04
C LYS E 121 -16.41 12.97 -8.29
N ASN E 122 -15.33 13.36 -7.62
CA ASN E 122 -14.04 12.69 -7.77
C ASN E 122 -13.93 11.43 -6.92
N ILE E 123 -15.07 10.92 -6.47
CA ILE E 123 -15.08 9.76 -5.58
C ILE E 123 -15.38 8.47 -6.34
N LYS E 124 -14.38 7.59 -6.38
CA LYS E 124 -14.55 6.21 -6.86
C LYS E 124 -14.10 5.28 -5.74
N SER E 125 -13.89 5.85 -4.56
CA SER E 125 -13.31 5.14 -3.43
C SER E 125 -14.12 5.39 -2.17
N ALA E 126 -14.39 4.33 -1.42
CA ALA E 126 -15.26 4.42 -0.25
C ALA E 126 -14.66 5.26 0.87
N VAL E 127 -13.34 5.21 1.05
CA VAL E 127 -12.69 6.00 2.10
C VAL E 127 -12.71 7.48 1.75
N ASP E 128 -12.72 7.80 0.46
CA ASP E 128 -12.79 9.19 0.01
C ASP E 128 -14.15 9.80 0.31
N ARG E 129 -15.16 8.94 0.48
CA ARG E 129 -16.51 9.40 0.75
C ARG E 129 -16.67 9.81 2.22
N THR E 130 -15.90 9.19 3.10
CA THR E 130 -16.07 9.36 4.54
C THR E 130 -15.94 10.81 5.01
N PRO E 131 -14.91 11.54 4.53
CA PRO E 131 -14.83 12.95 4.91
C PRO E 131 -16.06 13.77 4.48
N PHE E 132 -16.65 13.42 3.34
CA PHE E 132 -17.83 14.13 2.86
C PHE E 132 -19.06 13.76 3.67
N HIS E 133 -19.14 12.49 4.07
CA HIS E 133 -20.19 12.05 4.98
C HIS E 133 -20.14 12.85 6.27
N HIS E 134 -18.93 13.10 6.76
CA HIS E 134 -18.76 13.85 7.99
C HIS E 134 -19.17 15.31 7.83
N LYS E 135 -18.73 15.93 6.74
CA LYS E 135 -19.06 17.33 6.48
C LYS E 135 -20.56 17.52 6.33
N TRP E 136 -21.23 16.54 5.72
CA TRP E 136 -22.66 16.64 5.52
C TRP E 136 -23.42 16.56 6.84
N LEU E 137 -22.90 15.74 7.75
CA LEU E 137 -23.61 15.44 8.99
C LEU E 137 -23.23 16.33 10.18
N GLU E 138 -22.00 16.84 10.19
CA GLU E 138 -21.46 17.48 11.40
C GLU E 138 -22.34 18.61 11.91
N GLY E 139 -22.97 19.34 10.99
CA GLY E 139 -23.89 20.41 11.35
C GLY E 139 -25.31 19.93 11.57
N ARG E 140 -25.80 19.11 10.65
CA ARG E 140 -27.20 18.67 10.67
C ARG E 140 -27.54 17.77 11.84
N ILE E 141 -26.53 17.12 12.41
CA ILE E 141 -26.77 16.13 13.47
C ILE E 141 -26.70 16.75 14.87
N LYS E 142 -26.19 17.97 14.96
CA LYS E 142 -26.09 18.65 16.25
C LYS E 142 -27.44 18.77 16.94
N GLY E 143 -27.48 18.43 18.23
CA GLY E 143 -28.70 18.47 19.00
C GLY E 143 -29.58 17.24 18.81
N LYS E 144 -29.04 16.24 18.11
CA LYS E 144 -29.77 15.01 17.82
C LYS E 144 -28.92 13.79 18.14
N GLU E 145 -27.79 14.01 18.80
CA GLU E 145 -26.84 12.94 19.07
C GLU E 145 -27.45 11.81 19.88
N ASN E 146 -28.24 12.17 20.89
CA ASN E 146 -28.88 11.17 21.75
C ASN E 146 -29.96 10.38 21.02
N GLU E 147 -30.55 10.98 19.99
CA GLU E 147 -31.54 10.29 19.17
C GLU E 147 -30.89 9.19 18.34
N VAL E 148 -29.74 9.52 17.74
CA VAL E 148 -28.95 8.53 17.02
C VAL E 148 -28.57 7.40 17.95
N ARG E 149 -28.17 7.76 19.17
CA ARG E 149 -27.75 6.78 20.16
C ARG E 149 -28.90 5.86 20.54
N LEU E 150 -30.10 6.41 20.64
CA LEU E 150 -31.29 5.61 20.91
C LEU E 150 -31.52 4.59 19.79
N LEU E 151 -31.39 5.03 18.55
CA LEU E 151 -31.61 4.16 17.40
C LEU E 151 -30.55 3.06 17.31
N LYS E 152 -29.30 3.41 17.58
CA LYS E 152 -28.21 2.45 17.53
C LYS E 152 -28.38 1.38 18.61
N GLY E 153 -28.80 1.81 19.80
CA GLY E 153 -28.99 0.91 20.92
C GLY E 153 -30.15 -0.04 20.67
N PHE E 154 -31.21 0.50 20.08
CA PHE E 154 -32.37 -0.28 19.70
C PHE E 154 -31.96 -1.39 18.73
N LEU E 155 -31.18 -1.02 17.73
CA LEU E 155 -30.73 -1.96 16.71
C LEU E 155 -29.73 -2.97 17.24
N LYS E 156 -28.78 -2.49 18.03
CA LYS E 156 -27.74 -3.37 18.57
C LYS E 156 -28.33 -4.41 19.52
N ALA E 157 -29.27 -3.97 20.36
CA ALA E 157 -29.91 -4.86 21.33
C ALA E 157 -30.67 -5.99 20.64
N ASN E 158 -31.07 -5.76 19.39
CA ASN E 158 -31.80 -6.77 18.61
C ASN E 158 -30.96 -7.35 17.48
N GLY E 159 -29.63 -7.20 17.59
CA GLY E 159 -28.69 -7.89 16.73
C GLY E 159 -28.71 -7.50 15.27
N ILE E 160 -29.09 -6.25 14.98
CA ILE E 160 -29.12 -5.78 13.59
C ILE E 160 -28.44 -4.41 13.41
N TYR E 161 -27.52 -4.08 14.31
CA TYR E 161 -26.67 -2.91 14.11
C TYR E 161 -25.35 -3.32 13.48
N GLY E 162 -24.96 -2.62 12.43
CA GLY E 162 -23.73 -2.90 11.71
C GLY E 162 -24.02 -3.45 10.32
N ALA E 163 -23.36 -2.89 9.32
CA ALA E 163 -23.55 -3.30 7.93
C ALA E 163 -22.52 -4.35 7.49
N GLU E 164 -21.64 -4.77 8.39
CA GLU E 164 -20.68 -5.81 8.05
C GLU E 164 -21.42 -7.12 7.79
N TYR E 165 -20.80 -8.03 7.04
CA TYR E 165 -21.51 -9.21 6.55
C TYR E 165 -22.01 -10.14 7.63
N LYS E 166 -21.33 -10.16 8.78
CA LYS E 166 -21.79 -10.96 9.90
C LYS E 166 -23.19 -10.53 10.36
N VAL E 167 -23.52 -9.25 10.15
CA VAL E 167 -24.78 -8.69 10.63
C VAL E 167 -25.77 -8.43 9.51
N ARG E 168 -25.29 -7.87 8.40
CA ARG E 168 -26.15 -7.45 7.29
C ARG E 168 -27.28 -6.55 7.80
N GLY E 169 -26.92 -5.59 8.66
CA GLY E 169 -27.89 -4.68 9.25
C GLY E 169 -27.65 -3.22 8.92
N PHE E 170 -27.94 -2.36 9.89
CA PHE E 170 -27.85 -0.91 9.72
C PHE E 170 -26.48 -0.37 10.13
N SER E 171 -25.85 0.39 9.24
CA SER E 171 -24.59 1.07 9.56
C SER E 171 -24.85 2.32 10.41
N GLY E 172 -23.80 2.83 11.05
CA GLY E 172 -23.92 4.02 11.87
C GLY E 172 -24.28 5.24 11.03
N TYR E 173 -23.69 5.33 9.85
CA TYR E 173 -24.00 6.42 8.93
C TYR E 173 -25.48 6.40 8.57
N LEU E 174 -26.00 5.23 8.27
CA LEU E 174 -27.42 5.07 7.95
C LEU E 174 -28.31 5.51 9.11
N CYS E 175 -27.92 5.15 10.33
CA CYS E 175 -28.68 5.54 11.51
C CYS E 175 -28.78 7.05 11.62
N GLU E 176 -27.64 7.72 11.44
CA GLU E 176 -27.59 9.17 11.55
C GLU E 176 -28.38 9.86 10.44
N LEU E 177 -28.32 9.31 9.23
CA LEU E 177 -29.11 9.82 8.12
C LEU E 177 -30.61 9.72 8.45
N LEU E 178 -31.01 8.59 9.03
CA LEU E 178 -32.42 8.37 9.36
C LEU E 178 -32.92 9.38 10.40
N ILE E 179 -32.07 9.69 11.37
CA ILE E 179 -32.43 10.66 12.40
C ILE E 179 -32.54 12.07 11.81
N VAL E 180 -31.65 12.39 10.87
CA VAL E 180 -31.74 13.68 10.18
C VAL E 180 -33.03 13.73 9.37
N PHE E 181 -33.42 12.61 8.79
CA PHE E 181 -34.59 12.55 7.94
C PHE E 181 -35.89 12.71 8.72
N TYR E 182 -36.02 11.96 9.82
CA TYR E 182 -37.25 11.94 10.60
C TYR E 182 -37.19 12.84 11.83
N GLY E 183 -35.99 13.22 12.24
CA GLY E 183 -35.82 14.17 13.32
C GLY E 183 -35.60 13.57 14.69
N SER E 184 -36.04 12.33 14.88
CA SER E 184 -35.92 11.66 16.17
C SER E 184 -36.04 10.15 16.05
N PHE E 185 -35.63 9.45 17.11
CA PHE E 185 -35.76 7.99 17.16
C PHE E 185 -37.23 7.58 17.14
N LEU E 186 -38.07 8.32 17.85
CA LEU E 186 -39.49 7.99 17.95
C LEU E 186 -40.18 8.10 16.59
N GLU E 187 -39.86 9.16 15.85
CA GLU E 187 -40.46 9.38 14.53
C GLU E 187 -39.96 8.35 13.52
N THR E 188 -38.68 7.99 13.63
CA THR E 188 -38.11 6.97 12.77
C THR E 188 -38.85 5.64 12.96
N VAL E 189 -38.97 5.23 14.22
CA VAL E 189 -39.66 3.98 14.55
C VAL E 189 -41.11 3.99 14.10
N LYS E 190 -41.79 5.11 14.30
CA LYS E 190 -43.20 5.22 13.93
C LYS E 190 -43.40 5.07 12.42
N ASN E 191 -42.52 5.70 11.64
CA ASN E 191 -42.63 5.66 10.18
C ASN E 191 -42.12 4.37 9.57
N ALA E 192 -41.14 3.74 10.22
CA ALA E 192 -40.55 2.51 9.72
C ALA E 192 -41.57 1.38 9.65
N ARG E 193 -42.62 1.49 10.45
CA ARG E 193 -43.69 0.50 10.47
C ARG E 193 -44.36 0.36 9.11
N ARG E 194 -44.27 1.39 8.29
CA ARG E 194 -44.91 1.40 6.97
C ARG E 194 -43.88 1.21 5.85
N TRP E 195 -42.64 0.93 6.22
CA TRP E 195 -41.62 0.61 5.22
C TRP E 195 -41.97 -0.67 4.49
N THR E 196 -41.52 -0.76 3.24
CA THR E 196 -41.69 -1.96 2.44
C THR E 196 -40.33 -2.27 1.80
N ARG E 197 -40.25 -3.38 1.08
CA ARG E 197 -39.00 -3.76 0.42
C ARG E 197 -38.76 -2.94 -0.85
N ARG E 198 -39.63 -1.97 -1.10
CA ARG E 198 -39.53 -1.11 -2.26
C ARG E 198 -39.41 0.36 -1.86
N THR E 199 -39.30 0.61 -0.56
CA THR E 199 -39.22 1.96 -0.03
C THR E 199 -37.91 2.64 -0.41
N VAL E 200 -38.00 3.88 -0.87
CA VAL E 200 -36.84 4.69 -1.18
C VAL E 200 -36.86 5.95 -0.33
N ILE E 201 -35.82 6.13 0.49
CA ILE E 201 -35.71 7.31 1.34
C ILE E 201 -34.63 8.23 0.79
N ASP E 202 -35.05 9.37 0.25
CA ASP E 202 -34.13 10.36 -0.29
C ASP E 202 -33.90 11.45 0.76
N VAL E 203 -32.77 11.34 1.46
CA VAL E 203 -32.48 12.18 2.62
C VAL E 203 -32.28 13.64 2.23
N ALA E 204 -31.44 13.88 1.22
CA ALA E 204 -31.13 15.23 0.78
C ALA E 204 -32.37 15.95 0.27
N LYS E 205 -33.23 15.23 -0.43
CA LYS E 205 -34.45 15.80 -0.99
C LYS E 205 -35.59 15.84 0.02
N GLY E 206 -35.43 15.12 1.13
CA GLY E 206 -36.45 15.07 2.16
C GLY E 206 -37.75 14.47 1.68
N GLU E 207 -37.67 13.48 0.80
CA GLU E 207 -38.87 12.78 0.31
C GLU E 207 -38.72 11.26 0.37
N VAL E 208 -39.86 10.58 0.37
CA VAL E 208 -39.91 9.13 0.29
C VAL E 208 -40.72 8.75 -0.93
N ARG E 209 -40.23 7.75 -1.67
CA ARG E 209 -40.92 7.29 -2.88
C ARG E 209 -40.75 5.77 -3.03
N LYS E 210 -41.35 5.23 -4.08
CA LYS E 210 -41.33 3.80 -4.34
C LYS E 210 -40.31 3.45 -5.41
N GLY E 211 -39.60 2.34 -5.23
CA GLY E 211 -38.58 1.91 -6.16
C GLY E 211 -38.53 0.40 -6.33
N GLU E 212 -37.39 -0.09 -6.79
CA GLU E 212 -37.22 -1.51 -7.08
C GLU E 212 -36.74 -2.29 -5.85
N GLU E 213 -35.99 -1.59 -5.00
CA GLU E 213 -35.40 -2.19 -3.81
C GLU E 213 -35.41 -1.18 -2.68
N PHE E 214 -35.22 -1.65 -1.44
CA PHE E 214 -35.09 -0.74 -0.32
C PHE E 214 -33.80 0.05 -0.51
N PHE E 215 -33.93 1.38 -0.58
CA PHE E 215 -32.84 2.23 -1.02
C PHE E 215 -32.81 3.54 -0.24
N VAL E 216 -31.72 3.75 0.50
CA VAL E 216 -31.51 5.01 1.22
C VAL E 216 -30.43 5.81 0.49
N VAL E 217 -30.84 6.88 -0.17
CA VAL E 217 -29.95 7.66 -1.02
C VAL E 217 -28.91 8.42 -0.19
N ASP E 218 -27.63 8.20 -0.52
CA ASP E 218 -26.54 8.93 0.10
C ASP E 218 -26.57 10.39 -0.38
N PRO E 219 -26.68 11.35 0.55
CA PRO E 219 -26.72 12.76 0.13
C PRO E 219 -25.45 13.21 -0.60
N VAL E 220 -24.37 12.44 -0.45
CA VAL E 220 -23.10 12.76 -1.07
C VAL E 220 -23.00 12.13 -2.46
N ASP E 221 -23.81 11.10 -2.71
CA ASP E 221 -23.78 10.37 -3.97
C ASP E 221 -25.12 9.68 -4.19
N GLU E 222 -25.92 10.22 -5.09
CA GLU E 222 -27.28 9.74 -5.31
C GLU E 222 -27.35 8.34 -5.91
N LYS E 223 -26.23 7.85 -6.44
CA LYS E 223 -26.19 6.52 -7.04
C LYS E 223 -25.98 5.44 -5.98
N ARG E 224 -25.48 5.83 -4.81
CA ARG E 224 -25.16 4.89 -3.75
C ARG E 224 -26.33 4.62 -2.81
N ASN E 225 -26.55 3.34 -2.52
CA ASN E 225 -27.53 2.92 -1.52
C ASN E 225 -26.83 2.73 -0.17
N VAL E 226 -27.11 3.63 0.77
CA VAL E 226 -26.48 3.57 2.08
C VAL E 226 -26.86 2.28 2.81
N ALA E 227 -28.01 1.71 2.45
CA ALA E 227 -28.50 0.48 3.05
C ALA E 227 -28.33 -0.71 2.11
N ALA E 228 -27.28 -0.66 1.29
CA ALA E 228 -27.02 -1.69 0.29
C ALA E 228 -26.93 -3.10 0.89
N ASN E 229 -26.30 -3.22 2.06
CA ASN E 229 -26.07 -4.53 2.66
C ASN E 229 -27.01 -4.83 3.83
N LEU E 230 -28.03 -4.02 4.01
CA LEU E 230 -29.12 -4.38 4.90
C LEU E 230 -29.92 -5.48 4.21
N SER E 231 -29.93 -6.67 4.80
CA SER E 231 -30.62 -7.80 4.20
C SER E 231 -32.12 -7.58 4.21
N LEU E 232 -32.83 -8.28 3.33
CA LEU E 232 -34.28 -8.22 3.26
C LEU E 232 -34.90 -8.62 4.59
N ASP E 233 -34.43 -9.74 5.14
CA ASP E 233 -35.00 -10.27 6.36
C ASP E 233 -34.74 -9.38 7.59
N ASN E 234 -33.59 -8.70 7.61
CA ASN E 234 -33.28 -7.80 8.72
C ASN E 234 -34.10 -6.51 8.62
N LEU E 235 -34.38 -6.07 7.39
CA LEU E 235 -35.31 -4.97 7.18
C LEU E 235 -36.67 -5.37 7.74
N ALA E 236 -37.11 -6.57 7.38
CA ALA E 236 -38.39 -7.10 7.86
C ALA E 236 -38.43 -7.13 9.39
N ARG E 237 -37.34 -7.59 10.00
CA ARG E 237 -37.27 -7.70 11.45
C ARG E 237 -37.37 -6.33 12.12
N PHE E 238 -36.75 -5.32 11.51
CA PHE E 238 -36.78 -3.98 12.07
C PHE E 238 -38.19 -3.40 12.00
N VAL E 239 -38.84 -3.58 10.86
CA VAL E 239 -40.22 -3.10 10.68
C VAL E 239 -41.13 -3.75 11.73
N HIS E 240 -40.98 -5.06 11.90
CA HIS E 240 -41.79 -5.79 12.86
C HIS E 240 -41.48 -5.34 14.28
N LEU E 241 -40.20 -5.15 14.57
CA LEU E 241 -39.78 -4.67 15.88
C LEU E 241 -40.37 -3.29 16.16
N CYS E 242 -40.49 -2.47 15.13
CA CYS E 242 -41.02 -1.13 15.28
C CYS E 242 -42.51 -1.15 15.58
N ARG E 243 -43.25 -2.04 14.90
CA ARG E 243 -44.66 -2.20 15.16
C ARG E 243 -44.88 -2.71 16.58
N GLU E 244 -44.06 -3.66 17.02
CA GLU E 244 -44.16 -4.22 18.35
C GLU E 244 -43.86 -3.18 19.43
N PHE E 245 -42.87 -2.33 19.19
CA PHE E 245 -42.47 -1.33 20.18
C PHE E 245 -43.59 -0.30 20.41
N MET E 246 -44.17 0.22 19.34
CA MET E 246 -45.22 1.22 19.45
C MET E 246 -46.48 0.63 20.09
N GLU E 247 -46.70 -0.66 19.87
CA GLU E 247 -47.87 -1.34 20.41
C GLU E 247 -47.75 -1.54 21.91
N ALA E 248 -46.54 -1.88 22.35
CA ALA E 248 -46.27 -2.14 23.76
C ALA E 248 -44.83 -1.77 24.08
N PRO E 249 -44.56 -0.46 24.25
CA PRO E 249 -43.21 0.04 24.52
C PRO E 249 -42.58 -0.59 25.75
N SER E 250 -41.28 -0.83 25.71
CA SER E 250 -40.59 -1.48 26.82
C SER E 250 -39.09 -1.19 26.75
N LEU E 251 -38.48 -1.08 27.93
CA LEU E 251 -37.05 -0.87 28.04
C LEU E 251 -36.30 -2.12 27.56
N GLY E 252 -37.00 -3.25 27.51
CA GLY E 252 -36.40 -4.51 27.10
C GLY E 252 -35.92 -4.49 25.66
N PHE E 253 -36.62 -3.72 24.82
CA PHE E 253 -36.24 -3.55 23.43
C PHE E 253 -34.82 -2.99 23.29
N PHE E 254 -34.33 -2.35 24.36
CA PHE E 254 -33.00 -1.75 24.36
C PHE E 254 -31.95 -2.61 25.06
N LYS E 255 -32.38 -3.74 25.60
CA LYS E 255 -31.48 -4.61 26.35
C LYS E 255 -31.09 -5.84 25.54
N PRO E 256 -29.79 -6.19 25.53
CA PRO E 256 -29.38 -7.38 24.81
C PRO E 256 -30.04 -8.64 25.36
N LYS E 257 -30.31 -9.61 24.49
CA LYS E 257 -30.92 -10.86 24.89
C LYS E 257 -29.84 -11.82 25.37
N HIS E 258 -30.12 -12.53 26.47
CA HIS E 258 -29.19 -13.53 26.97
C HIS E 258 -29.45 -14.88 26.27
N PRO E 259 -28.38 -15.61 25.93
CA PRO E 259 -28.58 -16.90 25.25
C PRO E 259 -29.41 -17.88 26.07
N LEU E 260 -29.96 -18.90 25.42
CA LEU E 260 -30.81 -19.87 26.09
C LEU E 260 -30.01 -20.77 27.02
N GLU E 261 -29.00 -21.43 26.47
CA GLU E 261 -28.13 -22.32 27.25
C GLU E 261 -28.95 -23.41 27.96
N ILE E 262 -29.65 -24.21 27.18
CA ILE E 262 -30.42 -25.32 27.73
C ILE E 262 -29.52 -26.53 27.92
N GLU E 263 -29.93 -27.46 28.77
CA GLU E 263 -29.18 -28.69 28.98
C GLU E 263 -29.17 -29.52 27.70
N PRO E 264 -28.08 -30.27 27.46
CA PRO E 264 -28.04 -31.12 26.25
C PRO E 264 -29.18 -32.14 26.22
N GLU E 265 -29.56 -32.65 27.38
CA GLU E 265 -30.62 -33.66 27.48
C GLU E 265 -31.97 -33.10 27.04
N ARG E 266 -32.26 -31.86 27.42
CA ARG E 266 -33.51 -31.22 27.04
C ARG E 266 -33.54 -30.99 25.54
N LEU E 267 -32.41 -30.54 24.99
CA LEU E 267 -32.29 -30.31 23.55
C LEU E 267 -32.49 -31.62 22.79
N ARG E 268 -31.88 -32.69 23.30
CA ARG E 268 -32.03 -34.01 22.69
C ARG E 268 -33.50 -34.43 22.61
N LYS E 269 -34.23 -34.19 23.69
CA LYS E 269 -35.63 -34.59 23.75
C LYS E 269 -36.48 -33.78 22.76
N ILE E 270 -36.15 -32.50 22.61
CA ILE E 270 -36.85 -31.64 21.67
C ILE E 270 -36.67 -32.15 20.25
N VAL E 271 -35.46 -32.53 19.90
CA VAL E 271 -35.17 -33.06 18.56
C VAL E 271 -35.88 -34.38 18.33
N GLU E 272 -35.89 -35.24 19.36
CA GLU E 272 -36.61 -36.50 19.30
C GLU E 272 -38.10 -36.28 19.02
N GLU E 273 -38.70 -35.34 19.76
CA GLU E 273 -40.12 -35.05 19.59
C GLU E 273 -40.44 -34.47 18.22
N ARG E 274 -39.61 -33.54 17.75
CA ARG E 274 -39.79 -32.96 16.43
C ARG E 274 -39.67 -34.04 15.34
N GLY E 275 -38.94 -35.10 15.64
CA GLY E 275 -38.82 -36.24 14.75
C GLY E 275 -37.97 -35.95 13.53
N THR E 276 -37.10 -34.96 13.64
CA THR E 276 -36.27 -34.52 12.52
C THR E 276 -34.86 -35.10 12.59
N ALA E 277 -34.18 -35.07 11.45
CA ALA E 277 -32.76 -35.39 11.41
C ALA E 277 -31.98 -34.09 11.58
N VAL E 278 -31.25 -33.99 12.68
CA VAL E 278 -30.46 -32.80 12.99
C VAL E 278 -28.99 -33.19 13.03
N PHE E 279 -28.18 -32.47 12.27
CA PHE E 279 -26.75 -32.76 12.21
C PHE E 279 -25.95 -31.52 11.81
N ALA E 280 -24.63 -31.65 11.90
CA ALA E 280 -23.73 -30.56 11.58
C ALA E 280 -22.54 -31.06 10.77
N VAL E 281 -22.09 -30.22 9.85
CA VAL E 281 -20.80 -30.41 9.21
C VAL E 281 -19.79 -29.58 9.98
N LYS E 282 -18.81 -30.25 10.58
CA LYS E 282 -17.78 -29.60 11.38
C LYS E 282 -16.45 -29.61 10.62
N PHE E 283 -15.82 -28.45 10.56
CA PHE E 283 -14.52 -28.31 9.91
C PHE E 283 -13.76 -27.16 10.56
N ARG E 284 -12.50 -27.00 10.19
CA ARG E 284 -11.66 -25.96 10.79
C ARG E 284 -11.93 -24.59 10.17
N LYS E 285 -11.99 -23.57 11.02
CA LYS E 285 -12.24 -22.21 10.57
C LYS E 285 -11.05 -21.71 9.75
N PRO E 286 -11.31 -21.20 8.53
CA PRO E 286 -10.20 -20.61 7.78
C PRO E 286 -9.72 -19.34 8.45
N ASP E 287 -8.41 -19.09 8.40
CA ASP E 287 -7.83 -17.87 8.96
C ASP E 287 -8.07 -16.70 8.00
N ILE E 288 -9.31 -16.20 7.99
CA ILE E 288 -9.69 -15.07 7.16
C ILE E 288 -10.60 -14.16 7.98
N VAL E 289 -10.79 -12.92 7.52
CA VAL E 289 -11.62 -11.98 8.25
C VAL E 289 -13.10 -12.36 8.14
N ASP E 290 -13.90 -11.87 9.09
CA ASP E 290 -15.33 -12.16 9.16
C ASP E 290 -16.05 -11.90 7.85
N ASP E 291 -15.68 -10.81 7.18
CA ASP E 291 -16.39 -10.35 6.00
C ASP E 291 -16.15 -11.23 4.78
N ASN E 292 -15.18 -12.13 4.88
CA ASN E 292 -14.97 -13.16 3.86
C ASN E 292 -15.53 -14.49 4.35
N LEU E 293 -15.45 -14.74 5.64
CA LEU E 293 -15.88 -16.01 6.21
C LEU E 293 -17.39 -16.21 6.14
N TYR E 294 -18.15 -15.20 6.55
CA TYR E 294 -19.59 -15.36 6.72
C TYR E 294 -20.37 -15.49 5.41
N PRO E 295 -20.04 -14.69 4.39
CA PRO E 295 -20.67 -14.94 3.09
C PRO E 295 -20.36 -16.34 2.54
N GLN E 296 -19.23 -16.91 2.93
CA GLN E 296 -18.88 -18.26 2.50
C GLN E 296 -19.65 -19.32 3.31
N LEU E 297 -19.87 -19.05 4.59
CA LEU E 297 -20.67 -19.96 5.41
C LEU E 297 -22.12 -19.95 4.92
N GLU E 298 -22.59 -18.78 4.48
CA GLU E 298 -23.91 -18.66 3.89
C GLU E 298 -24.02 -19.48 2.60
N ARG E 299 -23.02 -19.35 1.73
CA ARG E 299 -23.00 -20.08 0.47
C ARG E 299 -22.95 -21.59 0.68
N ALA E 300 -22.04 -22.03 1.55
CA ALA E 300 -21.86 -23.45 1.82
C ALA E 300 -23.13 -24.10 2.35
N SER E 301 -23.75 -23.46 3.34
CA SER E 301 -24.96 -24.03 3.95
C SER E 301 -26.12 -24.02 2.96
N ARG E 302 -26.13 -23.02 2.08
CA ARG E 302 -27.19 -22.91 1.07
C ARG E 302 -27.03 -24.00 0.01
N LYS E 303 -25.79 -24.30 -0.35
CA LYS E 303 -25.51 -25.32 -1.36
C LYS E 303 -25.87 -26.71 -0.86
N ILE E 304 -25.61 -26.95 0.42
CA ILE E 304 -25.91 -28.23 1.04
C ILE E 304 -27.43 -28.36 1.25
N PHE E 305 -28.06 -27.24 1.57
CA PHE E 305 -29.52 -27.19 1.68
C PHE E 305 -30.16 -27.60 0.36
N GLU E 306 -29.71 -26.99 -0.73
CA GLU E 306 -30.24 -27.29 -2.05
C GLU E 306 -30.01 -28.74 -2.45
N PHE E 307 -28.83 -29.27 -2.11
CA PHE E 307 -28.54 -30.68 -2.34
C PHE E 307 -29.54 -31.57 -1.62
N LEU E 308 -29.84 -31.22 -0.36
CA LEU E 308 -30.79 -31.97 0.44
C LEU E 308 -32.20 -31.89 -0.13
N GLU E 309 -32.54 -30.75 -0.73
CA GLU E 309 -33.82 -30.61 -1.41
C GLU E 309 -33.89 -31.53 -2.62
N ARG E 310 -32.84 -31.52 -3.43
CA ARG E 310 -32.76 -32.37 -4.63
C ARG E 310 -32.87 -33.85 -4.28
N GLU E 311 -32.26 -34.24 -3.17
CA GLU E 311 -32.18 -35.63 -2.78
C GLU E 311 -33.36 -36.04 -1.90
N ASN E 312 -34.38 -35.20 -1.87
CA ASN E 312 -35.65 -35.52 -1.21
C ASN E 312 -35.52 -35.84 0.27
N PHE E 313 -34.64 -35.13 0.97
CA PHE E 313 -34.55 -35.24 2.42
C PHE E 313 -35.32 -34.11 3.10
N MET E 314 -35.85 -33.19 2.30
CA MET E 314 -36.76 -32.17 2.77
C MET E 314 -36.21 -31.38 3.95
N PRO E 315 -35.16 -30.57 3.70
CA PRO E 315 -34.60 -29.73 4.75
C PRO E 315 -35.60 -28.69 5.26
N LEU E 316 -35.53 -28.37 6.54
CA LEU E 316 -36.41 -27.36 7.15
C LEU E 316 -35.71 -26.01 7.18
N ARG E 317 -34.58 -25.96 7.88
CA ARG E 317 -33.76 -24.78 7.93
C ARG E 317 -32.29 -25.16 8.01
N SER E 318 -31.43 -24.18 7.78
CA SER E 318 -30.01 -24.34 8.04
C SER E 318 -29.55 -23.16 8.89
N ALA E 319 -28.43 -23.36 9.57
CA ALA E 319 -27.79 -22.29 10.32
C ALA E 319 -26.30 -22.55 10.29
N PHE E 320 -25.53 -21.61 10.83
CA PHE E 320 -24.09 -21.80 10.92
C PHE E 320 -23.51 -21.09 12.12
N LYS E 321 -22.29 -21.46 12.48
CA LYS E 321 -21.63 -20.92 13.65
C LYS E 321 -20.12 -20.97 13.46
N ALA E 322 -19.47 -19.86 13.75
CA ALA E 322 -18.01 -19.79 13.74
C ALA E 322 -17.48 -19.58 15.14
N SER E 323 -16.65 -20.51 15.61
CA SER E 323 -15.89 -20.33 16.83
C SER E 323 -14.48 -19.98 16.41
N GLU E 324 -13.55 -19.95 17.36
CA GLU E 324 -12.18 -19.56 17.05
C GLU E 324 -11.44 -20.63 16.27
N GLU E 325 -11.74 -21.90 16.57
CA GLU E 325 -11.03 -23.02 15.95
C GLU E 325 -11.86 -23.73 14.88
N PHE E 326 -13.18 -23.79 15.10
CA PHE E 326 -14.06 -24.55 14.23
C PHE E 326 -15.24 -23.77 13.71
N CYS E 327 -15.77 -24.23 12.57
CA CYS E 327 -17.02 -23.74 12.03
C CYS E 327 -18.01 -24.89 11.98
N TYR E 328 -19.29 -24.56 11.98
CA TYR E 328 -20.35 -25.57 11.96
C TYR E 328 -21.44 -25.14 11.00
N LEU E 329 -21.83 -26.04 10.09
CA LEU E 329 -23.00 -25.83 9.25
C LEU E 329 -24.09 -26.76 9.76
N LEU E 330 -25.20 -26.19 10.22
CA LEU E 330 -26.23 -26.94 10.91
C LEU E 330 -27.46 -27.15 10.01
N PHE E 331 -28.04 -28.34 10.07
CA PHE E 331 -29.19 -28.66 9.24
C PHE E 331 -30.25 -29.46 9.98
N GLU E 332 -31.51 -29.21 9.65
CA GLU E 332 -32.62 -30.02 10.14
C GLU E 332 -33.44 -30.51 8.96
N CYS E 333 -33.65 -31.82 8.90
CA CYS E 333 -34.39 -32.43 7.80
C CYS E 333 -35.59 -33.21 8.30
N GLN E 334 -36.66 -33.18 7.52
CA GLN E 334 -37.90 -33.89 7.87
C GLN E 334 -37.76 -35.40 7.63
N ILE E 335 -36.79 -35.78 6.81
CA ILE E 335 -36.55 -37.18 6.47
C ILE E 335 -35.27 -37.69 7.12
N LYS E 336 -35.42 -38.69 7.99
CA LYS E 336 -34.26 -39.33 8.61
C LYS E 336 -33.70 -40.41 7.70
N GLU E 337 -34.60 -41.07 6.96
CA GLU E 337 -34.20 -42.16 6.09
C GLU E 337 -35.14 -42.31 4.91
N ILE E 338 -34.55 -42.50 3.74
CA ILE E 338 -35.31 -42.71 2.51
C ILE E 338 -35.01 -44.11 2.00
N SER E 339 -35.92 -44.67 1.20
CA SER E 339 -35.77 -46.03 0.73
C SER E 339 -34.52 -46.20 -0.16
N ARG E 340 -33.98 -47.41 -0.17
CA ARG E 340 -32.85 -47.74 -1.02
C ARG E 340 -33.26 -47.62 -2.49
N VAL E 341 -34.43 -48.18 -2.82
CA VAL E 341 -34.89 -48.20 -4.20
C VAL E 341 -35.47 -46.85 -4.63
N PHE E 342 -35.21 -46.46 -5.88
CA PHE E 342 -35.77 -45.23 -6.43
C PHE E 342 -36.08 -45.39 -7.92
N ARG E 343 -36.76 -44.40 -8.48
CA ARG E 343 -37.18 -44.46 -9.88
C ARG E 343 -36.19 -43.76 -10.80
N ARG E 344 -35.75 -44.49 -11.82
CA ARG E 344 -34.83 -43.97 -12.82
C ARG E 344 -35.56 -43.82 -14.14
N MET E 345 -35.50 -42.62 -14.72
CA MET E 345 -36.20 -42.34 -15.96
C MET E 345 -35.47 -42.92 -17.17
N GLY E 346 -36.23 -43.59 -18.04
CA GLY E 346 -35.72 -44.10 -19.29
C GLY E 346 -36.30 -43.35 -20.47
N PRO E 347 -36.13 -43.89 -21.69
CA PRO E 347 -36.63 -43.24 -22.90
C PRO E 347 -38.10 -43.53 -23.17
N GLN E 348 -38.72 -42.73 -24.04
CA GLN E 348 -40.09 -42.97 -24.48
C GLN E 348 -40.16 -44.28 -25.26
N PHE E 349 -41.34 -44.90 -25.27
CA PHE E 349 -41.48 -46.23 -25.85
C PHE E 349 -41.14 -46.29 -27.34
N GLU E 350 -41.31 -45.17 -28.05
CA GLU E 350 -41.06 -45.14 -29.49
C GLU E 350 -39.59 -45.39 -29.83
N ASP E 351 -38.69 -44.95 -28.96
CA ASP E 351 -37.25 -44.99 -29.24
C ASP E 351 -36.70 -46.42 -29.14
N GLU E 352 -36.79 -47.17 -30.24
CA GLU E 352 -36.40 -48.57 -30.24
C GLU E 352 -34.96 -48.79 -29.78
N ARG E 353 -34.05 -47.97 -30.27
CA ARG E 353 -32.62 -48.17 -29.99
C ARG E 353 -32.25 -47.89 -28.54
N ASN E 354 -32.74 -46.77 -27.99
CA ASN E 354 -32.39 -46.40 -26.61
C ASN E 354 -33.13 -47.23 -25.57
N VAL E 355 -34.35 -47.66 -25.89
CA VAL E 355 -35.08 -48.60 -25.03
C VAL E 355 -34.23 -49.86 -24.88
N LYS E 356 -33.71 -50.36 -25.99
CA LYS E 356 -32.87 -51.55 -26.00
C LYS E 356 -31.68 -51.39 -25.06
N LYS E 357 -30.98 -50.27 -25.20
CA LYS E 357 -29.84 -49.97 -24.34
C LYS E 357 -30.28 -49.87 -22.88
N PHE E 358 -31.44 -49.25 -22.66
CA PHE E 358 -31.97 -49.07 -21.33
C PHE E 358 -32.31 -50.42 -20.67
N LEU E 359 -32.89 -51.32 -21.45
CA LEU E 359 -33.32 -52.62 -20.92
C LEU E 359 -32.17 -53.63 -20.85
N SER E 360 -31.04 -53.30 -21.43
CA SER E 360 -29.90 -54.23 -21.47
C SER E 360 -29.07 -54.14 -20.20
N ARG E 361 -29.09 -52.98 -19.54
CA ARG E 361 -28.41 -52.80 -18.27
C ARG E 361 -28.94 -53.80 -17.24
N ASN E 362 -28.04 -54.41 -16.48
CA ASN E 362 -28.43 -55.40 -15.49
C ASN E 362 -28.96 -54.75 -14.22
N ARG E 363 -30.12 -55.23 -13.77
CA ARG E 363 -30.74 -54.69 -12.55
C ARG E 363 -31.40 -55.79 -11.73
N ALA E 364 -31.60 -55.51 -10.45
CA ALA E 364 -32.24 -56.47 -9.54
C ALA E 364 -33.71 -56.63 -9.86
N PHE E 365 -34.33 -55.59 -10.41
CA PHE E 365 -35.77 -55.59 -10.68
C PHE E 365 -36.07 -55.21 -12.13
N ARG E 366 -37.24 -55.64 -12.60
CA ARG E 366 -37.65 -55.40 -13.98
C ARG E 366 -38.05 -53.96 -14.21
N PRO E 367 -37.59 -53.36 -15.33
CA PRO E 367 -38.13 -52.06 -15.74
C PRO E 367 -39.61 -52.14 -16.08
N PHE E 368 -40.26 -51.00 -16.25
CA PHE E 368 -41.68 -50.97 -16.56
C PHE E 368 -42.04 -49.71 -17.34
N ILE E 369 -43.21 -49.73 -17.96
CA ILE E 369 -43.71 -48.60 -18.72
C ILE E 369 -44.77 -47.85 -17.90
N GLU E 370 -44.69 -46.52 -17.92
CA GLU E 370 -45.71 -45.68 -17.30
C GLU E 370 -45.84 -44.38 -18.08
N ASN E 371 -47.06 -44.07 -18.50
CA ASN E 371 -47.33 -42.88 -19.29
C ASN E 371 -46.45 -42.81 -20.55
N GLY E 372 -46.32 -43.95 -21.23
CA GLY E 372 -45.61 -43.99 -22.49
C GLY E 372 -44.10 -43.89 -22.38
N ARG E 373 -43.60 -43.99 -21.16
CA ARG E 373 -42.17 -43.88 -20.90
C ARG E 373 -41.67 -45.06 -20.09
N TRP E 374 -40.46 -45.52 -20.38
CA TRP E 374 -39.84 -46.60 -19.63
C TRP E 374 -39.21 -46.07 -18.35
N TRP E 375 -39.34 -46.83 -17.27
CA TRP E 375 -38.71 -46.52 -15.99
C TRP E 375 -38.07 -47.77 -15.43
N ALA E 376 -37.12 -47.59 -14.52
CA ALA E 376 -36.46 -48.71 -13.87
C ALA E 376 -36.24 -48.39 -12.41
N PHE E 377 -36.35 -49.42 -11.56
CA PHE E 377 -36.00 -49.30 -10.17
C PHE E 377 -34.49 -49.49 -10.02
N GLU E 378 -33.83 -48.55 -9.35
CA GLU E 378 -32.40 -48.64 -9.09
C GLU E 378 -32.13 -48.28 -7.63
N MET E 379 -30.86 -48.37 -7.22
CA MET E 379 -30.49 -48.23 -5.82
C MET E 379 -29.72 -46.95 -5.53
N ARG E 380 -30.10 -46.29 -4.44
CA ARG E 380 -29.41 -45.09 -3.97
C ARG E 380 -28.06 -45.45 -3.37
N LYS E 381 -27.11 -44.51 -3.46
CA LYS E 381 -25.79 -44.69 -2.88
C LYS E 381 -25.82 -44.40 -1.37
N PHE E 382 -26.81 -43.61 -0.96
CA PHE E 382 -27.00 -43.27 0.44
C PHE E 382 -28.49 -43.16 0.73
N THR E 383 -28.87 -43.34 2.00
CA THR E 383 -30.27 -43.34 2.39
C THR E 383 -30.59 -42.41 3.56
N THR E 384 -29.56 -41.78 4.12
CA THR E 384 -29.75 -40.79 5.18
C THR E 384 -29.18 -39.46 4.73
N PRO E 385 -29.73 -38.35 5.24
CA PRO E 385 -29.17 -37.04 4.85
C PRO E 385 -27.74 -36.87 5.35
N GLU E 386 -27.40 -37.48 6.48
CA GLU E 386 -26.03 -37.41 6.98
C GLU E 386 -25.04 -37.98 5.97
N GLU E 387 -25.36 -39.13 5.39
CA GLU E 387 -24.47 -39.78 4.44
C GLU E 387 -24.48 -39.08 3.08
N GLY E 388 -25.62 -38.49 2.71
CA GLY E 388 -25.71 -37.72 1.49
C GLY E 388 -24.78 -36.52 1.55
N VAL E 389 -24.90 -35.74 2.63
CA VAL E 389 -24.05 -34.58 2.85
C VAL E 389 -22.58 -34.99 2.93
N ARG E 390 -22.32 -36.14 3.56
CA ARG E 390 -20.96 -36.67 3.63
C ARG E 390 -20.40 -36.85 2.22
N SER E 391 -21.21 -37.42 1.34
CA SER E 391 -20.82 -37.61 -0.05
C SER E 391 -20.65 -36.28 -0.77
N TYR E 392 -21.62 -35.38 -0.61
CA TYR E 392 -21.61 -34.11 -1.33
C TYR E 392 -20.46 -33.20 -0.89
N ALA E 393 -20.21 -33.15 0.42
CA ALA E 393 -19.12 -32.33 0.94
C ALA E 393 -17.78 -32.86 0.45
N SER E 394 -17.74 -34.16 0.18
CA SER E 394 -16.50 -34.83 -0.22
C SER E 394 -16.17 -34.58 -1.69
N THR E 395 -17.20 -34.42 -2.50
CA THR E 395 -17.04 -34.40 -3.95
C THR E 395 -17.30 -33.02 -4.56
N HIS E 396 -18.01 -32.16 -3.84
CA HIS E 396 -18.35 -30.82 -4.31
C HIS E 396 -17.84 -29.73 -3.37
N TRP E 397 -16.74 -30.01 -2.67
CA TRP E 397 -16.16 -29.03 -1.76
C TRP E 397 -15.86 -27.70 -2.45
N HIS E 398 -15.61 -27.75 -3.75
CA HIS E 398 -15.24 -26.55 -4.51
C HIS E 398 -16.37 -25.54 -4.61
N THR E 399 -17.60 -25.97 -4.36
CA THR E 399 -18.76 -25.09 -4.46
C THR E 399 -19.17 -24.49 -3.12
N LEU E 400 -18.40 -24.75 -2.07
CA LEU E 400 -18.76 -24.32 -0.72
C LEU E 400 -17.98 -23.09 -0.27
N GLY E 401 -17.60 -22.25 -1.24
CA GLY E 401 -16.79 -21.08 -0.94
C GLY E 401 -15.32 -21.41 -1.08
N LYS E 402 -14.53 -20.45 -1.53
CA LYS E 402 -13.13 -20.67 -1.84
C LYS E 402 -12.34 -21.16 -0.62
N ASN E 403 -12.52 -20.49 0.51
CA ASN E 403 -11.76 -20.80 1.72
C ASN E 403 -12.46 -21.86 2.57
N VAL E 404 -13.76 -21.70 2.78
CA VAL E 404 -14.55 -22.70 3.50
C VAL E 404 -14.46 -24.05 2.78
N GLY E 405 -14.60 -24.01 1.46
CA GLY E 405 -14.53 -25.21 0.65
C GLY E 405 -13.18 -25.92 0.76
N GLU E 406 -12.11 -25.14 0.72
CA GLU E 406 -10.76 -25.69 0.83
C GLU E 406 -10.55 -26.35 2.20
N SER E 407 -11.17 -25.80 3.23
CA SER E 407 -11.04 -26.36 4.57
C SER E 407 -11.76 -27.70 4.67
N ILE E 408 -13.01 -27.73 4.22
CA ILE E 408 -13.81 -28.95 4.24
C ILE E 408 -13.13 -30.04 3.41
N ARG E 409 -12.51 -29.63 2.31
CA ARG E 409 -11.75 -30.53 1.46
C ARG E 409 -10.64 -31.23 2.26
N GLU E 410 -10.01 -30.48 3.16
CA GLU E 410 -8.90 -31.01 3.95
C GLU E 410 -9.41 -31.87 5.09
N TYR E 411 -10.46 -31.41 5.75
CA TYR E 411 -11.04 -32.13 6.86
C TYR E 411 -12.45 -31.65 7.19
N PHE E 412 -13.38 -32.58 7.29
CA PHE E 412 -14.69 -32.30 7.85
C PHE E 412 -15.21 -33.57 8.51
N GLU E 413 -16.21 -33.42 9.36
CA GLU E 413 -16.94 -34.58 9.88
C GLU E 413 -18.39 -34.24 10.14
N ILE E 414 -19.24 -35.23 9.95
CA ILE E 414 -20.67 -35.10 10.18
C ILE E 414 -20.95 -35.50 11.62
N ILE E 415 -21.48 -34.54 12.39
CA ILE E 415 -21.82 -34.81 13.78
C ILE E 415 -23.33 -34.72 13.96
N SER E 416 -23.88 -35.69 14.68
CA SER E 416 -25.31 -35.74 14.94
C SER E 416 -25.57 -36.43 16.27
N GLY E 417 -26.84 -36.54 16.63
CA GLY E 417 -27.24 -37.21 17.85
C GLY E 417 -26.66 -36.52 19.07
N GLU E 418 -26.37 -37.32 20.09
CA GLU E 418 -25.92 -36.79 21.37
C GLU E 418 -24.54 -36.14 21.28
N LYS E 419 -23.74 -36.58 20.30
CA LYS E 419 -22.42 -36.01 20.09
C LYS E 419 -22.51 -34.55 19.63
N LEU E 420 -23.53 -34.23 18.86
CA LEU E 420 -23.73 -32.88 18.34
C LEU E 420 -24.05 -31.89 19.46
N PHE E 421 -24.86 -32.35 20.42
CA PHE E 421 -25.32 -31.49 21.49
C PHE E 421 -24.20 -31.14 22.47
N LYS E 422 -23.05 -31.79 22.31
CA LYS E 422 -21.88 -31.48 23.12
C LYS E 422 -21.07 -30.34 22.50
N GLU E 423 -21.24 -30.13 21.20
CA GLU E 423 -20.55 -29.06 20.49
C GLU E 423 -21.17 -27.72 20.87
N PRO E 424 -20.38 -26.63 20.79
CA PRO E 424 -20.87 -25.31 21.19
C PRO E 424 -21.78 -24.68 20.13
N VAL E 425 -22.93 -25.32 19.90
CA VAL E 425 -23.88 -24.86 18.89
C VAL E 425 -25.31 -24.84 19.41
N THR E 426 -25.44 -24.92 20.74
CA THR E 426 -26.75 -25.04 21.38
C THR E 426 -27.63 -23.85 21.07
N ALA E 427 -27.08 -22.65 21.21
CA ALA E 427 -27.80 -21.41 20.93
C ALA E 427 -28.33 -21.39 19.49
N GLU E 428 -27.47 -21.76 18.54
CA GLU E 428 -27.83 -21.70 17.13
C GLU E 428 -28.91 -22.73 16.77
N LEU E 429 -28.81 -23.92 17.34
CA LEU E 429 -29.82 -24.96 17.12
C LEU E 429 -31.18 -24.52 17.67
N CYS E 430 -31.17 -23.95 18.87
CA CYS E 430 -32.41 -23.50 19.50
C CYS E 430 -33.08 -22.43 18.66
N GLU E 431 -32.30 -21.44 18.22
CA GLU E 431 -32.80 -20.38 17.36
C GLU E 431 -33.33 -20.96 16.06
N MET E 432 -32.59 -21.93 15.51
CA MET E 432 -32.95 -22.56 14.24
C MET E 432 -34.31 -23.24 14.33
N MET E 433 -34.58 -23.86 15.47
CA MET E 433 -35.81 -24.64 15.65
C MET E 433 -36.92 -23.81 16.31
N GLY E 434 -36.61 -22.57 16.68
CA GLY E 434 -37.59 -21.69 17.29
C GLY E 434 -37.95 -22.10 18.70
N VAL E 435 -36.97 -22.61 19.44
CA VAL E 435 -37.17 -23.01 20.83
C VAL E 435 -37.45 -21.78 21.70
N LYS E 436 -38.56 -21.81 22.42
CA LYS E 436 -38.92 -20.71 23.32
C LYS E 436 -38.13 -20.80 24.62
N ASP E 437 -37.96 -19.65 25.28
CA ASP E 437 -37.28 -19.61 26.57
C ASP E 437 -38.21 -20.08 27.67
N MET F 1 -24.67 5.06 -56.29
CA MET F 1 -25.49 5.15 -57.53
C MET F 1 -26.86 4.53 -57.32
N LYS F 2 -27.78 5.32 -56.75
CA LYS F 2 -29.15 4.91 -56.48
C LYS F 2 -29.23 3.82 -55.40
N VAL F 3 -29.82 4.18 -54.26
CA VAL F 3 -29.92 3.29 -53.11
C VAL F 3 -30.64 2.00 -53.47
N GLU F 4 -31.77 2.12 -54.17
CA GLU F 4 -32.60 0.98 -54.49
C GLU F 4 -31.84 -0.06 -55.30
N GLU F 5 -31.00 0.40 -56.22
CA GLU F 5 -30.20 -0.50 -57.03
C GLU F 5 -29.13 -1.16 -56.18
N ILE F 6 -28.55 -0.40 -55.26
CA ILE F 6 -27.51 -0.91 -54.37
C ILE F 6 -28.07 -2.01 -53.47
N LEU F 7 -29.19 -1.73 -52.82
CA LEU F 7 -29.82 -2.72 -51.94
C LEU F 7 -30.20 -3.96 -52.72
N GLU F 8 -30.61 -3.76 -53.97
CA GLU F 8 -30.98 -4.87 -54.84
C GLU F 8 -29.77 -5.76 -55.10
N LYS F 9 -28.64 -5.15 -55.40
CA LYS F 9 -27.41 -5.88 -55.67
C LYS F 9 -26.81 -6.47 -54.40
N ALA F 10 -27.18 -5.92 -53.24
CA ALA F 10 -26.64 -6.36 -51.98
C ALA F 10 -27.29 -7.67 -51.52
N LEU F 11 -28.52 -7.90 -51.97
CA LEU F 11 -29.24 -9.13 -51.66
C LEU F 11 -28.51 -10.35 -52.23
N GLU F 12 -27.96 -10.19 -53.43
CA GLU F 12 -27.22 -11.26 -54.10
C GLU F 12 -26.11 -11.79 -53.21
N LEU F 13 -25.46 -10.88 -52.49
CA LEU F 13 -24.33 -11.24 -51.65
C LEU F 13 -24.76 -11.97 -50.39
N VAL F 14 -26.05 -11.86 -50.06
CA VAL F 14 -26.54 -12.34 -48.77
C VAL F 14 -27.51 -13.51 -48.89
N ILE F 15 -28.52 -13.38 -49.76
CA ILE F 15 -29.55 -14.40 -49.88
C ILE F 15 -28.94 -15.74 -50.32
N PRO F 16 -29.24 -16.82 -49.59
CA PRO F 16 -28.74 -18.13 -50.01
C PRO F 16 -29.29 -18.55 -51.38
N ASP F 17 -28.50 -19.29 -52.15
CA ASP F 17 -28.93 -19.72 -53.47
C ASP F 17 -29.82 -20.96 -53.39
N GLU F 18 -30.40 -21.33 -54.52
CA GLU F 18 -31.31 -22.47 -54.60
C GLU F 18 -30.67 -23.74 -54.03
N GLU F 19 -29.38 -23.91 -54.30
CA GLU F 19 -28.66 -25.11 -53.90
C GLU F 19 -28.54 -25.22 -52.38
N GLU F 20 -28.26 -24.10 -51.72
CA GLU F 20 -28.09 -24.11 -50.27
C GLU F 20 -29.43 -24.26 -49.57
N VAL F 21 -30.47 -23.68 -50.15
CA VAL F 21 -31.82 -23.82 -49.62
C VAL F 21 -32.26 -25.28 -49.71
N ARG F 22 -32.03 -25.89 -50.87
CA ARG F 22 -32.41 -27.29 -51.08
C ARG F 22 -31.61 -28.21 -50.17
N LYS F 23 -30.37 -27.82 -49.90
CA LYS F 23 -29.51 -28.59 -48.99
C LYS F 23 -30.10 -28.56 -47.58
N GLY F 24 -30.65 -27.41 -47.20
CA GLY F 24 -31.26 -27.26 -45.89
C GLY F 24 -32.60 -27.95 -45.79
N ARG F 25 -33.39 -27.85 -46.86
CA ARG F 25 -34.71 -28.47 -46.89
C ARG F 25 -34.63 -29.98 -46.75
N GLU F 26 -33.69 -30.59 -47.45
CA GLU F 26 -33.53 -32.04 -47.43
C GLU F 26 -33.04 -32.53 -46.07
N ALA F 27 -32.18 -31.73 -45.44
CA ALA F 27 -31.69 -32.07 -44.11
C ALA F 27 -32.80 -31.89 -43.08
N GLU F 28 -33.62 -30.86 -43.28
CA GLU F 28 -34.74 -30.58 -42.39
C GLU F 28 -35.75 -31.73 -42.41
N GLU F 29 -36.11 -32.17 -43.61
CA GLU F 29 -37.10 -33.22 -43.78
C GLU F 29 -36.60 -34.53 -43.19
N GLU F 30 -35.32 -34.81 -43.35
CA GLU F 30 -34.72 -36.02 -42.79
C GLU F 30 -34.69 -35.91 -41.26
N LEU F 31 -34.36 -34.72 -40.78
CA LEU F 31 -34.24 -34.48 -39.35
C LEU F 31 -35.59 -34.68 -38.64
N ARG F 32 -36.66 -34.16 -39.25
CA ARG F 32 -38.00 -34.31 -38.70
C ARG F 32 -38.43 -35.77 -38.69
N ARG F 33 -38.06 -36.50 -39.74
CA ARG F 33 -38.45 -37.90 -39.87
C ARG F 33 -37.82 -38.73 -38.75
N ARG F 34 -36.54 -38.47 -38.48
CA ARG F 34 -35.84 -39.17 -37.42
C ARG F 34 -36.41 -38.81 -36.05
N LEU F 35 -36.74 -37.54 -35.84
CA LEU F 35 -37.28 -37.08 -34.57
C LEU F 35 -38.65 -37.68 -34.31
N ASP F 36 -39.49 -37.70 -35.35
CA ASP F 36 -40.85 -38.22 -35.22
C ASP F 36 -40.87 -39.71 -34.87
N GLU F 37 -39.81 -40.43 -35.26
CA GLU F 37 -39.69 -41.83 -34.92
C GLU F 37 -39.54 -42.05 -33.42
N LEU F 38 -39.02 -41.04 -32.73
CA LEU F 38 -38.69 -41.16 -31.31
C LEU F 38 -39.79 -40.60 -30.43
N GLY F 39 -40.79 -39.97 -31.05
CA GLY F 39 -41.95 -39.48 -30.33
C GLY F 39 -41.70 -38.26 -29.45
N VAL F 40 -40.54 -37.63 -29.62
CA VAL F 40 -40.17 -36.48 -28.80
C VAL F 40 -40.85 -35.19 -29.28
N GLU F 41 -41.18 -34.32 -28.35
CA GLU F 41 -41.65 -32.97 -28.69
C GLU F 41 -40.47 -32.08 -29.01
N TYR F 42 -40.55 -31.40 -30.15
CA TYR F 42 -39.47 -30.53 -30.59
C TYR F 42 -40.02 -29.35 -31.38
N VAL F 43 -39.17 -28.34 -31.56
CA VAL F 43 -39.51 -27.19 -32.39
C VAL F 43 -38.26 -26.65 -33.09
N PHE F 44 -38.38 -26.40 -34.39
CA PHE F 44 -37.30 -25.78 -35.14
C PHE F 44 -37.32 -24.28 -34.87
N VAL F 45 -36.18 -23.72 -34.49
CA VAL F 45 -36.09 -22.32 -34.12
C VAL F 45 -34.93 -21.61 -34.81
N GLY F 46 -34.76 -20.34 -34.47
CA GLY F 46 -33.61 -19.59 -34.92
C GLY F 46 -33.66 -19.17 -36.38
N SER F 47 -32.49 -18.81 -36.89
CA SER F 47 -32.36 -18.22 -38.21
C SER F 47 -32.87 -19.11 -39.34
N TYR F 48 -32.62 -20.42 -39.26
CA TYR F 48 -33.05 -21.32 -40.31
C TYR F 48 -34.58 -21.42 -40.36
N ALA F 49 -35.19 -21.55 -39.19
CA ALA F 49 -36.65 -21.74 -39.11
C ALA F 49 -37.42 -20.54 -39.65
N ARG F 50 -36.83 -19.34 -39.53
CA ARG F 50 -37.48 -18.12 -39.98
C ARG F 50 -37.00 -17.68 -41.36
N ASN F 51 -36.05 -18.42 -41.92
CA ASN F 51 -35.51 -18.11 -43.24
C ASN F 51 -34.84 -16.73 -43.26
N THR F 52 -33.97 -16.48 -42.29
CA THR F 52 -33.26 -15.21 -42.17
C THR F 52 -31.76 -15.39 -42.09
N TRP F 53 -31.26 -16.57 -42.47
CA TRP F 53 -29.84 -16.87 -42.40
C TRP F 53 -29.11 -16.42 -43.66
N LEU F 54 -27.81 -16.15 -43.53
CA LEU F 54 -27.01 -15.62 -44.62
C LEU F 54 -26.48 -16.72 -45.53
N LYS F 55 -26.23 -16.36 -46.78
CA LYS F 55 -25.52 -17.23 -47.70
C LYS F 55 -24.23 -17.72 -47.07
N GLY F 56 -24.07 -19.04 -46.99
CA GLY F 56 -22.86 -19.64 -46.48
C GLY F 56 -22.85 -19.91 -44.98
N SER F 57 -23.97 -19.64 -44.31
CA SER F 57 -24.07 -19.86 -42.87
C SER F 57 -25.27 -20.72 -42.50
N LEU F 58 -25.50 -21.77 -43.26
CA LEU F 58 -26.61 -22.68 -43.00
C LEU F 58 -26.36 -23.49 -41.73
N GLU F 59 -27.27 -23.38 -40.77
CA GLU F 59 -27.22 -24.16 -39.54
C GLU F 59 -28.61 -24.29 -38.94
N ILE F 60 -29.02 -25.54 -38.69
CA ILE F 60 -30.35 -25.83 -38.20
C ILE F 60 -30.35 -25.96 -36.68
N ASP F 61 -31.26 -25.25 -36.03
CA ASP F 61 -31.43 -25.33 -34.58
C ASP F 61 -32.72 -26.06 -34.22
N VAL F 62 -32.59 -27.18 -33.52
CA VAL F 62 -33.73 -27.94 -33.04
C VAL F 62 -33.75 -27.92 -31.52
N PHE F 63 -34.84 -27.46 -30.95
CA PHE F 63 -35.01 -27.44 -29.49
C PHE F 63 -35.97 -28.52 -29.03
N LEU F 64 -35.49 -29.37 -28.13
CA LEU F 64 -36.28 -30.48 -27.60
C LEU F 64 -37.06 -30.01 -26.39
N LEU F 65 -38.38 -30.11 -26.48
CA LEU F 65 -39.26 -29.58 -25.44
C LEU F 65 -39.63 -30.67 -24.43
N PHE F 66 -39.10 -30.53 -23.21
CA PHE F 66 -39.36 -31.49 -22.15
C PHE F 66 -40.28 -30.90 -21.08
N PRO F 67 -41.03 -31.75 -20.37
CA PRO F 67 -41.92 -31.30 -19.28
C PRO F 67 -41.17 -30.55 -18.17
N GLU F 68 -41.85 -29.58 -17.57
CA GLU F 68 -41.27 -28.81 -16.47
C GLU F 68 -40.85 -29.70 -15.31
N GLU F 69 -41.50 -30.86 -15.19
CA GLU F 69 -41.27 -31.77 -14.09
C GLU F 69 -39.85 -32.33 -14.09
N PHE F 70 -39.28 -32.50 -15.27
CA PHE F 70 -37.97 -33.13 -15.40
C PHE F 70 -36.89 -32.40 -14.62
N SER F 71 -35.93 -33.16 -14.12
CA SER F 71 -34.77 -32.60 -13.44
C SER F 71 -33.81 -32.09 -14.50
N LYS F 72 -32.79 -31.34 -14.06
CA LYS F 72 -31.75 -30.90 -14.98
C LYS F 72 -31.02 -32.11 -15.54
N GLU F 73 -30.76 -33.10 -14.69
CA GLU F 73 -30.09 -34.31 -15.11
C GLU F 73 -30.91 -35.05 -16.17
N GLU F 74 -32.20 -35.24 -15.89
CA GLU F 74 -33.10 -35.92 -16.82
C GLU F 74 -33.20 -35.13 -18.12
N LEU F 75 -33.20 -33.81 -18.01
CA LEU F 75 -33.21 -32.94 -19.19
C LEU F 75 -31.97 -33.22 -20.03
N ARG F 76 -30.83 -33.40 -19.38
CA ARG F 76 -29.58 -33.66 -20.07
C ARG F 76 -29.51 -35.07 -20.64
N GLU F 77 -29.79 -36.08 -19.82
CA GLU F 77 -29.75 -37.47 -20.26
C GLU F 77 -30.62 -37.70 -21.49
N ARG F 78 -31.90 -37.36 -21.37
CA ARG F 78 -32.84 -37.52 -22.46
C ARG F 78 -32.35 -36.78 -23.70
N GLY F 79 -32.01 -35.51 -23.53
CA GLY F 79 -31.55 -34.69 -24.63
C GLY F 79 -30.35 -35.26 -25.35
N LEU F 80 -29.37 -35.72 -24.58
CA LEU F 80 -28.15 -36.29 -25.15
C LEU F 80 -28.43 -37.59 -25.91
N GLU F 81 -29.50 -38.28 -25.55
CA GLU F 81 -29.89 -39.50 -26.26
C GLU F 81 -30.57 -39.17 -27.58
N ILE F 82 -31.50 -38.21 -27.56
CA ILE F 82 -32.20 -37.79 -28.77
C ILE F 82 -31.19 -37.24 -29.79
N GLY F 83 -30.29 -36.39 -29.32
CA GLY F 83 -29.29 -35.79 -30.18
C GLY F 83 -28.43 -36.80 -30.92
N LYS F 84 -27.88 -37.76 -30.18
CA LYS F 84 -27.02 -38.78 -30.77
C LYS F 84 -27.76 -39.64 -31.80
N ALA F 85 -29.00 -40.00 -31.49
CA ALA F 85 -29.78 -40.90 -32.33
C ALA F 85 -30.19 -40.27 -33.65
N VAL F 86 -30.16 -38.94 -33.68
CA VAL F 86 -30.78 -38.18 -34.76
C VAL F 86 -29.75 -37.60 -35.72
N LEU F 87 -28.51 -37.45 -35.25
CA LEU F 87 -27.44 -36.86 -36.05
C LEU F 87 -26.50 -37.93 -36.60
N ASP F 88 -25.98 -37.70 -37.81
CA ASP F 88 -25.08 -38.64 -38.46
C ASP F 88 -23.74 -38.72 -37.74
N SER F 89 -23.18 -37.57 -37.42
CA SER F 89 -21.95 -37.48 -36.65
C SER F 89 -22.11 -36.39 -35.61
N TYR F 90 -22.05 -36.77 -34.34
CA TYR F 90 -22.34 -35.84 -33.26
C TYR F 90 -21.10 -35.45 -32.46
N GLU F 91 -21.26 -34.39 -31.67
CA GLU F 91 -20.22 -33.88 -30.80
C GLU F 91 -20.91 -33.21 -29.63
N ILE F 92 -20.42 -33.43 -28.42
CA ILE F 92 -20.99 -32.80 -27.24
C ILE F 92 -20.33 -31.46 -26.98
N ARG F 93 -21.09 -30.39 -27.15
CA ARG F 93 -20.63 -29.04 -26.87
C ARG F 93 -21.26 -28.55 -25.57
N TYR F 94 -20.70 -27.48 -25.02
CA TYR F 94 -21.13 -26.96 -23.72
C TYR F 94 -21.41 -25.47 -23.75
N ALA F 95 -22.47 -25.08 -23.03
CA ALA F 95 -22.78 -23.67 -22.83
C ALA F 95 -23.37 -23.53 -21.43
N GLU F 96 -24.55 -22.93 -21.32
CA GLU F 96 -25.25 -22.89 -20.04
C GLU F 96 -25.51 -24.32 -19.58
N HIS F 97 -25.82 -25.18 -20.52
CA HIS F 97 -25.94 -26.62 -20.27
C HIS F 97 -25.39 -27.39 -21.47
N PRO F 98 -25.11 -28.69 -21.29
CA PRO F 98 -24.62 -29.47 -22.43
C PRO F 98 -25.68 -29.65 -23.52
N TYR F 99 -25.23 -29.85 -24.75
CA TYR F 99 -26.12 -30.09 -25.87
C TYR F 99 -25.32 -30.78 -26.97
N VAL F 100 -26.00 -31.16 -28.04
CA VAL F 100 -25.38 -31.94 -29.11
C VAL F 100 -25.32 -31.16 -30.41
N HIS F 101 -24.12 -31.06 -30.97
CA HIS F 101 -23.91 -30.48 -32.29
C HIS F 101 -23.50 -31.61 -33.23
N GLY F 102 -23.99 -31.56 -34.47
CA GLY F 102 -23.66 -32.59 -35.44
C GLY F 102 -24.05 -32.23 -36.86
N VAL F 103 -24.15 -33.26 -37.70
CA VAL F 103 -24.43 -33.07 -39.11
C VAL F 103 -25.54 -34.02 -39.57
N VAL F 104 -26.38 -33.53 -40.47
CA VAL F 104 -27.40 -34.33 -41.12
C VAL F 104 -27.43 -34.01 -42.61
N LYS F 105 -26.97 -34.97 -43.41
CA LYS F 105 -26.84 -34.79 -44.85
C LYS F 105 -26.02 -33.55 -45.19
N GLY F 106 -24.85 -33.43 -44.55
CA GLY F 106 -23.93 -32.35 -44.86
C GLY F 106 -24.20 -31.03 -44.16
N VAL F 107 -25.37 -30.90 -43.54
CA VAL F 107 -25.78 -29.66 -42.90
C VAL F 107 -25.54 -29.69 -41.40
N GLU F 108 -24.89 -28.66 -40.88
CA GLU F 108 -24.64 -28.52 -39.44
C GLU F 108 -25.96 -28.38 -38.68
N VAL F 109 -26.03 -29.02 -37.51
CA VAL F 109 -27.25 -29.00 -36.69
C VAL F 109 -26.93 -28.91 -35.20
N ASP F 110 -27.69 -28.09 -34.49
CA ASP F 110 -27.68 -28.07 -33.03
C ASP F 110 -28.98 -28.68 -32.51
N VAL F 111 -28.83 -29.58 -31.55
CA VAL F 111 -29.98 -30.16 -30.86
C VAL F 111 -29.84 -29.82 -29.38
N VAL F 112 -30.72 -28.95 -28.89
CA VAL F 112 -30.61 -28.39 -27.55
C VAL F 112 -31.82 -28.77 -26.71
N PRO F 113 -31.58 -29.35 -25.52
CA PRO F 113 -32.73 -29.63 -24.64
C PRO F 113 -33.14 -28.40 -23.86
N CYS F 114 -34.44 -28.23 -23.65
CA CYS F 114 -34.96 -27.15 -22.82
C CYS F 114 -36.31 -27.54 -22.26
N TYR F 115 -36.84 -26.73 -21.36
CA TYR F 115 -38.15 -26.99 -20.76
C TYR F 115 -39.26 -26.41 -21.63
N LYS F 116 -40.35 -27.16 -21.74
CA LYS F 116 -41.56 -26.66 -22.39
C LYS F 116 -42.33 -25.84 -21.38
N LEU F 117 -42.37 -24.53 -21.60
CA LEU F 117 -42.98 -23.62 -20.64
C LEU F 117 -44.27 -23.02 -21.18
N LYS F 118 -45.18 -22.68 -20.27
CA LYS F 118 -46.47 -22.12 -20.64
C LYS F 118 -46.38 -20.61 -20.80
N GLU F 119 -45.69 -19.96 -19.87
CA GLU F 119 -45.46 -18.52 -19.94
C GLU F 119 -43.98 -18.19 -19.73
N PRO F 120 -43.54 -17.00 -20.20
CA PRO F 120 -42.14 -16.61 -20.05
C PRO F 120 -41.72 -16.38 -18.60
N LYS F 121 -42.68 -16.33 -17.68
CA LYS F 121 -42.38 -16.11 -16.27
C LYS F 121 -41.56 -17.26 -15.70
N ASN F 122 -41.72 -18.44 -16.28
CA ASN F 122 -41.04 -19.64 -15.81
C ASN F 122 -39.61 -19.77 -16.34
N ILE F 123 -39.23 -18.83 -17.21
CA ILE F 123 -37.89 -18.85 -17.80
C ILE F 123 -36.82 -18.66 -16.73
N LYS F 124 -36.02 -19.70 -16.52
CA LYS F 124 -34.87 -19.64 -15.63
C LYS F 124 -33.58 -19.66 -16.46
N SER F 125 -33.55 -20.52 -17.46
CA SER F 125 -32.38 -20.66 -18.32
C SER F 125 -32.53 -19.80 -19.58
N ALA F 126 -31.41 -19.55 -20.26
CA ALA F 126 -31.44 -18.77 -21.49
C ALA F 126 -31.99 -19.58 -22.66
N VAL F 127 -31.70 -20.88 -22.66
CA VAL F 127 -32.22 -21.76 -23.71
C VAL F 127 -33.73 -21.88 -23.64
N ASP F 128 -34.30 -21.49 -22.50
CA ASP F 128 -35.75 -21.50 -22.33
C ASP F 128 -36.39 -20.28 -23.00
N ARG F 129 -35.59 -19.25 -23.24
CA ARG F 129 -36.09 -18.04 -23.90
C ARG F 129 -36.16 -18.23 -25.42
N THR F 130 -35.26 -19.03 -25.95
CA THR F 130 -35.12 -19.17 -27.41
C THR F 130 -36.42 -19.58 -28.11
N PRO F 131 -37.17 -20.54 -27.52
CA PRO F 131 -38.45 -20.87 -28.16
C PRO F 131 -39.45 -19.71 -28.14
N PHE F 132 -39.46 -18.94 -27.04
CA PHE F 132 -40.36 -17.79 -26.94
C PHE F 132 -39.96 -16.70 -27.92
N HIS F 133 -38.66 -16.52 -28.12
CA HIS F 133 -38.14 -15.58 -29.11
C HIS F 133 -38.69 -15.92 -30.48
N HIS F 134 -38.59 -17.21 -30.84
CA HIS F 134 -39.04 -17.67 -32.15
C HIS F 134 -40.54 -17.49 -32.30
N LYS F 135 -41.30 -17.84 -31.27
CA LYS F 135 -42.75 -17.68 -31.30
C LYS F 135 -43.14 -16.22 -31.50
N TRP F 136 -42.36 -15.31 -30.93
CA TRP F 136 -42.69 -13.89 -31.03
C TRP F 136 -42.37 -13.33 -32.42
N LEU F 137 -41.37 -13.90 -33.08
CA LEU F 137 -40.91 -13.38 -34.37
C LEU F 137 -41.55 -14.03 -35.58
N GLU F 138 -41.91 -15.31 -35.47
CA GLU F 138 -42.29 -16.13 -36.62
C GLU F 138 -43.36 -15.50 -37.51
N GLY F 139 -44.27 -14.74 -36.89
CA GLY F 139 -45.35 -14.10 -37.62
C GLY F 139 -45.02 -12.66 -37.98
N ARG F 140 -44.23 -12.00 -37.14
CA ARG F 140 -43.95 -10.58 -37.31
C ARG F 140 -42.87 -10.30 -38.33
N ILE F 141 -42.04 -11.30 -38.63
CA ILE F 141 -40.90 -11.11 -39.52
C ILE F 141 -41.21 -11.59 -40.94
N LYS F 142 -42.36 -12.24 -41.13
CA LYS F 142 -42.75 -12.73 -42.45
C LYS F 142 -42.81 -11.61 -43.48
N GLY F 143 -42.17 -11.84 -44.62
CA GLY F 143 -42.11 -10.86 -45.70
C GLY F 143 -40.92 -9.93 -45.57
N LYS F 144 -40.33 -9.89 -44.38
CA LYS F 144 -39.22 -9.00 -44.09
C LYS F 144 -37.91 -9.76 -43.88
N GLU F 145 -37.85 -10.98 -44.41
CA GLU F 145 -36.66 -11.81 -44.26
C GLU F 145 -35.43 -11.19 -44.93
N ASN F 146 -35.62 -10.67 -46.14
CA ASN F 146 -34.50 -10.08 -46.89
C ASN F 146 -34.01 -8.78 -46.26
N GLU F 147 -34.90 -8.09 -45.56
CA GLU F 147 -34.52 -6.88 -44.84
C GLU F 147 -33.56 -7.25 -43.71
N VAL F 148 -33.85 -8.35 -43.02
CA VAL F 148 -32.97 -8.87 -41.98
C VAL F 148 -31.62 -9.21 -42.58
N ARG F 149 -31.67 -9.89 -43.73
CA ARG F 149 -30.46 -10.32 -44.40
C ARG F 149 -29.58 -9.14 -44.80
N LEU F 150 -30.21 -8.06 -45.28
CA LEU F 150 -29.48 -6.84 -45.59
C LEU F 150 -28.76 -6.30 -44.35
N LEU F 151 -29.49 -6.19 -43.24
CA LEU F 151 -28.94 -5.66 -42.01
C LEU F 151 -27.77 -6.51 -41.49
N LYS F 152 -27.93 -7.82 -41.53
CA LYS F 152 -26.88 -8.74 -41.08
C LYS F 152 -25.65 -8.64 -41.97
N GLY F 153 -25.85 -8.64 -43.28
CA GLY F 153 -24.75 -8.55 -44.23
C GLY F 153 -23.99 -7.26 -44.06
N PHE F 154 -24.73 -6.19 -43.77
CA PHE F 154 -24.17 -4.88 -43.53
C PHE F 154 -23.24 -4.91 -42.32
N LEU F 155 -23.74 -5.48 -41.22
CA LEU F 155 -22.98 -5.55 -39.98
C LEU F 155 -21.79 -6.50 -40.10
N LYS F 156 -21.99 -7.60 -40.83
CA LYS F 156 -20.95 -8.62 -41.00
C LYS F 156 -19.75 -8.05 -41.76
N ALA F 157 -20.02 -7.36 -42.87
CA ALA F 157 -18.96 -6.79 -43.69
C ALA F 157 -18.15 -5.76 -42.90
N ASN F 158 -18.78 -5.17 -41.89
CA ASN F 158 -18.14 -4.16 -41.06
C ASN F 158 -17.72 -4.68 -39.69
N GLY F 159 -17.68 -6.01 -39.56
CA GLY F 159 -17.07 -6.65 -38.41
C GLY F 159 -17.78 -6.46 -37.08
N ILE F 160 -19.08 -6.20 -37.12
CA ILE F 160 -19.86 -6.01 -35.89
C ILE F 160 -21.15 -6.83 -35.88
N TYR F 161 -21.18 -7.93 -36.63
CA TYR F 161 -22.27 -8.90 -36.51
C TYR F 161 -21.84 -10.02 -35.56
N GLY F 162 -22.69 -10.28 -34.58
CA GLY F 162 -22.43 -11.32 -33.58
C GLY F 162 -22.24 -10.73 -32.20
N ALA F 163 -22.92 -11.32 -31.22
CA ALA F 163 -22.85 -10.82 -29.85
C ALA F 163 -21.81 -11.56 -29.01
N GLU F 164 -21.12 -12.53 -29.61
CA GLU F 164 -20.05 -13.23 -28.91
C GLU F 164 -18.93 -12.25 -28.56
N TYR F 165 -18.15 -12.57 -27.54
CA TYR F 165 -17.17 -11.63 -27.00
C TYR F 165 -16.07 -11.24 -27.98
N LYS F 166 -15.82 -12.08 -28.99
CA LYS F 166 -14.83 -11.76 -30.00
C LYS F 166 -15.26 -10.54 -30.81
N VAL F 167 -16.58 -10.34 -30.91
CA VAL F 167 -17.14 -9.27 -31.74
C VAL F 167 -17.73 -8.14 -30.87
N ARG F 168 -18.45 -8.51 -29.81
CA ARG F 168 -19.18 -7.55 -29.00
C ARG F 168 -20.07 -6.68 -29.88
N GLY F 169 -20.78 -7.32 -30.81
CA GLY F 169 -21.62 -6.61 -31.77
C GLY F 169 -23.09 -6.97 -31.69
N PHE F 170 -23.74 -7.01 -32.85
CA PHE F 170 -25.18 -7.23 -32.95
C PHE F 170 -25.51 -8.71 -33.11
N SER F 171 -26.37 -9.23 -32.24
CA SER F 171 -26.84 -10.60 -32.36
C SER F 171 -27.86 -10.72 -33.48
N GLY F 172 -28.05 -11.93 -34.00
CA GLY F 172 -29.05 -12.18 -35.02
C GLY F 172 -30.45 -11.81 -34.55
N TYR F 173 -30.75 -12.16 -33.31
CA TYR F 173 -32.05 -11.86 -32.72
C TYR F 173 -32.28 -10.36 -32.61
N LEU F 174 -31.21 -9.60 -32.33
CA LEU F 174 -31.30 -8.15 -32.24
C LEU F 174 -31.67 -7.54 -33.59
N CYS F 175 -31.03 -8.03 -34.66
CA CYS F 175 -31.31 -7.56 -36.01
C CYS F 175 -32.78 -7.73 -36.36
N GLU F 176 -33.33 -8.91 -36.08
CA GLU F 176 -34.72 -9.20 -36.44
C GLU F 176 -35.68 -8.29 -35.67
N LEU F 177 -35.38 -8.03 -34.40
CA LEU F 177 -36.18 -7.11 -33.61
C LEU F 177 -36.14 -5.70 -34.22
N LEU F 178 -34.97 -5.28 -34.65
CA LEU F 178 -34.81 -3.95 -35.26
C LEU F 178 -35.65 -3.83 -36.54
N ILE F 179 -35.66 -4.89 -37.34
CA ILE F 179 -36.43 -4.90 -38.58
C ILE F 179 -37.92 -4.86 -38.28
N VAL F 180 -38.36 -5.58 -37.25
CA VAL F 180 -39.77 -5.58 -36.87
C VAL F 180 -40.16 -4.19 -36.40
N PHE F 181 -39.23 -3.51 -35.75
CA PHE F 181 -39.49 -2.20 -35.19
C PHE F 181 -39.57 -1.12 -36.28
N TYR F 182 -38.56 -1.10 -37.16
CA TYR F 182 -38.45 -0.06 -38.17
C TYR F 182 -39.07 -0.45 -39.52
N GLY F 183 -39.25 -1.75 -39.73
CA GLY F 183 -39.92 -2.24 -40.92
C GLY F 183 -39.01 -2.60 -42.08
N SER F 184 -37.79 -2.07 -42.09
CA SER F 184 -36.87 -2.31 -43.19
C SER F 184 -35.44 -1.94 -42.83
N PHE F 185 -34.48 -2.47 -43.59
CA PHE F 185 -33.07 -2.16 -43.38
C PHE F 185 -32.82 -0.67 -43.52
N LEU F 186 -33.40 -0.07 -44.56
CA LEU F 186 -33.20 1.34 -44.85
C LEU F 186 -33.71 2.24 -43.72
N GLU F 187 -34.86 1.91 -43.16
CA GLU F 187 -35.43 2.70 -42.07
C GLU F 187 -34.63 2.55 -40.78
N THR F 188 -34.08 1.36 -40.55
CA THR F 188 -33.24 1.12 -39.39
C THR F 188 -32.01 2.02 -39.48
N VAL F 189 -31.37 2.00 -40.64
CA VAL F 189 -30.19 2.81 -40.90
C VAL F 189 -30.48 4.30 -40.70
N LYS F 190 -31.59 4.76 -41.27
CA LYS F 190 -31.97 6.16 -41.19
C LYS F 190 -32.15 6.64 -39.76
N ASN F 191 -32.84 5.83 -38.95
CA ASN F 191 -33.13 6.19 -37.57
C ASN F 191 -31.92 6.00 -36.65
N ALA F 192 -31.04 5.08 -37.01
CA ALA F 192 -29.87 4.76 -36.19
C ALA F 192 -28.90 5.94 -36.12
N ARG F 193 -28.98 6.84 -37.10
CA ARG F 193 -28.11 8.00 -37.14
C ARG F 193 -28.32 8.91 -35.93
N ARG F 194 -29.49 8.78 -35.30
CA ARG F 194 -29.84 9.59 -34.13
C ARG F 194 -29.78 8.79 -32.83
N TRP F 195 -29.26 7.57 -32.88
CA TRP F 195 -29.07 6.78 -31.66
C TRP F 195 -28.02 7.41 -30.76
N THR F 196 -28.24 7.31 -29.46
CA THR F 196 -27.24 7.73 -28.46
C THR F 196 -26.93 6.54 -27.56
N ARG F 197 -25.98 6.73 -26.65
CA ARG F 197 -25.62 5.70 -25.69
C ARG F 197 -26.66 5.56 -24.58
N ARG F 198 -27.76 6.32 -24.70
CA ARG F 198 -28.84 6.28 -23.72
C ARG F 198 -30.17 5.90 -24.39
N THR F 199 -30.10 5.51 -25.66
CA THR F 199 -31.29 5.11 -26.42
C THR F 199 -31.88 3.81 -25.90
N VAL F 200 -33.19 3.81 -25.69
CA VAL F 200 -33.92 2.62 -25.27
C VAL F 200 -35.01 2.30 -26.29
N ILE F 201 -34.85 1.18 -27.00
CA ILE F 201 -35.83 0.73 -27.98
C ILE F 201 -36.67 -0.37 -27.37
N ASP F 202 -37.99 -0.20 -27.42
CA ASP F 202 -38.93 -1.13 -26.81
C ASP F 202 -39.96 -1.57 -27.85
N VAL F 203 -39.67 -2.69 -28.51
CA VAL F 203 -40.49 -3.13 -29.63
C VAL F 203 -41.92 -3.47 -29.18
N ALA F 204 -42.03 -4.09 -28.01
CA ALA F 204 -43.32 -4.56 -27.51
C ALA F 204 -44.27 -3.39 -27.20
N LYS F 205 -43.74 -2.35 -26.57
CA LYS F 205 -44.53 -1.16 -26.27
C LYS F 205 -44.52 -0.18 -27.45
N GLY F 206 -43.77 -0.53 -28.49
CA GLY F 206 -43.71 0.28 -29.69
C GLY F 206 -43.25 1.71 -29.45
N GLU F 207 -42.24 1.87 -28.61
CA GLU F 207 -41.74 3.21 -28.28
C GLU F 207 -40.22 3.28 -28.11
N VAL F 208 -39.69 4.47 -28.34
CA VAL F 208 -38.30 4.79 -28.05
C VAL F 208 -38.27 5.80 -26.91
N ARG F 209 -37.42 5.54 -25.92
CA ARG F 209 -37.26 6.46 -24.80
C ARG F 209 -35.79 6.58 -24.40
N LYS F 210 -35.54 7.30 -23.32
CA LYS F 210 -34.19 7.58 -22.85
C LYS F 210 -33.94 6.81 -21.56
N GLY F 211 -32.80 6.13 -21.48
CA GLY F 211 -32.45 5.35 -20.31
C GLY F 211 -31.03 5.64 -19.84
N GLU F 212 -30.48 4.71 -19.05
CA GLU F 212 -29.15 4.89 -18.50
C GLU F 212 -28.07 4.32 -19.42
N GLU F 213 -28.48 3.37 -20.27
CA GLU F 213 -27.58 2.74 -21.22
C GLU F 213 -28.33 2.37 -22.49
N PHE F 214 -27.60 2.07 -23.56
CA PHE F 214 -28.23 1.61 -24.79
C PHE F 214 -28.90 0.26 -24.52
N PHE F 215 -30.22 0.22 -24.73
CA PHE F 215 -31.03 -0.89 -24.27
C PHE F 215 -32.09 -1.25 -25.30
N VAL F 216 -32.10 -2.50 -25.75
CA VAL F 216 -33.14 -3.01 -26.63
C VAL F 216 -33.98 -4.01 -25.84
N VAL F 217 -35.19 -3.60 -25.48
CA VAL F 217 -36.05 -4.39 -24.62
C VAL F 217 -36.54 -5.65 -25.31
N ASP F 218 -36.18 -6.81 -24.75
CA ASP F 218 -36.68 -8.09 -25.24
C ASP F 218 -38.20 -8.12 -25.07
N PRO F 219 -38.96 -8.27 -26.16
CA PRO F 219 -40.42 -8.31 -26.02
C PRO F 219 -40.89 -9.50 -25.20
N VAL F 220 -40.04 -10.52 -25.09
CA VAL F 220 -40.34 -11.72 -24.31
C VAL F 220 -40.01 -11.52 -22.83
N ASP F 221 -39.14 -10.55 -22.54
CA ASP F 221 -38.68 -10.33 -21.17
C ASP F 221 -38.17 -8.90 -21.01
N GLU F 222 -39.03 -8.02 -20.48
CA GLU F 222 -38.74 -6.59 -20.45
C GLU F 222 -37.49 -6.21 -19.67
N LYS F 223 -37.04 -7.09 -18.77
CA LYS F 223 -35.86 -6.82 -17.95
C LYS F 223 -34.56 -7.16 -18.69
N ARG F 224 -34.67 -7.89 -19.80
CA ARG F 224 -33.50 -8.30 -20.57
C ARG F 224 -33.13 -7.28 -21.66
N ASN F 225 -31.83 -7.01 -21.76
CA ASN F 225 -31.29 -6.16 -22.82
C ASN F 225 -30.68 -7.02 -23.91
N VAL F 226 -31.34 -7.07 -25.06
CA VAL F 226 -30.89 -7.90 -26.17
C VAL F 226 -29.53 -7.44 -26.67
N ALA F 227 -29.24 -6.15 -26.51
CA ALA F 227 -27.99 -5.57 -26.97
C ALA F 227 -27.00 -5.43 -25.81
N ALA F 228 -27.17 -6.26 -24.78
CA ALA F 228 -26.33 -6.18 -23.58
C ALA F 228 -24.84 -6.19 -23.90
N ASN F 229 -24.43 -7.04 -24.84
CA ASN F 229 -23.01 -7.22 -25.13
C ASN F 229 -22.55 -6.44 -26.35
N LEU F 230 -23.39 -5.55 -26.87
CA LEU F 230 -22.95 -4.60 -27.88
C LEU F 230 -22.13 -3.52 -27.19
N SER F 231 -20.86 -3.42 -27.56
CA SER F 231 -19.97 -2.45 -26.92
C SER F 231 -20.36 -1.03 -27.30
N LEU F 232 -19.97 -0.09 -26.45
CA LEU F 232 -20.19 1.32 -26.71
C LEU F 232 -19.52 1.75 -28.02
N ASP F 233 -18.31 1.26 -28.25
CA ASP F 233 -17.54 1.65 -29.42
C ASP F 233 -18.12 1.07 -30.71
N ASN F 234 -18.63 -0.15 -30.66
CA ASN F 234 -19.26 -0.75 -31.84
C ASN F 234 -20.61 -0.11 -32.13
N LEU F 235 -21.29 0.36 -31.09
CA LEU F 235 -22.51 1.14 -31.28
C LEU F 235 -22.17 2.42 -32.04
N ALA F 236 -21.18 3.15 -31.53
CA ALA F 236 -20.73 4.38 -32.15
C ALA F 236 -20.34 4.15 -33.60
N ARG F 237 -19.71 3.01 -33.88
CA ARG F 237 -19.28 2.68 -35.23
C ARG F 237 -20.48 2.42 -36.14
N PHE F 238 -21.50 1.76 -35.61
CA PHE F 238 -22.70 1.51 -36.41
C PHE F 238 -23.40 2.83 -36.74
N VAL F 239 -23.58 3.66 -35.73
CA VAL F 239 -24.22 4.97 -35.91
C VAL F 239 -23.48 5.80 -36.96
N HIS F 240 -22.15 5.82 -36.89
CA HIS F 240 -21.35 6.58 -37.84
C HIS F 240 -21.41 5.94 -39.22
N LEU F 241 -21.45 4.62 -39.26
CA LEU F 241 -21.58 3.89 -40.53
C LEU F 241 -22.88 4.27 -41.23
N CYS F 242 -23.96 4.33 -40.45
CA CYS F 242 -25.27 4.66 -41.00
C CYS F 242 -25.31 6.07 -41.58
N ARG F 243 -24.64 7.01 -40.92
CA ARG F 243 -24.55 8.39 -41.41
C ARG F 243 -23.82 8.44 -42.73
N GLU F 244 -22.73 7.68 -42.82
CA GLU F 244 -21.93 7.63 -44.04
C GLU F 244 -22.73 7.05 -45.20
N PHE F 245 -23.53 6.02 -44.89
CA PHE F 245 -24.30 5.33 -45.93
C PHE F 245 -25.35 6.22 -46.58
N MET F 246 -26.15 6.90 -45.76
CA MET F 246 -27.19 7.78 -46.29
C MET F 246 -26.57 8.98 -47.00
N GLU F 247 -25.37 9.36 -46.58
CA GLU F 247 -24.67 10.50 -47.17
C GLU F 247 -24.15 10.15 -48.55
N ALA F 248 -23.61 8.93 -48.69
CA ALA F 248 -23.10 8.45 -49.96
C ALA F 248 -23.23 6.93 -50.03
N PRO F 249 -24.41 6.44 -50.41
CA PRO F 249 -24.67 4.99 -50.45
C PRO F 249 -23.77 4.27 -51.43
N SER F 250 -23.30 3.08 -51.05
CA SER F 250 -22.43 2.28 -51.89
C SER F 250 -22.60 0.80 -51.57
N LEU F 251 -22.38 -0.04 -52.57
CA LEU F 251 -22.42 -1.49 -52.38
C LEU F 251 -21.22 -1.93 -51.55
N GLY F 252 -20.20 -1.08 -51.48
CA GLY F 252 -18.99 -1.39 -50.75
C GLY F 252 -19.20 -1.52 -49.26
N PHE F 253 -20.30 -0.98 -48.76
CA PHE F 253 -20.64 -1.11 -47.35
C PHE F 253 -21.01 -2.54 -47.00
N PHE F 254 -21.39 -3.31 -48.01
CA PHE F 254 -21.80 -4.70 -47.83
C PHE F 254 -20.68 -5.68 -48.18
N LYS F 255 -19.51 -5.15 -48.53
CA LYS F 255 -18.38 -5.99 -48.92
C LYS F 255 -17.35 -6.05 -47.79
N PRO F 256 -16.90 -7.26 -47.44
CA PRO F 256 -15.89 -7.37 -46.37
C PRO F 256 -14.57 -6.71 -46.77
N LYS F 257 -13.96 -6.01 -45.82
CA LYS F 257 -12.73 -5.27 -46.09
C LYS F 257 -11.53 -6.21 -46.11
N HIS F 258 -10.65 -6.01 -47.08
CA HIS F 258 -9.42 -6.81 -47.18
C HIS F 258 -8.34 -6.18 -46.29
N PRO F 259 -7.86 -6.94 -45.29
CA PRO F 259 -6.83 -6.42 -44.38
C PRO F 259 -5.61 -5.84 -45.10
N LEU F 260 -5.02 -4.80 -44.52
CA LEU F 260 -3.87 -4.13 -45.11
C LEU F 260 -2.60 -4.95 -44.89
N GLU F 261 -2.06 -5.49 -45.98
CA GLU F 261 -0.83 -6.28 -45.93
C GLU F 261 0.31 -5.54 -46.60
N ILE F 262 0.97 -4.66 -45.85
CA ILE F 262 2.08 -3.87 -46.36
C ILE F 262 3.42 -4.55 -46.08
N GLU F 263 4.44 -4.17 -46.85
CA GLU F 263 5.77 -4.73 -46.67
C GLU F 263 6.37 -4.24 -45.35
N PRO F 264 7.18 -5.09 -44.69
CA PRO F 264 7.79 -4.70 -43.42
C PRO F 264 8.65 -3.44 -43.50
N GLU F 265 9.13 -3.10 -44.69
CA GLU F 265 9.96 -1.92 -44.87
C GLU F 265 9.15 -0.62 -44.75
N ARG F 266 8.00 -0.58 -45.41
CA ARG F 266 7.12 0.59 -45.33
C ARG F 266 6.65 0.75 -43.89
N LEU F 267 6.41 -0.38 -43.23
CA LEU F 267 5.97 -0.39 -41.85
C LEU F 267 7.05 0.18 -40.93
N ARG F 268 8.30 -0.17 -41.21
CA ARG F 268 9.42 0.35 -40.44
C ARG F 268 9.52 1.87 -40.57
N LYS F 269 9.32 2.37 -41.78
CA LYS F 269 9.46 3.80 -42.04
C LYS F 269 8.29 4.58 -41.43
N ILE F 270 7.15 3.92 -41.30
CA ILE F 270 6.00 4.52 -40.61
C ILE F 270 6.31 4.69 -39.13
N VAL F 271 6.76 3.62 -38.50
CA VAL F 271 7.10 3.66 -37.07
C VAL F 271 8.20 4.68 -36.80
N GLU F 272 9.17 4.77 -37.71
CA GLU F 272 10.23 5.76 -37.60
C GLU F 272 9.65 7.18 -37.65
N GLU F 273 8.71 7.38 -38.57
CA GLU F 273 8.05 8.67 -38.72
C GLU F 273 7.28 9.04 -37.46
N ARG F 274 6.59 8.05 -36.89
CA ARG F 274 5.78 8.28 -35.69
C ARG F 274 6.66 8.51 -34.46
N GLY F 275 7.86 7.94 -34.49
CA GLY F 275 8.83 8.14 -33.41
C GLY F 275 8.44 7.43 -32.13
N THR F 276 7.63 6.38 -32.25
CA THR F 276 7.11 5.67 -31.10
C THR F 276 7.85 4.36 -30.83
N ALA F 277 7.60 3.78 -29.67
CA ALA F 277 8.07 2.44 -29.35
C ALA F 277 6.93 1.45 -29.59
N VAL F 278 7.16 0.51 -30.51
CA VAL F 278 6.15 -0.49 -30.86
C VAL F 278 6.71 -1.87 -30.56
N PHE F 279 5.99 -2.62 -29.73
CA PHE F 279 6.44 -3.94 -29.31
C PHE F 279 5.25 -4.84 -28.97
N ALA F 280 5.52 -6.13 -28.82
CA ALA F 280 4.47 -7.11 -28.56
C ALA F 280 4.90 -8.07 -27.45
N VAL F 281 3.91 -8.55 -26.70
CA VAL F 281 4.10 -9.65 -25.77
C VAL F 281 3.53 -10.90 -26.43
N LYS F 282 4.42 -11.83 -26.78
CA LYS F 282 4.02 -13.08 -27.43
C LYS F 282 4.01 -14.20 -26.41
N PHE F 283 2.94 -15.00 -26.42
CA PHE F 283 2.84 -16.16 -25.55
C PHE F 283 1.95 -17.23 -26.20
N ARG F 284 1.98 -18.42 -25.63
CA ARG F 284 1.24 -19.54 -26.20
C ARG F 284 -0.25 -19.43 -25.86
N LYS F 285 -1.11 -19.65 -26.85
CA LYS F 285 -2.55 -19.51 -26.66
C LYS F 285 -3.10 -20.56 -25.71
N PRO F 286 -3.85 -20.15 -24.68
CA PRO F 286 -4.53 -21.13 -23.83
C PRO F 286 -5.59 -21.89 -24.61
N ASP F 287 -5.71 -23.19 -24.35
CA ASP F 287 -6.70 -24.01 -25.04
C ASP F 287 -8.09 -23.81 -24.42
N ILE F 288 -8.72 -22.70 -24.78
CA ILE F 288 -10.06 -22.38 -24.28
C ILE F 288 -10.88 -21.73 -25.39
N VAL F 289 -12.19 -21.68 -25.22
CA VAL F 289 -13.08 -21.11 -26.22
C VAL F 289 -12.87 -19.60 -26.34
N ASP F 290 -13.24 -19.03 -27.48
CA ASP F 290 -13.09 -17.60 -27.74
C ASP F 290 -13.69 -16.74 -26.63
N ASP F 291 -14.84 -17.18 -26.11
CA ASP F 291 -15.61 -16.38 -25.17
C ASP F 291 -14.92 -16.22 -23.82
N ASN F 292 -13.92 -17.07 -23.57
CA ASN F 292 -13.09 -16.93 -22.37
C ASN F 292 -11.77 -16.28 -22.72
N LEU F 293 -11.23 -16.61 -23.90
CA LEU F 293 -9.96 -16.09 -24.33
C LEU F 293 -9.98 -14.58 -24.53
N TYR F 294 -10.95 -14.08 -25.29
CA TYR F 294 -10.92 -12.69 -25.73
C TYR F 294 -11.13 -11.67 -24.62
N PRO F 295 -12.06 -11.93 -23.69
CA PRO F 295 -12.12 -11.04 -22.52
C PRO F 295 -10.81 -11.04 -21.72
N GLN F 296 -10.10 -12.17 -21.72
CA GLN F 296 -8.82 -12.25 -21.02
C GLN F 296 -7.72 -11.51 -21.75
N LEU F 297 -7.72 -11.60 -23.08
CA LEU F 297 -6.79 -10.82 -23.89
C LEU F 297 -7.04 -9.33 -23.69
N GLU F 298 -8.32 -8.96 -23.58
CA GLU F 298 -8.69 -7.58 -23.29
C GLU F 298 -8.19 -7.15 -21.90
N ARG F 299 -8.33 -8.04 -20.92
CA ARG F 299 -7.90 -7.73 -19.56
C ARG F 299 -6.38 -7.59 -19.47
N ALA F 300 -5.66 -8.50 -20.12
CA ALA F 300 -4.21 -8.49 -20.11
C ALA F 300 -3.67 -7.22 -20.74
N SER F 301 -4.29 -6.82 -21.86
CA SER F 301 -3.90 -5.61 -22.56
C SER F 301 -4.10 -4.38 -21.68
N ARG F 302 -5.25 -4.32 -21.03
CA ARG F 302 -5.61 -3.17 -20.21
C ARG F 302 -4.65 -3.03 -19.03
N LYS F 303 -4.33 -4.15 -18.39
CA LYS F 303 -3.45 -4.15 -17.23
C LYS F 303 -2.05 -3.67 -17.58
N ILE F 304 -1.52 -4.14 -18.72
CA ILE F 304 -0.20 -3.74 -19.17
C ILE F 304 -0.23 -2.28 -19.61
N PHE F 305 -1.35 -1.86 -20.20
CA PHE F 305 -1.53 -0.48 -20.63
C PHE F 305 -1.51 0.46 -19.42
N GLU F 306 -2.26 0.09 -18.39
CA GLU F 306 -2.31 0.89 -17.17
C GLU F 306 -0.95 0.96 -16.49
N PHE F 307 -0.22 -0.14 -16.55
CA PHE F 307 1.15 -0.20 -16.03
C PHE F 307 2.04 0.77 -16.80
N LEU F 308 1.94 0.74 -18.12
CA LEU F 308 2.72 1.63 -18.97
C LEU F 308 2.40 3.10 -18.69
N GLU F 309 1.13 3.37 -18.35
CA GLU F 309 0.73 4.71 -17.99
C GLU F 309 1.38 5.15 -16.67
N ARG F 310 1.31 4.28 -15.66
CA ARG F 310 1.88 4.58 -14.35
C ARG F 310 3.38 4.81 -14.41
N GLU F 311 4.07 4.02 -15.23
CA GLU F 311 5.52 4.09 -15.33
C GLU F 311 5.98 5.18 -16.30
N ASN F 312 5.03 6.00 -16.75
CA ASN F 312 5.32 7.19 -17.55
C ASN F 312 5.93 6.88 -18.92
N PHE F 313 5.50 5.79 -19.54
CA PHE F 313 5.89 5.50 -20.92
C PHE F 313 4.84 5.99 -21.91
N MET F 314 3.72 6.48 -21.37
CA MET F 314 2.70 7.16 -22.16
C MET F 314 2.21 6.35 -23.34
N PRO F 315 1.50 5.24 -23.06
CA PRO F 315 0.99 4.39 -24.15
C PRO F 315 -0.08 5.10 -24.97
N LEU F 316 -0.10 4.84 -26.28
CA LEU F 316 -1.06 5.46 -27.19
C LEU F 316 -2.29 4.58 -27.35
N ARG F 317 -2.05 3.34 -27.76
CA ARG F 317 -3.12 2.36 -27.94
C ARG F 317 -2.55 0.97 -27.72
N SER F 318 -3.43 0.02 -27.41
CA SER F 318 -3.07 -1.38 -27.36
C SER F 318 -3.94 -2.14 -28.36
N ALA F 319 -3.49 -3.33 -28.72
CA ALA F 319 -4.27 -4.22 -29.57
C ALA F 319 -3.84 -5.64 -29.25
N PHE F 320 -4.58 -6.62 -29.76
CA PHE F 320 -4.21 -8.00 -29.58
C PHE F 320 -4.62 -8.86 -30.77
N LYS F 321 -3.98 -10.02 -30.87
CA LYS F 321 -4.32 -10.99 -31.90
C LYS F 321 -4.10 -12.40 -31.38
N ALA F 322 -5.04 -13.28 -31.72
CA ALA F 322 -4.93 -14.70 -31.40
C ALA F 322 -4.82 -15.51 -32.67
N SER F 323 -3.72 -16.26 -32.81
CA SER F 323 -3.58 -17.23 -33.88
C SER F 323 -3.93 -18.59 -33.28
N GLU F 324 -3.66 -19.66 -34.02
CA GLU F 324 -3.96 -20.99 -33.50
C GLU F 324 -3.00 -21.38 -32.39
N GLU F 325 -1.73 -21.01 -32.55
CA GLU F 325 -0.69 -21.40 -31.61
C GLU F 325 -0.38 -20.29 -30.60
N PHE F 326 -0.19 -19.08 -31.10
CA PHE F 326 0.26 -17.96 -30.27
C PHE F 326 -0.73 -16.81 -30.18
N CYS F 327 -0.68 -16.11 -29.05
CA CYS F 327 -1.40 -14.85 -28.88
C CYS F 327 -0.38 -13.72 -28.83
N TYR F 328 -0.83 -12.51 -29.17
CA TYR F 328 0.03 -11.33 -29.15
C TYR F 328 -0.68 -10.16 -28.49
N LEU F 329 -0.01 -9.52 -27.54
CA LEU F 329 -0.49 -8.27 -26.97
C LEU F 329 0.37 -7.13 -27.53
N LEU F 330 -0.25 -6.24 -28.30
CA LEU F 330 0.47 -5.18 -28.99
C LEU F 330 0.34 -3.84 -28.28
N PHE F 331 1.42 -3.06 -28.28
CA PHE F 331 1.42 -1.74 -27.66
C PHE F 331 2.24 -0.72 -28.45
N GLU F 332 1.80 0.53 -28.41
CA GLU F 332 2.56 1.65 -28.94
C GLU F 332 2.74 2.72 -27.86
N CYS F 333 3.97 3.16 -27.65
CA CYS F 333 4.28 4.12 -26.59
C CYS F 333 4.97 5.37 -27.14
N GLN F 334 4.65 6.52 -26.56
CA GLN F 334 5.24 7.79 -26.97
C GLN F 334 6.67 7.95 -26.44
N ILE F 335 7.03 7.15 -25.44
CA ILE F 335 8.35 7.21 -24.82
C ILE F 335 9.17 5.95 -25.13
N LYS F 336 10.26 6.14 -25.84
CA LYS F 336 11.17 5.04 -26.17
C LYS F 336 12.08 4.75 -24.98
N GLU F 337 12.53 5.80 -24.30
CA GLU F 337 13.27 5.62 -23.07
C GLU F 337 13.13 6.79 -22.11
N ILE F 338 13.23 6.49 -20.82
CA ILE F 338 13.10 7.47 -19.77
C ILE F 338 14.40 7.49 -18.96
N SER F 339 14.65 8.60 -18.28
CA SER F 339 15.89 8.76 -17.52
C SER F 339 15.97 7.70 -16.42
N ARG F 340 17.19 7.39 -15.99
CA ARG F 340 17.40 6.41 -14.94
C ARG F 340 17.02 6.99 -13.58
N VAL F 341 17.40 8.25 -13.34
CA VAL F 341 17.02 8.91 -12.10
C VAL F 341 15.54 9.28 -12.11
N PHE F 342 14.92 9.19 -10.93
CA PHE F 342 13.55 9.64 -10.75
C PHE F 342 13.41 10.18 -9.33
N ARG F 343 12.29 10.83 -9.05
CA ARG F 343 12.05 11.41 -7.74
C ARG F 343 11.30 10.47 -6.82
N ARG F 344 11.93 10.13 -5.69
CA ARG F 344 11.33 9.28 -4.68
C ARG F 344 10.82 10.16 -3.53
N MET F 345 9.53 10.05 -3.21
CA MET F 345 8.93 10.90 -2.19
C MET F 345 9.38 10.48 -0.79
N GLY F 346 9.65 11.47 0.04
CA GLY F 346 9.98 11.25 1.44
C GLY F 346 8.93 11.87 2.35
N PRO F 347 9.21 11.88 3.67
CA PRO F 347 8.28 12.46 4.64
C PRO F 347 8.40 13.97 4.74
N GLN F 348 7.51 14.60 5.50
CA GLN F 348 7.55 16.03 5.71
C GLN F 348 8.66 16.36 6.72
N PHE F 349 9.20 17.58 6.63
CA PHE F 349 10.38 17.95 7.41
C PHE F 349 10.14 17.84 8.92
N GLU F 350 8.89 18.00 9.35
CA GLU F 350 8.56 17.96 10.77
C GLU F 350 8.85 16.59 11.38
N ASP F 351 8.76 15.54 10.56
CA ASP F 351 8.86 14.17 11.06
C ASP F 351 10.33 13.76 11.28
N GLU F 352 10.83 14.02 12.48
CA GLU F 352 12.23 13.76 12.80
C GLU F 352 12.63 12.29 12.60
N ARG F 353 11.82 11.38 13.12
CA ARG F 353 12.15 9.95 13.05
C ARG F 353 12.26 9.46 11.61
N ASN F 354 11.22 9.71 10.82
CA ASN F 354 11.14 9.19 9.46
C ASN F 354 12.04 9.92 8.47
N VAL F 355 12.38 11.17 8.76
CA VAL F 355 13.37 11.89 7.96
C VAL F 355 14.74 11.26 8.19
N LYS F 356 15.05 10.97 9.45
CA LYS F 356 16.31 10.32 9.81
C LYS F 356 16.43 8.98 9.09
N LYS F 357 15.34 8.24 9.06
CA LYS F 357 15.30 6.96 8.38
C LYS F 357 15.49 7.15 6.87
N PHE F 358 14.79 8.13 6.32
CA PHE F 358 14.84 8.41 4.89
C PHE F 358 16.24 8.83 4.43
N LEU F 359 16.95 9.59 5.26
CA LEU F 359 18.27 10.08 4.91
C LEU F 359 19.39 9.09 5.25
N SER F 360 19.04 8.00 5.94
CA SER F 360 20.03 7.02 6.35
C SER F 360 20.45 6.12 5.19
N ARG F 361 19.51 5.85 4.28
CA ARG F 361 19.81 5.03 3.12
C ARG F 361 20.87 5.69 2.25
N ASN F 362 21.84 4.89 1.81
CA ASN F 362 22.92 5.41 0.97
C ASN F 362 22.45 5.58 -0.47
N ARG F 363 22.68 6.76 -1.02
CA ARG F 363 22.29 7.06 -2.40
C ARG F 363 23.40 7.80 -3.13
N ALA F 364 23.42 7.65 -4.46
CA ALA F 364 24.44 8.27 -5.30
C ALA F 364 24.39 9.80 -5.19
N PHE F 365 23.21 10.34 -4.98
CA PHE F 365 23.02 11.80 -4.92
C PHE F 365 22.33 12.23 -3.62
N ARG F 366 22.45 13.52 -3.31
CA ARG F 366 21.92 14.07 -2.07
C ARG F 366 20.42 14.30 -2.15
N PRO F 367 19.66 13.86 -1.12
CA PRO F 367 18.24 14.23 -1.07
C PRO F 367 18.06 15.74 -0.90
N PHE F 368 16.86 16.23 -1.15
CA PHE F 368 16.57 17.66 -1.08
C PHE F 368 15.17 17.91 -0.54
N ILE F 369 14.93 19.14 -0.10
CA ILE F 369 13.61 19.55 0.36
C ILE F 369 12.94 20.38 -0.73
N GLU F 370 11.66 20.10 -0.96
CA GLU F 370 10.86 20.87 -1.90
C GLU F 370 9.43 20.97 -1.38
N ASN F 371 8.97 22.21 -1.19
CA ASN F 371 7.62 22.46 -0.68
C ASN F 371 7.36 21.75 0.65
N GLY F 372 8.39 21.73 1.51
CA GLY F 372 8.22 21.31 2.88
C GLY F 372 8.30 19.82 3.14
N ARG F 373 8.69 19.06 2.12
CA ARG F 373 8.86 17.61 2.29
C ARG F 373 10.07 17.10 1.52
N TRP F 374 10.65 16.02 2.04
CA TRP F 374 11.89 15.48 1.51
C TRP F 374 11.68 14.65 0.26
N TRP F 375 12.62 14.77 -0.68
CA TRP F 375 12.62 13.97 -1.88
C TRP F 375 14.04 13.45 -2.09
N ALA F 376 14.15 12.30 -2.75
CA ALA F 376 15.45 11.72 -3.04
C ALA F 376 15.52 11.27 -4.50
N PHE F 377 16.66 11.51 -5.13
CA PHE F 377 16.93 10.97 -6.45
C PHE F 377 17.33 9.52 -6.30
N GLU F 378 16.60 8.63 -6.96
CA GLU F 378 16.89 7.20 -6.94
C GLU F 378 16.84 6.67 -8.38
N MET F 379 17.17 5.38 -8.54
CA MET F 379 17.36 4.82 -9.88
C MET F 379 16.26 3.83 -10.27
N ARG F 380 15.74 3.99 -11.48
CA ARG F 380 14.70 3.11 -12.00
C ARG F 380 15.21 1.70 -12.23
N LYS F 381 14.33 0.71 -12.12
CA LYS F 381 14.68 -0.68 -12.43
C LYS F 381 14.81 -0.88 -13.93
N PHE F 382 14.06 -0.08 -14.70
CA PHE F 382 14.07 -0.18 -16.16
C PHE F 382 13.83 1.19 -16.77
N THR F 383 14.25 1.36 -18.02
CA THR F 383 14.21 2.67 -18.67
C THR F 383 13.56 2.62 -20.06
N THR F 384 13.07 1.46 -20.46
CA THR F 384 12.33 1.33 -21.72
C THR F 384 11.02 0.61 -21.45
N PRO F 385 9.98 0.90 -22.25
CA PRO F 385 8.70 0.22 -22.02
C PRO F 385 8.82 -1.29 -22.22
N GLU F 386 9.67 -1.73 -23.14
CA GLU F 386 9.87 -3.15 -23.39
C GLU F 386 10.30 -3.90 -22.13
N GLU F 387 11.32 -3.37 -21.45
CA GLU F 387 11.85 -4.01 -20.25
C GLU F 387 10.90 -3.83 -19.07
N GLY F 388 10.17 -2.73 -19.08
CA GLY F 388 9.15 -2.49 -18.07
C GLY F 388 8.09 -3.57 -18.11
N VAL F 389 7.60 -3.86 -19.31
CA VAL F 389 6.58 -4.89 -19.49
C VAL F 389 7.16 -6.27 -19.19
N ARG F 390 8.42 -6.50 -19.57
CA ARG F 390 9.09 -7.76 -19.28
C ARG F 390 9.07 -8.01 -17.77
N SER F 391 9.31 -6.95 -17.00
CA SER F 391 9.27 -7.04 -15.55
C SER F 391 7.84 -7.27 -15.04
N TYR F 392 6.88 -6.55 -15.59
CA TYR F 392 5.50 -6.64 -15.14
C TYR F 392 4.89 -8.01 -15.44
N ALA F 393 5.10 -8.50 -16.65
CA ALA F 393 4.55 -9.78 -17.05
C ALA F 393 5.16 -10.92 -16.24
N SER F 394 6.40 -10.73 -15.81
CA SER F 394 7.09 -11.74 -15.02
C SER F 394 6.51 -11.84 -13.62
N THR F 395 6.29 -10.68 -13.00
CA THR F 395 5.91 -10.62 -11.59
C THR F 395 4.39 -10.60 -11.36
N HIS F 396 3.65 -10.04 -12.31
CA HIS F 396 2.21 -9.86 -12.16
C HIS F 396 1.39 -10.67 -13.18
N TRP F 397 1.95 -11.79 -13.62
CA TRP F 397 1.26 -12.70 -14.54
C TRP F 397 -0.14 -13.06 -14.05
N HIS F 398 -0.31 -13.10 -12.73
CA HIS F 398 -1.58 -13.51 -12.12
C HIS F 398 -2.71 -12.52 -12.36
N THR F 399 -2.39 -11.33 -12.83
CA THR F 399 -3.38 -10.26 -13.03
C THR F 399 -3.79 -10.16 -14.51
N LEU F 400 -3.17 -10.97 -15.36
CA LEU F 400 -3.41 -10.88 -16.80
C LEU F 400 -4.46 -11.88 -17.28
N GLY F 401 -5.46 -12.15 -16.44
CA GLY F 401 -6.48 -13.12 -16.75
C GLY F 401 -6.07 -14.50 -16.29
N LYS F 402 -7.07 -15.33 -15.96
CA LYS F 402 -6.83 -16.65 -15.37
C LYS F 402 -5.97 -17.55 -16.24
N ASN F 403 -6.40 -17.79 -17.48
CA ASN F 403 -5.70 -18.72 -18.36
C ASN F 403 -4.56 -18.04 -19.13
N VAL F 404 -4.80 -16.80 -19.56
CA VAL F 404 -3.79 -16.03 -20.25
C VAL F 404 -2.61 -15.77 -19.31
N GLY F 405 -2.92 -15.42 -18.07
CA GLY F 405 -1.91 -15.16 -17.07
C GLY F 405 -1.07 -16.40 -16.76
N GLU F 406 -1.72 -17.55 -16.66
CA GLU F 406 -1.02 -18.80 -16.36
C GLU F 406 -0.10 -19.20 -17.51
N SER F 407 -0.53 -18.94 -18.74
CA SER F 407 0.30 -19.24 -19.90
C SER F 407 1.52 -18.32 -19.93
N ILE F 408 1.30 -17.04 -19.65
CA ILE F 408 2.39 -16.06 -19.64
C ILE F 408 3.41 -16.41 -18.56
N ARG F 409 2.95 -17.05 -17.49
CA ARG F 409 3.83 -17.50 -16.42
C ARG F 409 4.80 -18.56 -16.95
N GLU F 410 4.26 -19.52 -17.69
CA GLU F 410 5.06 -20.58 -18.29
C GLU F 410 6.04 -20.02 -19.30
N TYR F 411 5.55 -19.13 -20.17
CA TYR F 411 6.38 -18.58 -21.23
C TYR F 411 5.80 -17.33 -21.88
N PHE F 412 6.67 -16.36 -22.11
CA PHE F 412 6.34 -15.20 -22.94
C PHE F 412 7.65 -14.59 -23.44
N GLU F 413 7.54 -13.64 -24.37
CA GLU F 413 8.70 -12.89 -24.81
C GLU F 413 8.29 -11.54 -25.38
N ILE F 414 9.20 -10.58 -25.29
CA ILE F 414 8.98 -9.26 -25.85
C ILE F 414 9.60 -9.20 -27.24
N ILE F 415 8.81 -8.77 -28.22
CA ILE F 415 9.27 -8.65 -29.59
C ILE F 415 9.06 -7.22 -30.04
N SER F 416 10.14 -6.55 -30.43
CA SER F 416 10.08 -5.17 -30.88
C SER F 416 10.99 -4.97 -32.08
N GLY F 417 11.09 -3.74 -32.54
CA GLY F 417 11.90 -3.42 -33.70
C GLY F 417 11.38 -4.11 -34.94
N GLU F 418 12.25 -4.33 -35.90
CA GLU F 418 11.86 -4.92 -37.18
C GLU F 418 11.56 -6.41 -37.04
N LYS F 419 12.02 -7.01 -35.95
CA LYS F 419 11.73 -8.42 -35.69
C LYS F 419 10.24 -8.65 -35.49
N LEU F 420 9.54 -7.62 -35.00
CA LEU F 420 8.12 -7.71 -34.75
C LEU F 420 7.32 -7.74 -36.06
N PHE F 421 7.85 -7.07 -37.08
CA PHE F 421 7.17 -7.01 -38.37
C PHE F 421 7.23 -8.38 -39.06
N LYS F 422 8.09 -9.25 -38.58
CA LYS F 422 8.20 -10.61 -39.09
C LYS F 422 7.05 -11.46 -38.57
N GLU F 423 6.50 -11.07 -37.41
CA GLU F 423 5.40 -11.79 -36.79
C GLU F 423 4.08 -11.49 -37.53
N PRO F 424 3.10 -12.40 -37.43
CA PRO F 424 1.84 -12.24 -38.14
C PRO F 424 0.87 -11.28 -37.44
N VAL F 425 1.26 -10.01 -37.34
CA VAL F 425 0.45 -9.03 -36.61
C VAL F 425 0.43 -7.67 -37.31
N THR F 426 0.86 -7.63 -38.57
CA THR F 426 0.97 -6.36 -39.29
C THR F 426 -0.39 -5.70 -39.49
N ALA F 427 -1.42 -6.50 -39.72
CA ALA F 427 -2.77 -5.97 -39.92
C ALA F 427 -3.26 -5.25 -38.67
N GLU F 428 -3.04 -5.87 -37.51
CA GLU F 428 -3.44 -5.26 -36.25
C GLU F 428 -2.61 -4.00 -35.97
N LEU F 429 -1.34 -4.04 -36.34
CA LEU F 429 -0.47 -2.87 -36.20
C LEU F 429 -0.98 -1.71 -37.03
N CYS F 430 -1.26 -1.97 -38.31
CA CYS F 430 -1.70 -0.93 -39.23
C CYS F 430 -3.02 -0.30 -38.77
N GLU F 431 -3.92 -1.14 -38.27
CA GLU F 431 -5.20 -0.67 -37.75
C GLU F 431 -4.98 0.17 -36.48
N MET F 432 -4.11 -0.33 -35.61
CA MET F 432 -3.80 0.32 -34.35
C MET F 432 -3.25 1.73 -34.57
N MET F 433 -2.34 1.86 -35.53
CA MET F 433 -1.68 3.13 -35.80
C MET F 433 -2.48 4.01 -36.76
N GLY F 434 -3.60 3.49 -37.27
CA GLY F 434 -4.45 4.23 -38.17
C GLY F 434 -3.82 4.45 -39.53
N VAL F 435 -3.14 3.43 -40.05
CA VAL F 435 -2.46 3.53 -41.34
C VAL F 435 -3.48 3.58 -42.49
N LYS F 436 -3.35 4.58 -43.34
CA LYS F 436 -4.20 4.70 -44.52
C LYS F 436 -3.75 3.73 -45.61
N ASP F 437 -4.71 3.17 -46.33
CA ASP F 437 -4.41 2.24 -47.42
C ASP F 437 -3.70 2.95 -48.55
#